data_6M8S
#
_entry.id   6M8S
#
_cell.length_a   109.090
_cell.length_b   121.990
_cell.length_c   206.430
_cell.angle_alpha   90.00
_cell.angle_beta   90.00
_cell.angle_gamma   90.00
#
_symmetry.space_group_name_H-M   'P 21 21 21'
#
loop_
_entity.id
_entity.type
_entity.pdbx_description
1 polymer 'Guanine nucleotide-binding protein G(I)/G(S)/G(T) subunit beta-1'
2 polymer 'Guanine nucleotide-binding protein G(I)/G(S)/G(O) subunit gamma-2'
3 polymer 'BTB/POZ domain-containing protein KCTD12'
#
loop_
_entity_poly.entity_id
_entity_poly.type
_entity_poly.pdbx_seq_one_letter_code
_entity_poly.pdbx_strand_id
1 'polypeptide(L)'
;MHHHHHHGSSGSELDQLRQEAEQLKNQIRDARKACADATLSQITNNIDPVGRIQMRTRRTLRGHLAKIYAMHWGTDSRLL
VSASQDGKLIIWDSYTTNKVHAIPLRSSWVMTCAYAPSGNYVACGGLDNICSIYNLKTREGNVRVSRELAGHTGYLSCCR
FLDDNQIVTSSGDTTCALWDIETGQQTTTFTGHTGDVMSLSLAPDTRLFVSGACDASAKLWDVREGMCRQTFTGHESDIN
AICFFPNGNAFATGSDDATCRLFDLRADQELMTYSHDNIICGITSVSFSKSGRLLLAGYDDFNCNVWDALKADRAGVLAG
HDNRVSCLGVTDDGMAVATGSWDSFLKIWN
;
C,D,G,H,K
2 'polypeptide(L)' MASNNTASIAQARKLVEQLKMEANIDRIKVSKAAADLMAYCEAHAKEDPLLTPVPASENPFREKKFFSAIL I,J,L,E,F
3 'polypeptide(L)'
;GPESLDGSRRSGYITIGYRGSYTIGRDAQADAKFRRVARITVCGKTSLAKEVFGDTLNESRDPDRPPERYTSRYYLKFNF
LEQAFDKLSESGFHMVACSSTGTCAFASSTDQSEDKIWTSYTEYVFCRE
;
A,O,P,B,M
#
# COMPACT_ATOMS: atom_id res chain seq x y z
N SER A 12 -10.84 -39.38 -28.55
CA SER A 12 -10.60 -39.43 -30.00
C SER A 12 -11.77 -38.82 -30.77
N GLU A 13 -12.98 -38.93 -30.20
CA GLU A 13 -14.15 -38.38 -30.86
C GLU A 13 -14.21 -36.86 -30.74
N LEU A 14 -13.76 -36.33 -29.60
CA LEU A 14 -13.71 -34.88 -29.44
C LEU A 14 -12.58 -34.25 -30.24
N ASP A 15 -11.47 -34.98 -30.39
CA ASP A 15 -10.33 -34.45 -31.15
C ASP A 15 -10.65 -34.36 -32.64
N GLN A 16 -11.41 -35.32 -33.18
CA GLN A 16 -11.78 -35.26 -34.60
C GLN A 16 -12.57 -34.00 -34.90
N LEU A 17 -13.58 -33.70 -34.08
CA LEU A 17 -14.37 -32.50 -34.31
C LEU A 17 -13.55 -31.24 -34.08
N ARG A 18 -12.59 -31.27 -33.17
CA ARG A 18 -11.70 -30.13 -32.96
C ARG A 18 -10.78 -29.93 -34.15
N GLN A 19 -10.14 -31.00 -34.63
CA GLN A 19 -9.20 -30.85 -35.75
C GLN A 19 -9.90 -30.35 -36.99
N GLU A 20 -11.16 -30.74 -37.21
CA GLU A 20 -11.92 -30.17 -38.32
C GLU A 20 -12.12 -28.68 -38.12
N ALA A 21 -12.43 -28.26 -36.89
CA ALA A 21 -12.61 -26.85 -36.60
C ALA A 21 -11.31 -26.08 -36.83
N GLU A 22 -10.17 -26.66 -36.41
CA GLU A 22 -8.89 -26.01 -36.64
C GLU A 22 -8.59 -25.91 -38.13
N GLN A 23 -8.80 -27.01 -38.87
CA GLN A 23 -8.60 -26.96 -40.31
C GLN A 23 -9.53 -25.95 -40.97
N LEU A 24 -10.79 -25.92 -40.53
CA LEU A 24 -11.72 -24.93 -41.08
C LEU A 24 -11.29 -23.51 -40.74
N LYS A 25 -10.79 -23.28 -39.52
CA LYS A 25 -10.26 -21.96 -39.20
C LYS A 25 -9.07 -21.62 -40.08
N ASN A 26 -8.16 -22.58 -40.28
CA ASN A 26 -7.03 -22.34 -41.17
C ASN A 26 -7.49 -22.20 -42.61
N GLN A 27 -8.53 -22.93 -43.01
CA GLN A 27 -9.06 -22.81 -44.36
C GLN A 27 -9.61 -21.40 -44.60
N ILE A 28 -10.33 -20.86 -43.61
CA ILE A 28 -10.83 -19.49 -43.72
C ILE A 28 -9.67 -18.50 -43.74
N ARG A 29 -8.62 -18.78 -42.95
CA ARG A 29 -7.44 -17.91 -42.93
C ARG A 29 -6.83 -17.78 -44.32
N ASP A 30 -6.74 -18.88 -45.07
CA ASP A 30 -6.13 -18.82 -46.39
C ASP A 30 -7.03 -18.12 -47.39
N ALA A 31 -8.35 -18.24 -47.25
CA ALA A 31 -9.27 -17.55 -48.16
C ALA A 31 -9.23 -16.04 -47.95
N ARG A 32 -9.09 -15.61 -46.69
CA ARG A 32 -9.04 -14.18 -46.41
C ARG A 32 -7.73 -13.56 -46.93
N LYS A 33 -6.64 -14.30 -46.87
CA LYS A 33 -5.36 -13.79 -47.35
C LYS A 33 -5.34 -13.73 -48.88
N ALA A 34 -5.93 -14.71 -49.55
CA ALA A 34 -5.97 -14.69 -51.01
C ALA A 34 -6.79 -13.51 -51.54
N CYS A 35 -7.80 -13.08 -50.79
CA CYS A 35 -8.64 -11.96 -51.21
C CYS A 35 -7.92 -10.62 -51.11
N ALA A 36 -6.88 -10.53 -50.29
CA ALA A 36 -6.17 -9.26 -50.08
C ALA A 36 -5.05 -9.16 -51.11
N ASP A 37 -5.32 -8.41 -52.18
CA ASP A 37 -4.31 -8.02 -53.16
C ASP A 37 -3.63 -6.72 -52.76
N ALA A 38 -4.38 -5.78 -52.19
CA ALA A 38 -3.89 -4.48 -51.79
C ALA A 38 -4.58 -4.10 -50.49
N THR A 39 -4.28 -2.89 -50.00
CA THR A 39 -4.84 -2.42 -48.74
C THR A 39 -5.63 -1.14 -48.95
N LEU A 40 -6.47 -0.83 -47.96
CA LEU A 40 -7.30 0.38 -48.01
C LEU A 40 -6.43 1.63 -48.03
N SER A 41 -5.32 1.63 -47.30
CA SER A 41 -4.44 2.80 -47.24
C SER A 41 -3.78 3.08 -48.59
N GLN A 42 -3.51 2.04 -49.37
CA GLN A 42 -2.87 2.24 -50.67
C GLN A 42 -3.79 2.93 -51.66
N ILE A 43 -5.04 2.49 -51.74
CA ILE A 43 -5.95 3.02 -52.75
C ILE A 43 -6.43 4.44 -52.42
N THR A 44 -6.43 4.82 -51.14
CA THR A 44 -6.88 6.14 -50.72
C THR A 44 -5.73 7.12 -50.51
N ASN A 45 -4.49 6.73 -50.81
CA ASN A 45 -3.35 7.60 -50.56
C ASN A 45 -3.44 8.91 -51.34
N ASN A 46 -4.00 8.88 -52.55
CA ASN A 46 -4.09 10.09 -53.36
C ASN A 46 -5.28 10.98 -52.98
N ILE A 47 -6.16 10.50 -52.10
CA ILE A 47 -7.30 11.33 -51.69
C ILE A 47 -6.79 12.43 -50.76
N ASP A 48 -7.17 13.66 -51.06
CA ASP A 48 -6.75 14.78 -50.24
C ASP A 48 -7.30 14.62 -48.82
N PRO A 49 -6.45 14.66 -47.80
CA PRO A 49 -6.94 14.47 -46.43
C PRO A 49 -7.96 15.53 -46.06
N VAL A 50 -8.76 15.20 -45.04
CA VAL A 50 -9.79 16.13 -44.59
C VAL A 50 -9.17 17.43 -44.11
N GLY A 51 -7.95 17.36 -43.57
CA GLY A 51 -7.31 18.51 -43.00
C GLY A 51 -7.67 18.66 -41.54
N ARG A 52 -7.79 19.90 -41.08
CA ARG A 52 -8.15 20.19 -39.70
C ARG A 52 -9.52 20.84 -39.71
N ILE A 53 -10.51 20.11 -39.21
CA ILE A 53 -11.89 20.58 -39.11
C ILE A 53 -12.15 20.85 -37.65
N GLN A 54 -12.34 22.13 -37.32
CA GLN A 54 -12.49 22.57 -35.95
C GLN A 54 -13.94 22.44 -35.51
N MET A 55 -14.15 21.87 -34.33
CA MET A 55 -15.47 21.85 -33.71
C MET A 55 -15.42 22.66 -32.44
N ARG A 56 -16.59 22.88 -31.86
CA ARG A 56 -16.70 23.68 -30.64
C ARG A 56 -17.95 23.25 -29.91
N THR A 57 -17.95 23.46 -28.59
CA THR A 57 -19.12 23.11 -27.79
C THR A 57 -20.21 24.12 -28.09
N ARG A 58 -21.31 23.66 -28.70
CA ARG A 58 -22.43 24.53 -28.98
C ARG A 58 -23.55 24.39 -27.95
N ARG A 59 -23.53 23.32 -27.17
CA ARG A 59 -24.54 23.05 -26.15
C ARG A 59 -23.87 22.26 -25.04
N THR A 60 -24.24 22.55 -23.81
CA THR A 60 -23.78 21.79 -22.65
C THR A 60 -25.01 21.40 -21.84
N LEU A 61 -25.31 20.11 -21.80
CA LEU A 61 -26.51 19.61 -21.14
C LEU A 61 -26.20 19.29 -19.69
N ARG A 62 -26.86 20.01 -18.77
CA ARG A 62 -26.67 19.83 -17.35
C ARG A 62 -27.98 19.37 -16.72
N GLY A 63 -27.87 18.80 -15.53
CA GLY A 63 -29.01 18.25 -14.81
C GLY A 63 -28.93 16.75 -14.56
N HIS A 64 -27.93 16.06 -15.09
CA HIS A 64 -27.64 14.69 -14.69
C HIS A 64 -26.76 14.72 -13.45
N LEU A 65 -27.10 13.91 -12.46
CA LEU A 65 -26.43 13.95 -11.17
C LEU A 65 -25.35 12.91 -11.00
N ALA A 66 -25.17 12.02 -11.98
CA ALA A 66 -24.18 10.95 -11.84
C ALA A 66 -23.60 10.62 -13.21
N LYS A 67 -22.84 9.53 -13.26
CA LYS A 67 -22.21 9.06 -14.49
C LYS A 67 -23.26 8.76 -15.55
N ILE A 68 -23.07 9.31 -16.75
CA ILE A 68 -23.93 9.05 -17.89
C ILE A 68 -23.37 7.85 -18.66
N TYR A 69 -24.11 6.75 -18.68
CA TYR A 69 -23.64 5.51 -19.28
C TYR A 69 -24.03 5.30 -20.74
N ALA A 70 -25.01 6.05 -21.28
CA ALA A 70 -25.43 5.79 -22.66
C ALA A 70 -26.10 7.02 -23.24
N MET A 71 -26.04 7.14 -24.57
CA MET A 71 -26.84 8.09 -25.31
C MET A 71 -27.36 7.49 -26.62
N HIS A 72 -28.53 7.97 -27.05
CA HIS A 72 -29.14 7.56 -28.31
C HIS A 72 -29.90 8.74 -28.91
N TRP A 73 -29.54 9.12 -30.13
CA TRP A 73 -30.23 10.19 -30.85
C TRP A 73 -31.59 9.73 -31.34
N GLY A 74 -32.46 10.73 -31.58
CA GLY A 74 -33.72 10.52 -32.27
C GLY A 74 -33.59 10.64 -33.78
N THR A 75 -34.62 10.16 -34.49
CA THR A 75 -34.64 10.23 -35.94
C THR A 75 -34.90 11.64 -36.46
N ASP A 76 -35.34 12.57 -35.62
CA ASP A 76 -35.54 13.95 -36.04
C ASP A 76 -34.28 14.78 -35.89
N SER A 77 -33.17 14.17 -35.47
CA SER A 77 -31.90 14.86 -35.26
C SER A 77 -32.01 16.00 -34.26
N ARG A 78 -32.97 15.89 -33.33
CA ARG A 78 -33.17 16.89 -32.29
C ARG A 78 -33.22 16.24 -30.92
N LEU A 79 -34.25 15.42 -30.70
CA LEU A 79 -34.42 14.75 -29.41
C LEU A 79 -33.38 13.65 -29.22
N LEU A 80 -32.97 13.47 -27.96
CA LEU A 80 -32.08 12.37 -27.58
C LEU A 80 -32.40 11.95 -26.17
N VAL A 81 -32.05 10.71 -25.83
CA VAL A 81 -32.21 10.17 -24.50
C VAL A 81 -30.83 9.92 -23.91
N SER A 82 -30.74 9.95 -22.58
CA SER A 82 -29.50 9.68 -21.88
C SER A 82 -29.80 8.82 -20.66
N ALA A 83 -28.86 7.94 -20.34
CA ALA A 83 -28.98 7.03 -19.21
C ALA A 83 -27.84 7.33 -18.24
N SER A 84 -28.19 7.74 -17.03
CA SER A 84 -27.20 8.04 -16.01
C SER A 84 -27.35 7.08 -14.84
N GLN A 85 -26.26 6.95 -14.07
CA GLN A 85 -26.20 5.99 -12.98
C GLN A 85 -26.84 6.53 -11.70
N ASP A 86 -27.40 7.74 -11.74
CA ASP A 86 -28.27 8.23 -10.68
C ASP A 86 -29.62 7.54 -10.67
N GLY A 87 -29.96 6.76 -11.70
CA GLY A 87 -31.24 6.11 -11.77
C GLY A 87 -32.29 6.88 -12.55
N LYS A 88 -31.89 7.77 -13.45
CA LYS A 88 -32.80 8.64 -14.17
C LYS A 88 -32.51 8.60 -15.66
N LEU A 89 -33.58 8.61 -16.47
CA LEU A 89 -33.50 8.84 -17.90
C LEU A 89 -34.01 10.24 -18.19
N ILE A 90 -33.27 11.00 -18.98
CA ILE A 90 -33.64 12.36 -19.35
C ILE A 90 -33.66 12.45 -20.87
N ILE A 91 -34.81 12.82 -21.43
CA ILE A 91 -34.93 13.12 -22.85
C ILE A 91 -34.67 14.60 -23.04
N TRP A 92 -33.70 14.94 -23.88
CA TRP A 92 -33.29 16.32 -24.08
C TRP A 92 -33.75 16.83 -25.44
N ASP A 93 -34.11 18.10 -25.50
CA ASP A 93 -34.24 18.84 -26.75
C ASP A 93 -32.91 19.53 -27.00
N SER A 94 -32.18 19.08 -28.03
CA SER A 94 -30.81 19.54 -28.22
C SER A 94 -30.75 21.00 -28.65
N TYR A 95 -31.83 21.54 -29.22
CA TYR A 95 -31.84 22.92 -29.66
C TYR A 95 -31.96 23.89 -28.48
N THR A 96 -32.96 23.70 -27.63
CA THR A 96 -33.24 24.59 -26.51
C THR A 96 -32.66 24.12 -25.19
N THR A 97 -32.04 22.93 -25.14
CA THR A 97 -31.55 22.31 -23.91
C THR A 97 -32.66 22.11 -22.89
N ASN A 98 -33.91 22.06 -23.33
CA ASN A 98 -35.03 21.80 -22.45
C ASN A 98 -35.16 20.31 -22.20
N LYS A 99 -35.43 19.95 -20.93
CA LYS A 99 -35.69 18.57 -20.60
C LYS A 99 -37.12 18.21 -21.00
N VAL A 100 -37.25 17.27 -21.93
CA VAL A 100 -38.57 16.87 -22.39
C VAL A 100 -39.23 15.95 -21.37
N HIS A 101 -38.50 14.94 -20.91
CA HIS A 101 -39.01 14.01 -19.92
C HIS A 101 -37.89 13.60 -18.99
N ALA A 102 -38.25 13.34 -17.73
CA ALA A 102 -37.34 12.75 -16.75
C ALA A 102 -38.06 11.56 -16.12
N ILE A 103 -37.55 10.36 -16.40
CA ILE A 103 -38.21 9.12 -15.99
C ILE A 103 -37.37 8.47 -14.90
N PRO A 104 -37.87 8.36 -13.67
CA PRO A 104 -37.14 7.64 -12.63
C PRO A 104 -37.06 6.15 -12.93
N LEU A 105 -35.87 5.58 -12.73
CA LEU A 105 -35.63 4.17 -13.00
C LEU A 105 -35.68 3.39 -11.70
N ARG A 106 -36.30 2.20 -11.77
CA ARG A 106 -36.42 1.33 -10.60
C ARG A 106 -35.07 0.75 -10.15
N SER A 107 -34.08 0.69 -11.03
CA SER A 107 -32.74 0.28 -10.66
C SER A 107 -31.76 1.33 -11.15
N SER A 108 -30.91 1.82 -10.25
CA SER A 108 -29.98 2.90 -10.59
C SER A 108 -28.81 2.44 -11.43
N TRP A 109 -28.69 1.16 -11.73
CA TRP A 109 -27.63 0.62 -12.58
C TRP A 109 -28.18 0.40 -13.98
N VAL A 110 -27.82 1.28 -14.91
CA VAL A 110 -28.37 1.28 -16.26
C VAL A 110 -27.22 1.46 -17.24
N MET A 111 -27.02 0.47 -18.11
CA MET A 111 -25.89 0.48 -19.04
C MET A 111 -26.24 0.91 -20.47
N THR A 112 -27.52 1.11 -20.80
CA THR A 112 -27.85 1.42 -22.18
C THR A 112 -29.21 2.11 -22.26
N CYS A 113 -29.42 2.78 -23.39
CA CYS A 113 -30.70 3.40 -23.70
C CYS A 113 -30.85 3.42 -25.22
N ALA A 114 -32.10 3.45 -25.67
CA ALA A 114 -32.42 3.43 -27.10
C ALA A 114 -33.67 4.25 -27.37
N TYR A 115 -33.72 4.86 -28.55
CA TYR A 115 -34.84 5.70 -28.96
C TYR A 115 -35.48 5.08 -30.18
N ALA A 116 -36.75 4.69 -30.06
CA ALA A 116 -37.45 4.05 -31.16
C ALA A 116 -37.49 4.99 -32.37
N PRO A 117 -37.34 4.48 -33.59
CA PRO A 117 -37.35 5.35 -34.77
C PRO A 117 -38.64 6.14 -34.95
N SER A 118 -39.77 5.59 -34.50
CA SER A 118 -41.03 6.32 -34.59
C SER A 118 -41.13 7.44 -33.57
N GLY A 119 -40.34 7.37 -32.49
CA GLY A 119 -40.37 8.36 -31.45
C GLY A 119 -41.43 8.16 -30.39
N ASN A 120 -42.21 7.08 -30.49
CA ASN A 120 -43.24 6.82 -29.50
C ASN A 120 -42.69 6.15 -28.24
N TYR A 121 -41.59 5.39 -28.36
CA TYR A 121 -41.10 4.59 -27.25
C TYR A 121 -39.60 4.81 -27.06
N VAL A 122 -39.13 4.52 -25.85
CA VAL A 122 -37.72 4.55 -25.49
C VAL A 122 -37.44 3.37 -24.55
N ALA A 123 -36.27 2.75 -24.72
CA ALA A 123 -35.89 1.60 -23.91
C ALA A 123 -34.62 1.89 -23.13
N CYS A 124 -34.42 1.13 -22.06
CA CYS A 124 -33.21 1.24 -21.26
C CYS A 124 -32.99 -0.08 -20.52
N GLY A 125 -31.75 -0.28 -20.07
CA GLY A 125 -31.43 -1.49 -19.35
C GLY A 125 -30.03 -1.43 -18.77
N GLY A 126 -29.68 -2.49 -18.05
CA GLY A 126 -28.43 -2.50 -17.30
C GLY A 126 -28.31 -3.75 -16.44
N LEU A 127 -27.63 -3.60 -15.31
CA LEU A 127 -27.38 -4.74 -14.42
C LEU A 127 -28.66 -5.36 -13.88
N ASP A 128 -29.82 -4.74 -14.07
CA ASP A 128 -31.08 -5.35 -13.69
C ASP A 128 -31.50 -6.49 -14.61
N ASN A 129 -30.76 -6.72 -15.70
CA ASN A 129 -31.04 -7.80 -16.65
C ASN A 129 -32.41 -7.65 -17.28
N ILE A 130 -32.91 -6.43 -17.42
CA ILE A 130 -34.25 -6.16 -17.90
C ILE A 130 -34.20 -5.06 -18.94
N CYS A 131 -34.91 -5.25 -20.06
CA CYS A 131 -35.11 -4.22 -21.06
C CYS A 131 -36.49 -3.60 -20.84
N SER A 132 -36.52 -2.34 -20.41
CA SER A 132 -37.75 -1.65 -20.07
C SER A 132 -38.17 -0.75 -21.24
N ILE A 133 -39.39 -0.95 -21.73
CA ILE A 133 -39.94 -0.15 -22.83
C ILE A 133 -40.84 0.93 -22.23
N TYR A 134 -40.49 2.19 -22.48
CA TYR A 134 -41.24 3.32 -21.96
C TYR A 134 -42.07 3.97 -23.06
N ASN A 135 -43.36 4.15 -22.80
CA ASN A 135 -44.27 4.76 -23.75
C ASN A 135 -44.33 6.27 -23.54
N LEU A 136 -44.09 7.03 -24.61
CA LEU A 136 -44.04 8.48 -24.55
C LEU A 136 -45.38 9.13 -24.86
N LYS A 137 -46.41 8.34 -25.16
CA LYS A 137 -47.72 8.86 -25.51
C LYS A 137 -48.80 8.37 -24.54
N ARG A 144 -44.39 6.25 -17.18
CA ARG A 144 -44.74 4.96 -16.60
C ARG A 144 -44.24 3.81 -17.45
N VAL A 145 -43.93 2.68 -16.81
CA VAL A 145 -43.39 1.54 -17.54
C VAL A 145 -44.49 0.88 -18.36
N SER A 146 -44.14 0.46 -19.57
CA SER A 146 -45.05 -0.30 -20.43
C SER A 146 -44.73 -1.79 -20.43
N ARG A 147 -43.55 -2.16 -20.91
CA ARG A 147 -43.11 -3.54 -20.97
C ARG A 147 -41.80 -3.71 -20.20
N GLU A 148 -41.68 -4.85 -19.52
CA GLU A 148 -40.41 -5.28 -18.95
C GLU A 148 -40.06 -6.62 -19.58
N LEU A 149 -39.00 -6.64 -20.39
CA LEU A 149 -38.61 -7.83 -21.14
C LEU A 149 -37.58 -8.59 -20.33
N ALA A 150 -37.97 -9.74 -19.80
CA ALA A 150 -37.12 -10.54 -18.93
C ALA A 150 -36.72 -11.82 -19.63
N GLY A 151 -35.87 -12.61 -18.96
CA GLY A 151 -35.39 -13.86 -19.48
C GLY A 151 -33.91 -13.87 -19.83
N HIS A 152 -33.28 -12.69 -19.90
CA HIS A 152 -31.83 -12.65 -20.06
C HIS A 152 -31.15 -13.03 -18.76
N THR A 153 -30.22 -13.98 -18.83
CA THR A 153 -29.51 -14.44 -17.65
C THR A 153 -28.34 -13.55 -17.29
N GLY A 154 -27.87 -12.71 -18.22
CA GLY A 154 -26.84 -11.74 -17.97
C GLY A 154 -27.38 -10.32 -18.00
N TYR A 155 -26.49 -9.38 -17.66
CA TYR A 155 -26.85 -7.98 -17.69
C TYR A 155 -27.09 -7.51 -19.11
N LEU A 156 -27.92 -6.46 -19.25
CA LEU A 156 -28.28 -5.94 -20.56
C LEU A 156 -27.28 -4.85 -20.95
N SER A 157 -26.42 -5.14 -21.93
CA SER A 157 -25.39 -4.21 -22.35
C SER A 157 -25.87 -3.19 -23.38
N CYS A 158 -26.75 -3.59 -24.29
CA CYS A 158 -27.18 -2.69 -25.35
C CYS A 158 -28.53 -3.14 -25.89
N CYS A 159 -29.25 -2.20 -26.50
CA CYS A 159 -30.51 -2.50 -27.16
C CYS A 159 -30.78 -1.47 -28.25
N ARG A 160 -31.42 -1.92 -29.32
CA ARG A 160 -31.79 -1.05 -30.44
C ARG A 160 -33.16 -1.44 -30.97
N PHE A 161 -34.01 -0.44 -31.20
CA PHE A 161 -35.34 -0.67 -31.73
C PHE A 161 -35.31 -0.98 -33.23
N LEU A 162 -35.94 -2.09 -33.62
CA LEU A 162 -36.26 -2.29 -35.03
C LEU A 162 -37.48 -1.45 -35.41
N ASP A 163 -38.54 -1.56 -34.62
CA ASP A 163 -39.71 -0.70 -34.69
C ASP A 163 -40.37 -0.74 -33.31
N ASP A 164 -41.59 -0.22 -33.21
CA ASP A 164 -42.25 -0.22 -31.91
C ASP A 164 -42.63 -1.63 -31.45
N ASN A 165 -42.78 -2.59 -32.36
CA ASN A 165 -43.15 -3.95 -31.97
C ASN A 165 -41.96 -4.89 -31.82
N GLN A 166 -40.76 -4.50 -32.23
CA GLN A 166 -39.60 -5.37 -32.17
C GLN A 166 -38.37 -4.59 -31.71
N ILE A 167 -37.59 -5.22 -30.84
CA ILE A 167 -36.35 -4.63 -30.34
C ILE A 167 -35.31 -5.74 -30.20
N VAL A 168 -34.06 -5.44 -30.55
CA VAL A 168 -32.97 -6.39 -30.50
C VAL A 168 -32.05 -6.00 -29.36
N THR A 169 -31.73 -6.96 -28.50
CA THR A 169 -30.94 -6.72 -27.31
C THR A 169 -29.69 -7.59 -27.31
N SER A 170 -28.70 -7.17 -26.52
CA SER A 170 -27.50 -7.93 -26.27
C SER A 170 -27.28 -8.00 -24.76
N SER A 171 -26.65 -9.07 -24.30
CA SER A 171 -26.56 -9.29 -22.87
C SER A 171 -25.23 -9.92 -22.49
N GLY A 172 -24.93 -9.86 -21.18
CA GLY A 172 -23.74 -10.45 -20.60
C GLY A 172 -23.78 -11.95 -20.48
N ASP A 173 -24.88 -12.57 -20.88
CA ASP A 173 -25.00 -14.03 -20.89
C ASP A 173 -24.49 -14.64 -22.17
N THR A 174 -23.84 -13.83 -23.02
CA THR A 174 -23.18 -14.17 -24.28
C THR A 174 -24.19 -14.30 -25.41
N THR A 175 -25.48 -14.12 -25.14
CA THR A 175 -26.52 -14.25 -26.16
C THR A 175 -27.17 -12.90 -26.43
N CYS A 176 -27.51 -12.68 -27.71
CA CYS A 176 -28.41 -11.60 -28.09
C CYS A 176 -29.83 -12.16 -28.19
N ALA A 177 -30.79 -11.29 -28.45
CA ALA A 177 -32.17 -11.74 -28.56
C ALA A 177 -32.97 -10.76 -29.40
N LEU A 178 -33.93 -11.28 -30.14
CA LEU A 178 -34.97 -10.49 -30.78
C LEU A 178 -36.25 -10.65 -29.98
N TRP A 179 -36.85 -9.52 -29.61
CA TRP A 179 -37.99 -9.50 -28.71
C TRP A 179 -39.25 -9.09 -29.45
N ASP A 180 -40.37 -9.71 -29.07
CA ASP A 180 -41.69 -9.21 -29.44
C ASP A 180 -42.19 -8.39 -28.26
N ILE A 181 -42.26 -7.07 -28.45
CA ILE A 181 -42.60 -6.18 -27.34
C ILE A 181 -44.06 -6.36 -26.95
N GLU A 182 -44.92 -6.59 -27.94
CA GLU A 182 -46.34 -6.79 -27.68
C GLU A 182 -46.56 -7.93 -26.69
N THR A 183 -46.02 -9.11 -26.98
CA THR A 183 -46.17 -10.25 -26.08
C THR A 183 -45.16 -10.27 -24.95
N GLY A 184 -44.02 -9.62 -25.11
CA GLY A 184 -42.99 -9.64 -24.07
C GLY A 184 -42.12 -10.87 -24.05
N GLN A 185 -42.17 -11.72 -25.07
CA GLN A 185 -41.41 -12.95 -25.11
C GLN A 185 -40.34 -12.90 -26.20
N GLN A 186 -39.26 -13.66 -25.99
CA GLN A 186 -38.17 -13.73 -26.95
C GLN A 186 -38.62 -14.48 -28.21
N THR A 187 -38.50 -13.82 -29.36
CA THR A 187 -38.84 -14.47 -30.62
C THR A 187 -37.67 -15.31 -31.12
N THR A 188 -36.53 -14.67 -31.40
CA THR A 188 -35.37 -15.33 -31.95
C THR A 188 -34.17 -15.08 -31.04
N THR A 189 -33.51 -16.16 -30.62
CA THR A 189 -32.32 -16.08 -29.77
C THR A 189 -31.07 -16.27 -30.62
N PHE A 190 -30.10 -15.37 -30.45
CA PHE A 190 -28.86 -15.40 -31.21
C PHE A 190 -27.74 -15.94 -30.31
N THR A 191 -27.19 -17.09 -30.67
CA THR A 191 -26.19 -17.78 -29.87
C THR A 191 -24.91 -17.98 -30.67
N GLY A 192 -23.86 -18.36 -29.96
CA GLY A 192 -22.54 -18.57 -30.55
C GLY A 192 -21.45 -17.63 -30.09
N HIS A 193 -21.75 -16.60 -29.31
CA HIS A 193 -20.70 -15.81 -28.67
C HIS A 193 -20.23 -16.52 -27.40
N THR A 194 -18.91 -16.55 -27.21
CA THR A 194 -18.30 -17.20 -26.06
C THR A 194 -17.99 -16.21 -24.93
N GLY A 195 -18.37 -14.94 -25.07
CA GLY A 195 -18.10 -13.94 -24.07
C GLY A 195 -19.21 -12.90 -24.03
N ASP A 196 -19.11 -12.03 -23.03
CA ASP A 196 -20.13 -10.99 -22.84
C ASP A 196 -20.23 -10.11 -24.08
N VAL A 197 -21.46 -9.89 -24.54
CA VAL A 197 -21.73 -9.08 -25.73
C VAL A 197 -21.99 -7.65 -25.27
N MET A 198 -21.06 -6.74 -25.57
CA MET A 198 -21.12 -5.38 -25.05
C MET A 198 -21.97 -4.43 -25.90
N SER A 199 -22.08 -4.63 -27.20
CA SER A 199 -22.75 -3.65 -28.05
C SER A 199 -23.30 -4.31 -29.30
N LEU A 200 -24.23 -3.61 -29.96
CA LEU A 200 -24.77 -4.03 -31.24
C LEU A 200 -25.18 -2.80 -32.06
N SER A 201 -25.22 -2.98 -33.38
CA SER A 201 -25.63 -1.93 -34.29
C SER A 201 -26.44 -2.53 -35.43
N LEU A 202 -27.61 -1.94 -35.71
CA LEU A 202 -28.47 -2.43 -36.78
C LEU A 202 -27.98 -1.98 -38.14
N ALA A 203 -28.22 -2.81 -39.15
CA ALA A 203 -27.98 -2.43 -40.53
C ALA A 203 -29.01 -1.41 -41.00
N PRO A 204 -28.66 -0.61 -42.02
CA PRO A 204 -29.62 0.39 -42.54
C PRO A 204 -31.01 -0.17 -42.86
N ASP A 205 -31.09 -1.39 -43.38
CA ASP A 205 -32.37 -2.00 -43.72
C ASP A 205 -32.98 -2.80 -42.57
N THR A 206 -32.30 -2.84 -41.43
CA THR A 206 -32.72 -3.58 -40.23
C THR A 206 -32.93 -5.07 -40.51
N ARG A 207 -32.35 -5.59 -41.58
CA ARG A 207 -32.39 -7.02 -41.84
C ARG A 207 -31.27 -7.76 -41.11
N LEU A 208 -30.11 -7.13 -40.95
CA LEU A 208 -28.96 -7.73 -40.30
C LEU A 208 -28.47 -6.79 -39.21
N PHE A 209 -27.63 -7.34 -38.32
CA PHE A 209 -26.98 -6.52 -37.30
C PHE A 209 -25.69 -7.18 -36.87
N VAL A 210 -24.71 -6.35 -36.49
CA VAL A 210 -23.41 -6.82 -36.05
C VAL A 210 -23.28 -6.54 -34.55
N SER A 211 -22.53 -7.38 -33.86
CA SER A 211 -22.38 -7.25 -32.42
C SER A 211 -20.93 -7.44 -32.03
N GLY A 212 -20.43 -6.55 -31.17
CA GLY A 212 -19.13 -6.73 -30.55
C GLY A 212 -19.28 -7.41 -29.20
N ALA A 213 -18.24 -8.11 -28.77
CA ALA A 213 -18.32 -8.87 -27.54
C ALA A 213 -16.94 -9.00 -26.91
N CYS A 214 -16.92 -9.58 -25.71
CA CYS A 214 -15.71 -9.77 -24.92
C CYS A 214 -14.83 -10.91 -25.44
N ASP A 215 -15.27 -11.62 -26.47
CA ASP A 215 -14.48 -12.69 -27.06
C ASP A 215 -13.54 -12.18 -28.14
N ALA A 216 -13.41 -10.86 -28.26
CA ALA A 216 -12.52 -10.20 -29.22
C ALA A 216 -12.94 -10.47 -30.65
N SER A 217 -14.24 -10.74 -30.87
CA SER A 217 -14.77 -10.99 -32.19
C SER A 217 -16.08 -10.24 -32.37
N ALA A 218 -16.35 -9.88 -33.63
CA ALA A 218 -17.62 -9.29 -34.03
C ALA A 218 -18.35 -10.28 -34.93
N LYS A 219 -19.67 -10.31 -34.83
CA LYS A 219 -20.47 -11.29 -35.55
C LYS A 219 -21.61 -10.61 -36.30
N LEU A 220 -21.72 -10.93 -37.59
CA LEU A 220 -22.86 -10.48 -38.39
C LEU A 220 -23.98 -11.51 -38.25
N TRP A 221 -25.16 -11.04 -37.86
CA TRP A 221 -26.30 -11.92 -37.62
C TRP A 221 -27.39 -11.68 -38.65
N ASP A 222 -28.09 -12.75 -39.00
CA ASP A 222 -29.32 -12.65 -39.77
C ASP A 222 -30.48 -12.58 -38.77
N VAL A 223 -31.28 -11.53 -38.86
CA VAL A 223 -32.36 -11.35 -37.91
C VAL A 223 -33.48 -12.36 -38.17
N ARG A 224 -33.86 -12.54 -39.43
CA ARG A 224 -34.95 -13.44 -39.76
C ARG A 224 -34.61 -14.88 -39.41
N GLU A 225 -33.45 -15.37 -39.87
CA GLU A 225 -33.10 -16.77 -39.71
C GLU A 225 -32.40 -17.09 -38.39
N GLY A 226 -31.94 -16.07 -37.66
CA GLY A 226 -31.39 -16.29 -36.34
C GLY A 226 -30.16 -17.18 -36.29
N MET A 227 -29.16 -16.88 -37.13
CA MET A 227 -27.95 -17.69 -37.19
C MET A 227 -26.79 -16.77 -37.56
N CYS A 228 -25.59 -17.17 -37.14
CA CYS A 228 -24.39 -16.42 -37.48
C CYS A 228 -23.97 -16.72 -38.91
N ARG A 229 -23.76 -15.66 -39.69
CA ARG A 229 -23.26 -15.79 -41.06
C ARG A 229 -21.75 -15.69 -41.12
N GLN A 230 -21.20 -14.53 -40.73
CA GLN A 230 -19.76 -14.31 -40.73
C GLN A 230 -19.30 -13.94 -39.32
N THR A 231 -18.02 -14.19 -39.06
CA THR A 231 -17.38 -13.85 -37.79
C THR A 231 -16.08 -13.12 -38.08
N PHE A 232 -15.92 -11.94 -37.49
CA PHE A 232 -14.76 -11.09 -37.73
C PHE A 232 -13.85 -11.09 -36.51
N THR A 233 -12.55 -11.22 -36.74
CA THR A 233 -11.58 -11.28 -35.65
C THR A 233 -10.43 -10.31 -35.86
N GLY A 234 -9.41 -10.41 -35.02
CA GLY A 234 -8.24 -9.55 -35.10
C GLY A 234 -8.10 -8.58 -33.95
N HIS A 235 -9.17 -8.35 -33.19
CA HIS A 235 -9.07 -7.51 -32.00
C HIS A 235 -8.38 -8.27 -30.88
N GLU A 236 -7.56 -7.55 -30.13
CA GLU A 236 -6.74 -8.13 -29.07
C GLU A 236 -7.38 -8.01 -27.68
N SER A 237 -8.54 -7.37 -27.57
CA SER A 237 -9.24 -7.27 -26.30
C SER A 237 -10.74 -7.14 -26.56
N ASP A 238 -11.49 -6.94 -25.47
CA ASP A 238 -12.95 -6.84 -25.56
C ASP A 238 -13.36 -5.72 -26.51
N ILE A 239 -14.45 -5.97 -27.24
CA ILE A 239 -15.04 -4.97 -28.12
C ILE A 239 -16.22 -4.35 -27.39
N ASN A 240 -16.05 -3.10 -26.96
CA ASN A 240 -17.08 -2.43 -26.16
C ASN A 240 -18.08 -1.66 -27.01
N ALA A 241 -17.77 -1.41 -28.29
CA ALA A 241 -18.64 -0.59 -29.11
C ALA A 241 -18.55 -1.06 -30.56
N ILE A 242 -19.64 -0.87 -31.30
CA ILE A 242 -19.72 -1.25 -32.71
C ILE A 242 -20.72 -0.33 -33.38
N CYS A 243 -20.43 0.03 -34.63
CA CYS A 243 -21.31 0.90 -35.41
C CYS A 243 -21.19 0.56 -36.88
N PHE A 244 -22.32 0.55 -37.58
CA PHE A 244 -22.35 0.24 -39.00
C PHE A 244 -21.91 1.44 -39.84
N PHE A 245 -21.16 1.15 -40.89
CA PHE A 245 -20.88 2.16 -41.90
C PHE A 245 -22.19 2.52 -42.63
N PRO A 246 -22.39 3.80 -42.97
CA PRO A 246 -23.69 4.23 -43.50
C PRO A 246 -24.30 3.35 -44.60
N ASN A 247 -23.49 2.80 -45.50
CA ASN A 247 -24.06 1.99 -46.57
C ASN A 247 -24.37 0.56 -46.15
N GLY A 248 -23.93 0.14 -44.98
CA GLY A 248 -24.24 -1.19 -44.49
C GLY A 248 -23.30 -2.27 -44.96
N ASN A 249 -22.23 -1.91 -45.67
CA ASN A 249 -21.24 -2.86 -46.17
C ASN A 249 -20.03 -2.99 -45.27
N ALA A 250 -19.95 -2.17 -44.21
CA ALA A 250 -18.80 -2.17 -43.33
C ALA A 250 -19.23 -1.72 -41.94
N PHE A 251 -18.36 -1.97 -40.96
CA PHE A 251 -18.60 -1.54 -39.59
C PHE A 251 -17.27 -1.32 -38.87
N ALA A 252 -17.27 -0.43 -37.89
CA ALA A 252 -16.11 -0.12 -37.09
C ALA A 252 -16.32 -0.55 -35.65
N THR A 253 -15.26 -1.01 -35.00
CA THR A 253 -15.33 -1.54 -33.65
C THR A 253 -14.36 -0.80 -32.73
N GLY A 254 -14.86 -0.33 -31.59
CA GLY A 254 -14.01 0.15 -30.53
C GLY A 254 -13.72 -0.95 -29.54
N SER A 255 -12.55 -0.88 -28.91
CA SER A 255 -12.09 -1.98 -28.06
C SER A 255 -11.18 -1.47 -26.95
N ASP A 256 -10.94 -2.33 -25.97
CA ASP A 256 -10.03 -2.03 -24.86
C ASP A 256 -8.58 -2.10 -25.27
N ASP A 257 -8.29 -2.49 -26.51
CA ASP A 257 -6.92 -2.57 -27.00
C ASP A 257 -6.40 -1.25 -27.57
N ALA A 258 -7.16 -0.17 -27.41
CA ALA A 258 -6.84 1.21 -27.79
C ALA A 258 -7.03 1.45 -29.28
N THR A 259 -7.40 0.44 -30.07
CA THR A 259 -7.52 0.57 -31.51
C THR A 259 -8.97 0.50 -31.93
N CYS A 260 -9.28 1.18 -33.04
CA CYS A 260 -10.54 1.02 -33.76
C CYS A 260 -10.25 0.28 -35.06
N ARG A 261 -11.10 -0.68 -35.40
CA ARG A 261 -10.88 -1.51 -36.58
C ARG A 261 -12.10 -1.48 -37.48
N LEU A 262 -11.88 -1.19 -38.76
CA LEU A 262 -12.92 -1.21 -39.77
C LEU A 262 -12.95 -2.57 -40.47
N PHE A 263 -14.10 -3.23 -40.42
CA PHE A 263 -14.32 -4.51 -41.09
C PHE A 263 -15.29 -4.33 -42.24
N ASP A 264 -15.05 -5.06 -43.34
CA ASP A 264 -15.94 -5.04 -44.50
C ASP A 264 -16.65 -6.37 -44.60
N LEU A 265 -17.95 -6.31 -44.90
CA LEU A 265 -18.76 -7.52 -44.94
C LEU A 265 -18.42 -8.38 -46.15
N ARG A 266 -18.40 -7.78 -47.34
CA ARG A 266 -18.10 -8.55 -48.54
C ARG A 266 -16.66 -9.05 -48.53
N ALA A 267 -15.73 -8.25 -48.01
CA ALA A 267 -14.34 -8.69 -47.96
C ALA A 267 -14.09 -9.68 -46.84
N ASP A 268 -14.99 -9.74 -45.86
CA ASP A 268 -14.92 -10.72 -44.76
C ASP A 268 -13.57 -10.69 -44.06
N GLN A 269 -13.04 -9.50 -43.81
CA GLN A 269 -11.78 -9.38 -43.10
C GLN A 269 -11.62 -7.94 -42.60
N GLU A 270 -10.52 -7.71 -41.89
CA GLU A 270 -10.20 -6.39 -41.34
C GLU A 270 -9.55 -5.54 -42.43
N LEU A 271 -10.15 -4.38 -42.71
CA LEU A 271 -9.58 -3.48 -43.72
C LEU A 271 -8.48 -2.59 -43.15
N MET A 272 -8.71 -2.00 -41.98
CA MET A 272 -7.82 -0.96 -41.48
C MET A 272 -7.87 -0.90 -39.97
N THR A 273 -6.73 -0.55 -39.37
CA THR A 273 -6.61 -0.33 -37.93
C THR A 273 -6.37 1.15 -37.67
N TYR A 274 -7.17 1.74 -36.79
CA TYR A 274 -7.04 3.14 -36.41
C TYR A 274 -6.42 3.20 -35.02
N SER A 275 -5.16 3.63 -34.95
CA SER A 275 -4.49 3.78 -33.67
C SER A 275 -3.38 4.81 -33.80
N HIS A 276 -3.03 5.41 -32.65
CA HIS A 276 -1.98 6.41 -32.57
C HIS A 276 -1.21 6.24 -31.27
N ASP A 277 0.10 6.42 -31.35
CA ASP A 277 0.93 6.43 -30.15
C ASP A 277 0.45 7.52 -29.19
N ASN A 278 0.63 7.24 -27.90
CA ASN A 278 0.27 8.05 -26.74
C ASN A 278 -1.21 7.97 -26.38
N ILE A 279 -2.06 7.33 -27.17
CA ILE A 279 -3.43 7.04 -26.78
C ILE A 279 -3.47 5.56 -26.41
N ILE A 280 -3.32 5.26 -25.12
CA ILE A 280 -3.32 3.88 -24.67
C ILE A 280 -4.54 3.59 -23.79
N CYS A 281 -5.74 3.66 -24.36
CA CYS A 281 -6.94 3.53 -23.55
C CYS A 281 -8.09 2.99 -24.40
N GLY A 282 -9.02 2.32 -23.73
CA GLY A 282 -10.13 1.68 -24.42
C GLY A 282 -11.08 2.68 -25.05
N ILE A 283 -11.84 2.18 -26.03
CA ILE A 283 -12.82 2.98 -26.77
C ILE A 283 -14.21 2.60 -26.28
N THR A 284 -14.92 3.56 -25.71
CA THR A 284 -16.24 3.29 -25.16
C THR A 284 -17.32 3.29 -26.23
N SER A 285 -17.21 4.14 -27.24
CA SER A 285 -18.26 4.30 -28.23
C SER A 285 -17.65 4.70 -29.56
N VAL A 286 -18.33 4.31 -30.64
CA VAL A 286 -17.95 4.70 -31.99
C VAL A 286 -19.20 5.10 -32.76
N SER A 287 -19.06 6.11 -33.62
CA SER A 287 -20.15 6.50 -34.51
C SER A 287 -19.55 7.13 -35.76
N PHE A 288 -20.12 6.79 -36.92
CA PHE A 288 -19.71 7.39 -38.18
C PHE A 288 -20.44 8.71 -38.42
N SER A 289 -19.83 9.55 -39.26
CA SER A 289 -20.54 10.69 -39.81
C SER A 289 -21.49 10.22 -40.90
N LYS A 290 -22.28 11.14 -41.45
CA LYS A 290 -23.29 10.74 -42.44
C LYS A 290 -22.65 10.14 -43.68
N SER A 291 -21.60 10.77 -44.21
CA SER A 291 -20.93 10.24 -45.38
C SER A 291 -19.99 9.08 -45.05
N GLY A 292 -19.65 8.88 -43.79
CA GLY A 292 -18.77 7.80 -43.38
C GLY A 292 -17.30 8.12 -43.48
N ARG A 293 -16.94 9.34 -43.92
CA ARG A 293 -15.53 9.68 -44.04
C ARG A 293 -14.88 9.87 -42.66
N LEU A 294 -15.64 10.30 -41.68
CA LEU A 294 -15.14 10.53 -40.34
C LEU A 294 -15.64 9.44 -39.40
N LEU A 295 -14.73 8.86 -38.63
CA LEU A 295 -15.06 7.89 -37.60
C LEU A 295 -14.76 8.51 -36.25
N LEU A 296 -15.79 8.64 -35.41
CA LEU A 296 -15.67 9.25 -34.10
C LEU A 296 -15.63 8.15 -33.05
N ALA A 297 -14.69 8.25 -32.11
CA ALA A 297 -14.51 7.24 -31.08
C ALA A 297 -14.34 7.90 -29.72
N GLY A 298 -15.19 7.53 -28.78
CA GLY A 298 -15.00 7.97 -27.40
C GLY A 298 -13.95 7.12 -26.73
N TYR A 299 -13.08 7.78 -25.95
CA TYR A 299 -11.95 7.12 -25.33
C TYR A 299 -11.97 7.31 -23.81
N ASP A 300 -11.20 6.47 -23.13
CA ASP A 300 -11.05 6.55 -21.68
C ASP A 300 -10.11 7.66 -21.24
N ASP A 301 -9.44 8.32 -22.18
CA ASP A 301 -8.48 9.36 -21.87
C ASP A 301 -9.13 10.73 -21.77
N PHE A 302 -10.46 10.78 -21.76
CA PHE A 302 -11.35 11.94 -21.60
C PHE A 302 -11.58 12.66 -22.91
N ASN A 303 -10.94 12.24 -24.00
CA ASN A 303 -11.06 12.91 -25.29
C ASN A 303 -12.02 12.14 -26.20
N CYS A 304 -12.28 12.73 -27.37
CA CYS A 304 -12.97 12.07 -28.48
C CYS A 304 -12.18 12.37 -29.74
N ASN A 305 -11.60 11.34 -30.33
CA ASN A 305 -10.71 11.50 -31.47
C ASN A 305 -11.47 11.35 -32.78
N VAL A 306 -11.21 12.25 -33.71
CA VAL A 306 -11.83 12.24 -35.02
C VAL A 306 -10.86 11.56 -35.98
N TRP A 307 -11.24 10.39 -36.48
CA TRP A 307 -10.37 9.61 -37.34
C TRP A 307 -10.80 9.75 -38.80
N ASP A 308 -9.80 9.77 -39.68
CA ASP A 308 -10.05 9.65 -41.11
C ASP A 308 -10.27 8.18 -41.42
N ALA A 309 -11.46 7.85 -41.93
CA ALA A 309 -11.80 6.44 -42.12
C ALA A 309 -10.93 5.81 -43.20
N LEU A 310 -10.64 6.57 -44.26
CA LEU A 310 -9.83 6.04 -45.35
C LEU A 310 -8.34 6.15 -45.07
N LYS A 311 -7.90 7.27 -44.47
CA LYS A 311 -6.47 7.53 -44.31
C LYS A 311 -5.92 7.10 -42.96
N ALA A 312 -6.77 6.72 -42.00
CA ALA A 312 -6.34 6.25 -40.68
C ALA A 312 -5.53 7.30 -39.92
N ASP A 313 -5.78 8.58 -40.19
CA ASP A 313 -5.08 9.66 -39.50
C ASP A 313 -6.05 10.42 -38.62
N ARG A 314 -5.51 11.04 -37.56
CA ARG A 314 -6.31 11.83 -36.65
C ARG A 314 -6.61 13.18 -37.29
N ALA A 315 -7.89 13.47 -37.50
CA ALA A 315 -8.29 14.74 -38.10
C ALA A 315 -8.62 15.80 -37.07
N GLY A 316 -8.74 15.41 -35.81
CA GLY A 316 -9.08 16.35 -34.76
C GLY A 316 -9.27 15.62 -33.45
N VAL A 317 -9.69 16.38 -32.43
CA VAL A 317 -9.94 15.84 -31.11
C VAL A 317 -11.00 16.71 -30.44
N LEU A 318 -11.83 16.09 -29.62
CA LEU A 318 -12.82 16.79 -28.82
C LEU A 318 -12.53 16.49 -27.35
N ALA A 319 -12.07 17.50 -26.63
CA ALA A 319 -11.89 17.42 -25.18
C ALA A 319 -12.73 18.50 -24.52
N GLY A 320 -13.91 18.12 -24.04
CA GLY A 320 -14.73 19.01 -23.24
C GLY A 320 -14.98 18.45 -21.85
N HIS A 321 -14.53 17.22 -21.62
CA HIS A 321 -14.97 16.44 -20.47
C HIS A 321 -13.80 16.20 -19.53
N ASP A 322 -14.10 16.13 -18.23
CA ASP A 322 -13.10 15.82 -17.22
C ASP A 322 -13.02 14.33 -16.90
N ASN A 323 -13.96 13.54 -17.39
CA ASN A 323 -13.95 12.09 -17.22
C ASN A 323 -14.12 11.44 -18.59
N ARG A 324 -13.89 10.12 -18.63
CA ARG A 324 -13.92 9.40 -19.89
C ARG A 324 -15.26 9.56 -20.61
N VAL A 325 -15.19 9.65 -21.94
CA VAL A 325 -16.38 9.77 -22.76
C VAL A 325 -17.00 8.37 -22.89
N SER A 326 -18.20 8.21 -22.31
CA SER A 326 -18.82 6.90 -22.23
C SER A 326 -19.66 6.53 -23.44
N CYS A 327 -20.16 7.51 -24.19
CA CYS A 327 -21.04 7.22 -25.30
C CYS A 327 -20.96 8.33 -26.34
N LEU A 328 -21.22 7.97 -27.60
CA LEU A 328 -21.26 8.92 -28.70
C LEU A 328 -22.54 8.71 -29.50
N GLY A 329 -22.87 9.74 -30.29
CA GLY A 329 -23.92 9.62 -31.26
C GLY A 329 -23.78 10.67 -32.34
N VAL A 330 -24.27 10.35 -33.53
CA VAL A 330 -24.28 11.29 -34.64
C VAL A 330 -25.69 11.28 -35.24
N THR A 331 -26.24 12.47 -35.47
CA THR A 331 -27.59 12.58 -36.00
C THR A 331 -27.63 12.02 -37.43
N ASP A 332 -28.82 11.58 -37.83
CA ASP A 332 -28.99 11.05 -39.18
C ASP A 332 -28.67 12.10 -40.24
N ASP A 333 -28.95 13.38 -39.96
CA ASP A 333 -28.59 14.43 -40.90
C ASP A 333 -27.12 14.84 -40.78
N GLY A 334 -26.40 14.31 -39.79
CA GLY A 334 -24.99 14.59 -39.62
C GLY A 334 -24.64 15.99 -39.18
N MET A 335 -25.59 16.74 -38.61
CA MET A 335 -25.31 18.11 -38.24
C MET A 335 -24.51 18.24 -36.95
N ALA A 336 -24.66 17.32 -36.01
CA ALA A 336 -24.04 17.49 -34.70
C ALA A 336 -23.51 16.17 -34.18
N VAL A 337 -22.46 16.27 -33.36
CA VAL A 337 -21.87 15.14 -32.66
C VAL A 337 -22.12 15.34 -31.18
N ALA A 338 -22.72 14.35 -30.54
CA ALA A 338 -23.04 14.40 -29.13
C ALA A 338 -22.12 13.46 -28.36
N THR A 339 -21.50 13.97 -27.30
CA THR A 339 -20.67 13.18 -26.40
C THR A 339 -21.30 13.11 -25.02
N GLY A 340 -20.95 12.07 -24.29
CA GLY A 340 -21.39 11.91 -22.91
C GLY A 340 -20.32 11.22 -22.12
N SER A 341 -20.32 11.45 -20.81
CA SER A 341 -19.20 11.05 -19.97
C SER A 341 -19.69 10.79 -18.56
N TRP A 342 -18.76 10.34 -17.71
CA TRP A 342 -19.08 10.09 -16.31
C TRP A 342 -19.10 11.37 -15.49
N ASP A 343 -18.76 12.51 -16.09
CA ASP A 343 -18.77 13.80 -15.40
C ASP A 343 -20.17 14.41 -15.35
N SER A 344 -21.18 13.68 -15.78
CA SER A 344 -22.62 13.98 -15.72
C SER A 344 -23.06 14.99 -16.77
N PHE A 345 -22.17 15.48 -17.63
CA PHE A 345 -22.53 16.45 -18.65
C PHE A 345 -22.56 15.83 -20.03
N LEU A 346 -23.48 16.33 -20.86
CA LEU A 346 -23.56 15.99 -22.26
C LEU A 346 -23.19 17.22 -23.08
N LYS A 347 -22.48 17.00 -24.19
CA LYS A 347 -22.01 18.10 -25.02
C LYS A 347 -22.33 17.82 -26.48
N ILE A 348 -22.94 18.80 -27.14
CA ILE A 348 -23.25 18.73 -28.55
C ILE A 348 -22.16 19.50 -29.30
N TRP A 349 -21.45 18.81 -30.18
CA TRP A 349 -20.36 19.43 -30.93
C TRP A 349 -20.77 19.62 -32.39
N ASN A 350 -20.22 20.67 -32.99
CA ASN A 350 -20.53 20.99 -34.38
C ASN A 350 -19.28 21.38 -35.16
N SER B 12 4.49 -47.91 16.68
CA SER B 12 3.82 -47.72 17.95
C SER B 12 2.35 -48.12 17.86
N GLU B 13 1.58 -47.75 18.88
CA GLU B 13 0.14 -48.05 18.87
C GLU B 13 -0.62 -47.13 17.92
N LEU B 14 -0.16 -45.90 17.75
CA LEU B 14 -0.83 -44.99 16.83
C LEU B 14 -0.63 -45.41 15.38
N ASP B 15 0.52 -45.99 15.05
CA ASP B 15 0.76 -46.41 13.67
C ASP B 15 -0.12 -47.59 13.29
N GLN B 16 -0.33 -48.53 14.21
CA GLN B 16 -1.21 -49.66 13.93
C GLN B 16 -2.64 -49.22 13.70
N LEU B 17 -3.19 -48.40 14.60
CA LEU B 17 -4.56 -47.95 14.45
C LEU B 17 -4.75 -47.01 13.26
N ARG B 18 -3.71 -46.26 12.89
CA ARG B 18 -3.82 -45.37 11.73
C ARG B 18 -3.95 -46.17 10.43
N GLN B 19 -3.10 -47.19 10.27
CA GLN B 19 -3.16 -48.00 9.05
C GLN B 19 -4.49 -48.75 8.97
N GLU B 20 -5.03 -49.17 10.11
CA GLU B 20 -6.35 -49.80 10.13
C GLU B 20 -7.43 -48.83 9.64
N ALA B 21 -7.36 -47.57 10.09
CA ALA B 21 -8.31 -46.57 9.62
C ALA B 21 -8.19 -46.34 8.12
N GLU B 22 -6.97 -46.36 7.59
CA GLU B 22 -6.77 -46.16 6.16
C GLU B 22 -7.44 -47.25 5.35
N GLN B 23 -7.31 -48.51 5.78
CA GLN B 23 -7.96 -49.61 5.07
C GLN B 23 -9.47 -49.44 5.05
N LEU B 24 -10.06 -49.02 6.17
CA LEU B 24 -11.49 -48.79 6.23
C LEU B 24 -11.91 -47.69 5.26
N LYS B 25 -11.09 -46.66 5.11
CA LYS B 25 -11.36 -45.62 4.11
C LYS B 25 -11.37 -46.20 2.71
N ASN B 26 -10.43 -47.09 2.42
CA ASN B 26 -10.38 -47.72 1.09
C ASN B 26 -11.58 -48.63 0.87
N GLN B 27 -12.05 -49.30 1.92
CA GLN B 27 -13.21 -50.19 1.78
C GLN B 27 -14.46 -49.39 1.41
N ILE B 28 -14.68 -48.24 2.05
CA ILE B 28 -15.83 -47.42 1.72
C ILE B 28 -15.70 -46.84 0.32
N ARG B 29 -14.48 -46.45 -0.07
CA ARG B 29 -14.27 -45.92 -1.41
C ARG B 29 -14.69 -46.90 -2.49
N ASP B 30 -14.32 -48.18 -2.33
CA ASP B 30 -14.68 -49.18 -3.33
C ASP B 30 -16.17 -49.52 -3.28
N ALA B 31 -16.77 -49.48 -2.08
CA ALA B 31 -18.19 -49.75 -1.97
C ALA B 31 -19.03 -48.66 -2.62
N ARG B 32 -18.58 -47.41 -2.50
CA ARG B 32 -19.27 -46.31 -3.16
C ARG B 32 -19.12 -46.38 -4.67
N LYS B 33 -17.97 -46.86 -5.17
CA LYS B 33 -17.80 -47.01 -6.60
C LYS B 33 -18.66 -48.15 -7.15
N ALA B 34 -18.75 -49.25 -6.39
CA ALA B 34 -19.59 -50.36 -6.81
C ALA B 34 -21.07 -49.99 -6.80
N CYS B 35 -21.48 -49.09 -5.91
CA CYS B 35 -22.88 -48.68 -5.86
C CYS B 35 -23.26 -47.81 -7.05
N ALA B 36 -22.29 -47.16 -7.70
CA ALA B 36 -22.57 -46.25 -8.82
C ALA B 36 -22.53 -47.06 -10.10
N ASP B 37 -23.72 -47.45 -10.58
CA ASP B 37 -23.88 -48.03 -11.91
C ASP B 37 -24.11 -46.97 -12.98
N ALA B 38 -24.84 -45.92 -12.64
CA ALA B 38 -25.15 -44.82 -13.56
C ALA B 38 -25.18 -43.52 -12.77
N THR B 39 -25.47 -42.43 -13.45
CA THR B 39 -25.51 -41.12 -12.82
C THR B 39 -26.88 -40.48 -13.00
N LEU B 40 -27.14 -39.46 -12.16
CA LEU B 40 -28.41 -38.75 -12.24
C LEU B 40 -28.57 -38.03 -13.57
N SER B 41 -27.48 -37.49 -14.13
CA SER B 41 -27.57 -36.78 -15.39
C SER B 41 -27.94 -37.70 -16.54
N GLN B 42 -27.50 -38.97 -16.48
CA GLN B 42 -27.81 -39.92 -17.55
C GLN B 42 -29.30 -40.27 -17.54
N ILE B 43 -29.85 -40.56 -16.36
CA ILE B 43 -31.22 -41.02 -16.28
C ILE B 43 -32.21 -39.89 -16.51
N THR B 44 -31.81 -38.64 -16.27
CA THR B 44 -32.68 -37.49 -16.45
C THR B 44 -32.48 -36.78 -17.79
N ASN B 45 -31.62 -37.32 -18.66
CA ASN B 45 -31.36 -36.66 -19.94
C ASN B 45 -32.62 -36.55 -20.79
N ASN B 46 -33.51 -37.54 -20.73
CA ASN B 46 -34.73 -37.54 -21.52
C ASN B 46 -35.85 -36.72 -20.88
N ILE B 47 -35.66 -36.23 -19.66
CA ILE B 47 -36.67 -35.44 -18.98
C ILE B 47 -36.77 -34.07 -19.63
N ASP B 48 -37.99 -33.65 -19.94
CA ASP B 48 -38.19 -32.34 -20.55
C ASP B 48 -37.68 -31.27 -19.58
N PRO B 49 -36.75 -30.41 -20.00
CA PRO B 49 -36.21 -29.41 -19.09
C PRO B 49 -37.28 -28.44 -18.60
N VAL B 50 -37.00 -27.82 -17.46
CA VAL B 50 -37.94 -26.85 -16.87
C VAL B 50 -38.11 -25.67 -17.81
N GLY B 51 -37.07 -25.33 -18.56
CA GLY B 51 -37.10 -24.16 -19.41
C GLY B 51 -36.63 -22.92 -18.67
N ARG B 52 -37.22 -21.78 -19.00
CA ARG B 52 -36.88 -20.51 -18.36
C ARG B 52 -38.11 -20.08 -17.58
N ILE B 53 -38.02 -20.13 -16.26
CA ILE B 53 -39.11 -19.73 -15.39
C ILE B 53 -38.72 -18.40 -14.76
N GLN B 54 -39.40 -17.35 -15.17
CA GLN B 54 -39.11 -15.99 -14.73
C GLN B 54 -39.90 -15.68 -13.47
N MET B 55 -39.23 -15.09 -12.49
CA MET B 55 -39.85 -14.61 -11.26
C MET B 55 -39.72 -13.10 -11.19
N ARG B 56 -40.34 -12.50 -10.18
CA ARG B 56 -40.35 -11.06 -10.03
C ARG B 56 -40.45 -10.72 -8.54
N THR B 57 -39.93 -9.55 -8.19
CA THR B 57 -40.00 -9.08 -6.81
C THR B 57 -41.42 -8.59 -6.53
N ARG B 58 -42.11 -9.27 -5.62
CA ARG B 58 -43.45 -8.86 -5.24
C ARG B 58 -43.50 -8.05 -3.95
N ARG B 59 -42.43 -8.06 -3.15
CA ARG B 59 -42.37 -7.35 -1.89
C ARG B 59 -40.93 -6.92 -1.63
N THR B 60 -40.77 -5.73 -1.07
CA THR B 60 -39.47 -5.21 -0.66
C THR B 60 -39.55 -4.73 0.78
N LEU B 61 -38.85 -5.42 1.68
CA LEU B 61 -38.91 -5.14 3.11
C LEU B 61 -37.83 -4.13 3.47
N ARG B 62 -38.24 -2.98 4.00
CA ARG B 62 -37.34 -1.90 4.36
C ARG B 62 -37.38 -1.68 5.87
N GLY B 63 -36.34 -1.02 6.39
CA GLY B 63 -36.22 -0.74 7.81
C GLY B 63 -35.03 -1.37 8.50
N HIS B 64 -34.23 -2.19 7.83
CA HIS B 64 -32.97 -2.64 8.38
C HIS B 64 -31.88 -1.61 8.09
N LEU B 65 -31.04 -1.34 9.09
CA LEU B 65 -30.00 -0.33 8.95
C LEU B 65 -28.63 -0.89 8.65
N ALA B 66 -28.46 -2.22 8.63
CA ALA B 66 -27.13 -2.78 8.42
C ALA B 66 -27.24 -4.11 7.67
N LYS B 67 -26.10 -4.83 7.63
CA LYS B 67 -26.00 -6.13 6.96
C LYS B 67 -26.95 -7.16 7.55
N ILE B 68 -27.71 -7.82 6.69
CA ILE B 68 -28.60 -8.92 7.07
C ILE B 68 -27.85 -10.23 6.93
N TYR B 69 -27.62 -10.92 8.05
CA TYR B 69 -26.85 -12.16 8.07
C TYR B 69 -27.70 -13.43 7.98
N ALA B 70 -29.01 -13.37 8.23
CA ALA B 70 -29.81 -14.59 8.22
C ALA B 70 -31.28 -14.25 7.99
N MET B 71 -32.00 -15.22 7.43
CA MET B 71 -33.46 -15.21 7.37
C MET B 71 -34.06 -16.58 7.62
N HIS B 72 -35.26 -16.60 8.20
CA HIS B 72 -35.99 -17.84 8.46
C HIS B 72 -37.49 -17.59 8.33
N TRP B 73 -38.14 -18.32 7.43
CA TRP B 73 -39.59 -18.25 7.27
C TRP B 73 -40.31 -18.91 8.44
N GLY B 74 -41.58 -18.53 8.62
CA GLY B 74 -42.45 -19.25 9.52
C GLY B 74 -43.17 -20.40 8.85
N THR B 75 -43.71 -21.29 9.68
CA THR B 75 -44.46 -22.43 9.15
C THR B 75 -45.80 -22.02 8.58
N ASP B 76 -46.24 -20.79 8.86
CA ASP B 76 -47.48 -20.26 8.31
C ASP B 76 -47.28 -19.61 6.95
N SER B 77 -46.06 -19.61 6.43
CA SER B 77 -45.72 -19.02 5.13
C SER B 77 -46.12 -17.55 5.05
N ARG B 78 -46.14 -16.86 6.20
CA ARG B 78 -46.47 -15.45 6.23
C ARG B 78 -45.41 -14.67 7.01
N LEU B 79 -45.32 -14.94 8.31
CA LEU B 79 -44.32 -14.27 9.13
C LEU B 79 -42.92 -14.81 8.83
N LEU B 80 -41.93 -13.93 8.94
CA LEU B 80 -40.54 -14.34 8.79
C LEU B 80 -39.69 -13.46 9.72
N VAL B 81 -38.53 -14.00 10.09
CA VAL B 81 -37.60 -13.28 10.94
C VAL B 81 -36.34 -12.98 10.14
N SER B 82 -35.63 -11.93 10.54
CA SER B 82 -34.38 -11.54 9.90
C SER B 82 -33.40 -11.11 10.98
N ALA B 83 -32.13 -11.38 10.74
CA ALA B 83 -31.06 -11.02 11.65
C ALA B 83 -30.11 -10.06 10.93
N SER B 84 -29.98 -8.85 11.47
CA SER B 84 -29.12 -7.84 10.88
C SER B 84 -28.01 -7.46 11.84
N GLN B 85 -26.95 -6.89 11.27
CA GLN B 85 -25.75 -6.53 12.03
C GLN B 85 -25.88 -5.17 12.70
N ASP B 86 -27.03 -4.51 12.55
CA ASP B 86 -27.36 -3.34 13.34
C ASP B 86 -27.70 -3.69 14.78
N GLY B 87 -27.86 -4.97 15.10
CA GLY B 87 -28.24 -5.38 16.43
C GLY B 87 -29.73 -5.54 16.62
N LYS B 88 -30.47 -5.77 15.54
CA LYS B 88 -31.93 -5.83 15.57
C LYS B 88 -32.43 -7.10 14.87
N LEU B 89 -33.44 -7.71 15.47
CA LEU B 89 -34.23 -8.74 14.80
C LEU B 89 -35.58 -8.12 14.46
N ILE B 90 -36.04 -8.32 13.22
CA ILE B 90 -37.31 -7.79 12.78
C ILE B 90 -38.17 -8.95 12.28
N ILE B 91 -39.33 -9.12 12.88
CA ILE B 91 -40.34 -10.06 12.40
C ILE B 91 -41.23 -9.32 11.42
N TRP B 92 -41.31 -9.82 10.20
CA TRP B 92 -42.04 -9.15 9.13
C TRP B 92 -43.33 -9.91 8.83
N ASP B 93 -44.37 -9.15 8.49
CA ASP B 93 -45.54 -9.71 7.82
C ASP B 93 -45.30 -9.55 6.33
N SER B 94 -45.05 -10.66 5.64
CA SER B 94 -44.62 -10.58 4.25
C SER B 94 -45.75 -10.12 3.33
N TYR B 95 -47.00 -10.27 3.75
CA TYR B 95 -48.12 -9.87 2.92
C TYR B 95 -48.25 -8.35 2.89
N THR B 96 -48.30 -7.72 4.07
CA THR B 96 -48.50 -6.29 4.19
C THR B 96 -47.20 -5.50 4.38
N THR B 97 -46.06 -6.19 4.48
CA THR B 97 -44.76 -5.57 4.78
C THR B 97 -44.75 -4.82 6.10
N ASN B 98 -45.68 -5.14 7.00
CA ASN B 98 -45.72 -4.53 8.32
C ASN B 98 -44.74 -5.23 9.26
N LYS B 99 -44.03 -4.45 10.05
CA LYS B 99 -43.11 -4.98 11.04
C LYS B 99 -43.90 -5.46 12.26
N VAL B 100 -43.83 -6.76 12.53
CA VAL B 100 -44.55 -7.33 13.67
C VAL B 100 -43.80 -7.07 14.97
N HIS B 101 -42.50 -7.33 14.98
CA HIS B 101 -41.68 -7.10 16.17
C HIS B 101 -40.29 -6.64 15.75
N ALA B 102 -39.69 -5.80 16.60
CA ALA B 102 -38.29 -5.41 16.47
C ALA B 102 -37.64 -5.64 17.83
N ILE B 103 -36.72 -6.59 17.89
CA ILE B 103 -36.12 -7.02 19.15
C ILE B 103 -34.65 -6.55 19.16
N PRO B 104 -34.28 -5.62 20.04
CA PRO B 104 -32.87 -5.25 20.17
C PRO B 104 -32.04 -6.40 20.75
N LEU B 105 -30.87 -6.62 20.16
CA LEU B 105 -29.97 -7.69 20.57
C LEU B 105 -28.86 -7.13 21.44
N ARG B 106 -28.51 -7.89 22.49
CA ARG B 106 -27.42 -7.46 23.38
C ARG B 106 -26.06 -7.57 22.70
N SER B 107 -25.94 -8.39 21.66
CA SER B 107 -24.72 -8.51 20.88
C SER B 107 -25.03 -8.22 19.42
N SER B 108 -24.34 -7.23 18.85
CA SER B 108 -24.60 -6.82 17.47
C SER B 108 -24.05 -7.82 16.46
N TRP B 109 -23.32 -8.84 16.91
CA TRP B 109 -22.75 -9.86 16.02
C TRP B 109 -23.65 -11.10 16.05
N VAL B 110 -24.40 -11.29 14.97
CA VAL B 110 -25.42 -12.33 14.89
C VAL B 110 -25.28 -13.01 13.54
N MET B 111 -24.99 -14.31 13.54
CA MET B 111 -24.77 -15.05 12.31
C MET B 111 -25.96 -15.91 11.90
N THR B 112 -27.02 -15.99 12.71
CA THR B 112 -28.13 -16.87 12.36
C THR B 112 -29.38 -16.43 13.10
N CYS B 113 -30.52 -16.88 12.57
CA CYS B 113 -31.82 -16.68 13.21
C CYS B 113 -32.73 -17.83 12.81
N ALA B 114 -33.73 -18.10 13.67
CA ALA B 114 -34.66 -19.19 13.45
C ALA B 114 -36.00 -18.82 14.05
N TYR B 115 -37.07 -19.33 13.46
CA TYR B 115 -38.43 -19.06 13.92
C TYR B 115 -39.08 -20.40 14.22
N ALA B 116 -39.53 -20.57 15.48
CA ALA B 116 -40.09 -21.84 15.91
C ALA B 116 -41.31 -22.25 15.10
N PRO B 117 -41.50 -23.55 14.87
CA PRO B 117 -42.66 -23.99 14.08
C PRO B 117 -43.98 -23.61 14.69
N SER B 118 -44.06 -23.50 16.02
CA SER B 118 -45.27 -23.06 16.69
C SER B 118 -45.51 -21.56 16.55
N GLY B 119 -44.45 -20.80 16.28
CA GLY B 119 -44.54 -19.36 16.13
C GLY B 119 -44.49 -18.59 17.44
N ASN B 120 -44.32 -19.27 18.56
CA ASN B 120 -44.26 -18.60 19.85
C ASN B 120 -42.87 -18.03 20.15
N TYR B 121 -41.82 -18.64 19.60
CA TYR B 121 -40.45 -18.28 19.95
C TYR B 121 -39.61 -18.07 18.70
N VAL B 122 -38.51 -17.34 18.89
CA VAL B 122 -37.52 -17.10 17.85
C VAL B 122 -36.14 -17.15 18.49
N ALA B 123 -35.18 -17.74 17.78
CA ALA B 123 -33.82 -17.87 18.28
C ALA B 123 -32.87 -17.13 17.34
N CYS B 124 -31.73 -16.74 17.90
CA CYS B 124 -30.68 -16.10 17.13
C CYS B 124 -29.35 -16.29 17.86
N GLY B 125 -28.26 -16.11 17.11
CA GLY B 125 -26.95 -16.26 17.71
C GLY B 125 -25.87 -15.86 16.74
N GLY B 126 -24.63 -15.93 17.23
CA GLY B 126 -23.50 -15.43 16.47
C GLY B 126 -22.23 -15.50 17.29
N LEU B 127 -21.31 -14.57 17.00
CA LEU B 127 -20.01 -14.55 17.68
C LEU B 127 -20.13 -14.35 19.18
N ASP B 128 -21.32 -14.04 19.71
CA ASP B 128 -21.52 -13.97 21.15
C ASP B 128 -21.55 -15.34 21.81
N ASN B 129 -21.50 -16.42 21.03
CA ASN B 129 -21.49 -17.79 21.55
C ASN B 129 -22.72 -18.12 22.39
N ILE B 130 -23.86 -17.47 22.10
CA ILE B 130 -25.07 -17.60 22.90
C ILE B 130 -26.25 -17.82 21.97
N CYS B 131 -27.10 -18.78 22.31
CA CYS B 131 -28.37 -18.99 21.63
C CYS B 131 -29.47 -18.36 22.47
N SER B 132 -30.06 -17.28 21.98
CA SER B 132 -31.07 -16.53 22.72
C SER B 132 -32.47 -16.88 22.23
N ILE B 133 -33.32 -17.32 23.16
CA ILE B 133 -34.71 -17.66 22.86
C ILE B 133 -35.59 -16.49 23.28
N TYR B 134 -36.30 -15.91 22.33
CA TYR B 134 -37.14 -14.74 22.56
C TYR B 134 -38.62 -15.12 22.55
N ASN B 135 -39.34 -14.68 23.59
CA ASN B 135 -40.77 -14.94 23.71
C ASN B 135 -41.60 -13.87 23.01
N LEU B 136 -42.48 -14.31 22.11
CA LEU B 136 -43.29 -13.42 21.29
C LEU B 136 -44.67 -13.16 21.87
N LYS B 137 -44.99 -13.72 23.03
CA LYS B 137 -46.32 -13.56 23.62
C LYS B 137 -46.24 -12.89 24.98
N ARG B 144 -38.97 -9.71 26.02
CA ARG B 144 -37.52 -9.64 25.87
C ARG B 144 -36.92 -11.04 25.90
N VAL B 145 -35.69 -11.15 26.45
CA VAL B 145 -34.99 -12.42 26.43
C VAL B 145 -35.67 -13.42 27.37
N SER B 146 -35.77 -14.67 26.94
CA SER B 146 -36.30 -15.73 27.79
C SER B 146 -35.18 -16.61 28.32
N ARG B 147 -34.50 -17.34 27.44
CA ARG B 147 -33.41 -18.22 27.82
C ARG B 147 -32.15 -17.86 27.02
N GLU B 148 -31.00 -17.94 27.67
CA GLU B 148 -29.70 -17.84 27.01
C GLU B 148 -28.93 -19.14 27.22
N LEU B 149 -28.72 -19.89 26.14
CA LEU B 149 -28.07 -21.19 26.19
C LEU B 149 -26.58 -21.00 25.92
N ALA B 150 -25.75 -21.18 26.94
CA ALA B 150 -24.31 -20.96 26.84
C ALA B 150 -23.58 -22.29 26.95
N GLY B 151 -22.26 -22.22 26.83
CA GLY B 151 -21.39 -23.39 26.91
C GLY B 151 -20.73 -23.76 25.61
N HIS B 152 -21.18 -23.23 24.47
CA HIS B 152 -20.46 -23.44 23.23
C HIS B 152 -19.19 -22.59 23.22
N THR B 153 -18.05 -23.24 22.93
CA THR B 153 -16.78 -22.55 22.95
C THR B 153 -16.50 -21.79 21.65
N GLY B 154 -17.22 -22.09 20.58
CA GLY B 154 -17.13 -21.36 19.34
C GLY B 154 -18.37 -20.52 19.08
N TYR B 155 -18.31 -19.73 18.01
CA TYR B 155 -19.44 -18.89 17.63
C TYR B 155 -20.61 -19.74 17.18
N LEU B 156 -21.82 -19.20 17.31
CA LEU B 156 -23.03 -19.94 16.97
C LEU B 156 -23.38 -19.66 15.50
N SER B 157 -23.20 -20.67 14.65
CA SER B 157 -23.39 -20.52 13.21
C SER B 157 -24.85 -20.70 12.77
N CYS B 158 -25.58 -21.63 13.38
CA CYS B 158 -26.94 -21.93 12.94
C CYS B 158 -27.72 -22.56 14.09
N CYS B 159 -29.04 -22.46 14.00
CA CYS B 159 -29.93 -23.10 14.97
C CYS B 159 -31.28 -23.39 14.33
N ARG B 160 -31.89 -24.50 14.76
CA ARG B 160 -33.20 -24.91 14.28
C ARG B 160 -33.99 -25.51 15.43
N PHE B 161 -35.25 -25.08 15.57
CA PHE B 161 -36.13 -25.61 16.60
C PHE B 161 -36.70 -26.97 16.22
N LEU B 162 -36.54 -27.94 17.12
CA LEU B 162 -37.30 -29.18 17.03
C LEU B 162 -38.72 -28.97 17.53
N ASP B 163 -38.85 -28.35 18.72
CA ASP B 163 -40.12 -27.92 19.28
C ASP B 163 -39.83 -26.77 20.23
N ASP B 164 -40.83 -26.38 21.02
CA ASP B 164 -40.63 -25.28 21.95
C ASP B 164 -39.63 -25.63 23.06
N ASN B 165 -39.47 -26.91 23.38
CA ASN B 165 -38.57 -27.33 24.44
C ASN B 165 -37.20 -27.78 23.96
N GLN B 166 -37.00 -27.96 22.65
CA GLN B 166 -35.74 -28.47 22.14
C GLN B 166 -35.33 -27.71 20.89
N ILE B 167 -34.03 -27.40 20.81
CA ILE B 167 -33.44 -26.70 19.68
C ILE B 167 -32.05 -27.27 19.42
N VAL B 168 -31.70 -27.42 18.15
CA VAL B 168 -30.41 -27.96 17.73
C VAL B 168 -29.57 -26.84 17.15
N THR B 169 -28.32 -26.74 17.63
CA THR B 169 -27.42 -25.65 17.25
C THR B 169 -26.15 -26.21 16.62
N SER B 170 -25.46 -25.33 15.88
CA SER B 170 -24.15 -25.63 15.32
C SER B 170 -23.20 -24.49 15.68
N SER B 171 -21.91 -24.82 15.79
CA SER B 171 -20.99 -23.82 16.28
C SER B 171 -19.64 -23.97 15.59
N GLY B 172 -18.83 -22.91 15.71
CA GLY B 172 -17.49 -22.90 15.16
C GLY B 172 -16.48 -23.71 15.94
N ASP B 173 -16.91 -24.32 17.05
CA ASP B 173 -16.07 -25.19 17.84
C ASP B 173 -16.08 -26.63 17.35
N THR B 174 -16.66 -26.87 16.17
CA THR B 174 -16.72 -28.11 15.40
C THR B 174 -17.83 -29.04 15.91
N THR B 175 -18.55 -28.69 16.97
CA THR B 175 -19.59 -29.55 17.52
C THR B 175 -20.98 -28.93 17.32
N CYS B 176 -21.96 -29.78 17.06
CA CYS B 176 -23.36 -29.41 17.14
C CYS B 176 -23.90 -29.74 18.53
N ALA B 177 -25.16 -29.39 18.78
CA ALA B 177 -25.74 -29.67 20.08
C ALA B 177 -27.25 -29.75 20.01
N LEU B 178 -27.82 -30.62 20.84
CA LEU B 178 -29.25 -30.64 21.13
C LEU B 178 -29.48 -30.05 22.50
N TRP B 179 -30.36 -29.06 22.59
CA TRP B 179 -30.59 -28.33 23.83
C TRP B 179 -31.97 -28.60 24.42
N ASP B 180 -32.02 -28.67 25.75
CA ASP B 180 -33.26 -28.58 26.51
C ASP B 180 -33.32 -27.13 27.00
N ILE B 181 -34.29 -26.37 26.46
CA ILE B 181 -34.31 -24.93 26.70
C ILE B 181 -34.66 -24.62 28.15
N GLU B 182 -35.60 -25.36 28.74
CA GLU B 182 -35.98 -25.12 30.13
C GLU B 182 -34.79 -25.28 31.07
N THR B 183 -34.08 -26.40 30.99
CA THR B 183 -32.95 -26.62 31.88
C THR B 183 -31.71 -25.83 31.47
N GLY B 184 -31.58 -25.47 30.19
CA GLY B 184 -30.44 -24.72 29.74
C GLY B 184 -29.18 -25.53 29.53
N GLN B 185 -29.26 -26.86 29.57
CA GLN B 185 -28.11 -27.73 29.44
C GLN B 185 -28.20 -28.52 28.14
N GLN B 186 -27.04 -28.90 27.61
CA GLN B 186 -27.01 -29.70 26.40
C GLN B 186 -27.50 -31.11 26.68
N THR B 187 -28.51 -31.55 25.92
CA THR B 187 -29.03 -32.90 26.07
C THR B 187 -28.11 -33.89 25.38
N THR B 188 -27.95 -33.75 24.06
CA THR B 188 -27.13 -34.63 23.27
C THR B 188 -26.09 -33.81 22.50
N THR B 189 -24.81 -34.15 22.67
CA THR B 189 -23.72 -33.45 22.01
C THR B 189 -23.25 -34.23 20.78
N PHE B 190 -23.13 -33.54 19.65
CA PHE B 190 -22.74 -34.13 18.37
C PHE B 190 -21.29 -33.75 18.07
N THR B 191 -20.41 -34.75 18.06
CA THR B 191 -18.98 -34.54 17.88
C THR B 191 -18.48 -35.35 16.69
N GLY B 192 -17.28 -35.02 16.19
CA GLY B 192 -16.70 -35.68 15.04
C GLY B 192 -16.44 -34.81 13.83
N HIS B 193 -16.86 -33.55 13.81
CA HIS B 193 -16.42 -32.63 12.76
C HIS B 193 -15.04 -32.10 13.08
N THR B 194 -14.19 -32.03 12.06
CA THR B 194 -12.82 -31.57 12.22
C THR B 194 -12.64 -30.09 11.88
N GLY B 195 -13.73 -29.38 11.58
CA GLY B 195 -13.64 -27.97 11.24
C GLY B 195 -14.89 -27.23 11.69
N ASP B 196 -14.84 -25.90 11.58
CA ASP B 196 -15.96 -25.08 12.01
C ASP B 196 -17.22 -25.47 11.25
N VAL B 197 -18.31 -25.65 11.98
CA VAL B 197 -19.58 -26.09 11.43
C VAL B 197 -20.41 -24.86 11.07
N MET B 198 -20.61 -24.64 9.77
CA MET B 198 -21.29 -23.43 9.29
C MET B 198 -22.80 -23.54 9.27
N SER B 199 -23.36 -24.73 9.07
CA SER B 199 -24.79 -24.84 8.86
C SER B 199 -25.29 -26.23 9.23
N LEU B 200 -26.61 -26.32 9.42
CA LEU B 200 -27.29 -27.59 9.65
C LEU B 200 -28.70 -27.48 9.10
N SER B 201 -29.28 -28.64 8.75
CA SER B 201 -30.65 -28.70 8.26
C SER B 201 -31.32 -29.95 8.80
N LEU B 202 -32.51 -29.77 9.39
CA LEU B 202 -33.25 -30.90 9.94
C LEU B 202 -33.99 -31.66 8.85
N ALA B 203 -34.13 -32.97 9.07
CA ALA B 203 -34.96 -33.80 8.22
C ALA B 203 -36.44 -33.48 8.45
N PRO B 204 -37.30 -33.76 7.46
CA PRO B 204 -38.74 -33.50 7.64
C PRO B 204 -39.32 -34.08 8.92
N ASP B 205 -38.87 -35.26 9.33
CA ASP B 205 -39.40 -35.92 10.52
C ASP B 205 -38.65 -35.54 11.80
N THR B 206 -37.63 -34.68 11.69
CA THR B 206 -36.81 -34.24 12.82
C THR B 206 -36.14 -35.39 13.55
N ARG B 207 -36.01 -36.55 12.90
CA ARG B 207 -35.28 -37.67 13.50
C ARG B 207 -33.79 -37.54 13.25
N LEU B 208 -33.40 -37.04 12.07
CA LEU B 208 -32.01 -36.88 11.70
C LEU B 208 -31.79 -35.46 11.17
N PHE B 209 -30.52 -35.07 11.10
CA PHE B 209 -30.16 -33.79 10.49
C PHE B 209 -28.74 -33.87 9.95
N VAL B 210 -28.48 -33.12 8.89
CA VAL B 210 -27.17 -33.08 8.23
C VAL B 210 -26.54 -31.72 8.52
N SER B 211 -25.21 -31.70 8.54
CA SER B 211 -24.47 -30.49 8.87
C SER B 211 -23.32 -30.29 7.89
N GLY B 212 -23.21 -29.08 7.37
CA GLY B 212 -22.04 -28.68 6.59
C GLY B 212 -21.02 -28.00 7.47
N ALA B 213 -19.75 -28.08 7.09
CA ALA B 213 -18.69 -27.53 7.93
C ALA B 213 -17.50 -27.11 7.07
N CYS B 214 -16.53 -26.47 7.73
CA CYS B 214 -15.31 -25.98 7.10
C CYS B 214 -14.33 -27.08 6.77
N ASP B 215 -14.61 -28.32 7.15
CA ASP B 215 -13.75 -29.44 6.83
C ASP B 215 -14.07 -30.04 5.47
N ALA B 216 -14.93 -29.38 4.70
CA ALA B 216 -15.31 -29.78 3.34
C ALA B 216 -16.06 -31.11 3.34
N SER B 217 -16.73 -31.43 4.44
CA SER B 217 -17.52 -32.64 4.56
C SER B 217 -18.86 -32.33 5.20
N ALA B 218 -19.86 -33.12 4.84
CA ALA B 218 -21.18 -33.06 5.45
C ALA B 218 -21.41 -34.33 6.25
N LYS B 219 -22.11 -34.21 7.38
CA LYS B 219 -22.30 -35.34 8.28
C LYS B 219 -23.78 -35.48 8.65
N LEU B 220 -24.30 -36.69 8.48
CA LEU B 220 -25.65 -37.04 8.90
C LEU B 220 -25.62 -37.52 10.35
N TRP B 221 -26.45 -36.91 11.19
CA TRP B 221 -26.48 -37.22 12.61
C TRP B 221 -27.79 -37.90 12.99
N ASP B 222 -27.71 -38.81 13.95
CA ASP B 222 -28.89 -39.36 14.61
C ASP B 222 -29.16 -38.53 15.85
N VAL B 223 -30.37 -37.97 15.94
CA VAL B 223 -30.71 -37.10 17.06
C VAL B 223 -30.91 -37.92 18.33
N ARG B 224 -31.63 -39.04 18.23
CA ARG B 224 -31.92 -39.86 19.41
C ARG B 224 -30.63 -40.45 19.99
N GLU B 225 -29.83 -41.11 19.17
CA GLU B 225 -28.65 -41.81 19.66
C GLU B 225 -27.42 -40.93 19.74
N GLY B 226 -27.44 -39.75 19.14
CA GLY B 226 -26.37 -38.79 19.26
C GLY B 226 -25.03 -39.26 18.75
N MET B 227 -25.01 -39.77 17.52
CA MET B 227 -23.80 -40.31 16.92
C MET B 227 -23.84 -40.04 15.42
N CYS B 228 -22.67 -39.98 14.80
CA CYS B 228 -22.59 -39.82 13.36
C CYS B 228 -22.84 -41.14 12.67
N ARG B 229 -23.77 -41.14 11.71
CA ARG B 229 -24.08 -42.33 10.92
C ARG B 229 -23.27 -42.36 9.63
N GLN B 230 -23.49 -41.36 8.75
CA GLN B 230 -22.77 -41.28 7.50
C GLN B 230 -22.01 -39.96 7.41
N THR B 231 -20.96 -39.95 6.57
CA THR B 231 -20.16 -38.76 6.32
C THR B 231 -20.01 -38.60 4.81
N PHE B 232 -20.36 -37.42 4.31
CA PHE B 232 -20.33 -37.13 2.89
C PHE B 232 -19.18 -36.18 2.58
N THR B 233 -18.45 -36.49 1.51
CA THR B 233 -17.29 -35.69 1.14
C THR B 233 -17.33 -35.31 -0.33
N GLY B 234 -16.25 -34.74 -0.84
CA GLY B 234 -16.14 -34.32 -2.22
C GLY B 234 -16.09 -32.81 -2.42
N HIS B 235 -16.48 -32.04 -1.41
CA HIS B 235 -16.32 -30.60 -1.49
C HIS B 235 -14.85 -30.22 -1.29
N GLU B 236 -14.41 -29.22 -2.06
CA GLU B 236 -13.02 -28.77 -2.04
C GLU B 236 -12.78 -27.58 -1.13
N SER B 237 -13.81 -27.03 -0.50
CA SER B 237 -13.66 -25.91 0.42
C SER B 237 -14.76 -25.98 1.47
N ASP B 238 -14.82 -24.95 2.33
CA ASP B 238 -15.79 -24.92 3.41
C ASP B 238 -17.21 -25.01 2.87
N ILE B 239 -18.07 -25.73 3.60
CA ILE B 239 -19.48 -25.84 3.27
C ILE B 239 -20.22 -24.86 4.16
N ASN B 240 -20.72 -23.78 3.57
CA ASN B 240 -21.37 -22.72 4.33
C ASN B 240 -22.87 -22.94 4.49
N ALA B 241 -23.47 -23.84 3.71
CA ALA B 241 -24.91 -24.03 3.74
C ALA B 241 -25.25 -25.47 3.43
N ILE B 242 -26.37 -25.93 3.99
CA ILE B 242 -26.85 -27.29 3.78
C ILE B 242 -28.37 -27.27 3.88
N CYS B 243 -29.03 -28.07 3.05
CA CYS B 243 -30.48 -28.11 3.06
C CYS B 243 -30.97 -29.50 2.66
N PHE B 244 -31.99 -29.98 3.34
CA PHE B 244 -32.57 -31.29 3.06
C PHE B 244 -33.47 -31.25 1.84
N PHE B 245 -33.40 -32.30 1.03
CA PHE B 245 -34.38 -32.50 -0.03
C PHE B 245 -35.75 -32.77 0.60
N PRO B 246 -36.83 -32.25 0.00
CA PRO B 246 -38.15 -32.34 0.65
C PRO B 246 -38.54 -33.70 1.21
N ASN B 247 -38.17 -34.80 0.55
CA ASN B 247 -38.57 -36.12 1.04
C ASN B 247 -37.66 -36.64 2.15
N GLY B 248 -36.54 -35.96 2.42
CA GLY B 248 -35.67 -36.34 3.51
C GLY B 248 -34.64 -37.40 3.19
N ASN B 249 -34.52 -37.81 1.93
CA ASN B 249 -33.56 -38.82 1.52
C ASN B 249 -32.32 -38.23 0.87
N ALA B 250 -32.23 -36.90 0.76
CA ALA B 250 -31.12 -36.26 0.08
C ALA B 250 -30.94 -34.85 0.64
N PHE B 251 -29.77 -34.27 0.38
CA PHE B 251 -29.50 -32.90 0.79
C PHE B 251 -28.49 -32.28 -0.17
N ALA B 252 -28.56 -30.96 -0.29
CA ALA B 252 -27.68 -30.18 -1.14
C ALA B 252 -26.80 -29.27 -0.30
N THR B 253 -25.55 -29.06 -0.73
CA THR B 253 -24.57 -28.27 0.01
C THR B 253 -24.02 -27.15 -0.86
N GLY B 254 -24.07 -25.93 -0.34
CA GLY B 254 -23.34 -24.82 -0.92
C GLY B 254 -21.97 -24.67 -0.27
N SER B 255 -21.00 -24.18 -1.03
CA SER B 255 -19.63 -24.15 -0.55
C SER B 255 -18.88 -23.00 -1.20
N ASP B 256 -17.71 -22.68 -0.61
CA ASP B 256 -16.82 -21.64 -1.11
C ASP B 256 -16.08 -22.05 -2.37
N ASP B 257 -16.23 -23.29 -2.84
CA ASP B 257 -15.56 -23.77 -4.04
C ASP B 257 -16.36 -23.46 -5.31
N ALA B 258 -17.40 -22.66 -5.21
CA ALA B 258 -18.27 -22.15 -6.29
C ALA B 258 -19.26 -23.21 -6.77
N THR B 259 -19.24 -24.41 -6.20
CA THR B 259 -20.09 -25.49 -6.65
C THR B 259 -21.14 -25.83 -5.60
N CYS B 260 -22.29 -26.31 -6.07
CA CYS B 260 -23.29 -26.94 -5.23
C CYS B 260 -23.30 -28.44 -5.51
N ARG B 261 -23.36 -29.24 -4.46
CA ARG B 261 -23.29 -30.69 -4.59
C ARG B 261 -24.50 -31.33 -3.92
N LEU B 262 -25.22 -32.16 -4.67
CA LEU B 262 -26.36 -32.89 -4.15
C LEU B 262 -25.91 -34.26 -3.67
N PHE B 263 -26.18 -34.56 -2.40
CA PHE B 263 -25.87 -35.84 -1.80
C PHE B 263 -27.16 -36.60 -1.50
N ASP B 264 -27.11 -37.92 -1.69
CA ASP B 264 -28.23 -38.81 -1.40
C ASP B 264 -27.89 -39.67 -0.19
N LEU B 265 -28.86 -39.82 0.72
CA LEU B 265 -28.62 -40.55 1.95
C LEU B 265 -28.48 -42.05 1.68
N ARG B 266 -29.42 -42.62 0.93
CA ARG B 266 -29.36 -44.05 0.61
C ARG B 266 -28.16 -44.37 -0.27
N ALA B 267 -27.83 -43.49 -1.21
CA ALA B 267 -26.70 -43.74 -2.09
C ALA B 267 -25.36 -43.43 -1.42
N ASP B 268 -25.36 -42.67 -0.34
CA ASP B 268 -24.17 -42.36 0.45
C ASP B 268 -23.04 -41.80 -0.43
N GLN B 269 -23.40 -40.91 -1.35
CA GLN B 269 -22.39 -40.29 -2.22
C GLN B 269 -22.98 -39.06 -2.89
N GLU B 270 -22.13 -38.39 -3.68
CA GLU B 270 -22.51 -37.19 -4.41
C GLU B 270 -23.25 -37.60 -5.69
N LEU B 271 -24.47 -37.11 -5.85
CA LEU B 271 -25.22 -37.42 -7.06
C LEU B 271 -24.86 -36.50 -8.22
N MET B 272 -24.74 -35.19 -7.95
CA MET B 272 -24.61 -34.23 -9.03
C MET B 272 -23.88 -32.99 -8.54
N THR B 273 -23.12 -32.37 -9.46
CA THR B 273 -22.43 -31.12 -9.19
C THR B 273 -23.05 -30.00 -10.02
N TYR B 274 -23.44 -28.92 -9.36
CA TYR B 274 -24.02 -27.75 -10.00
C TYR B 274 -22.96 -26.64 -10.03
N SER B 275 -22.41 -26.37 -11.21
CA SER B 275 -21.38 -25.35 -11.31
C SER B 275 -21.33 -24.79 -12.71
N HIS B 276 -20.74 -23.59 -12.81
CA HIS B 276 -20.55 -22.88 -14.06
C HIS B 276 -19.18 -22.23 -14.00
N ASP B 277 -18.44 -22.27 -15.11
CA ASP B 277 -17.12 -21.64 -15.14
C ASP B 277 -17.20 -20.14 -14.85
N ASN B 278 -18.25 -19.47 -15.33
CA ASN B 278 -18.39 -18.03 -15.14
C ASN B 278 -18.89 -17.64 -13.75
N ILE B 279 -19.29 -18.60 -12.91
CA ILE B 279 -19.63 -18.33 -11.52
C ILE B 279 -18.45 -18.79 -10.67
N ILE B 280 -17.59 -17.84 -10.29
CA ILE B 280 -16.43 -18.14 -9.46
C ILE B 280 -16.55 -17.52 -8.07
N CYS B 281 -17.58 -17.89 -7.32
CA CYS B 281 -17.83 -17.25 -6.03
C CYS B 281 -18.57 -18.21 -5.12
N GLY B 282 -18.40 -18.00 -3.80
CA GLY B 282 -18.99 -18.89 -2.82
C GLY B 282 -20.50 -18.80 -2.76
N ILE B 283 -21.09 -19.86 -2.22
CA ILE B 283 -22.54 -20.00 -2.06
C ILE B 283 -22.87 -19.85 -0.59
N THR B 284 -23.65 -18.82 -0.26
CA THR B 284 -23.98 -18.53 1.14
C THR B 284 -25.12 -19.38 1.66
N SER B 285 -26.11 -19.71 0.83
CA SER B 285 -27.29 -20.40 1.31
C SER B 285 -27.87 -21.28 0.20
N VAL B 286 -28.51 -22.37 0.60
CA VAL B 286 -29.21 -23.27 -0.30
C VAL B 286 -30.56 -23.63 0.28
N SER B 287 -31.58 -23.73 -0.57
CA SER B 287 -32.89 -24.20 -0.15
C SER B 287 -33.59 -24.83 -1.35
N PHE B 288 -34.29 -25.94 -1.09
CA PHE B 288 -35.08 -26.59 -2.13
C PHE B 288 -36.47 -25.95 -2.22
N SER B 289 -37.08 -26.12 -3.39
CA SER B 289 -38.49 -25.79 -3.58
C SER B 289 -39.36 -26.89 -2.95
N LYS B 290 -40.67 -26.69 -3.00
CA LYS B 290 -41.59 -27.62 -2.34
C LYS B 290 -41.50 -29.01 -2.96
N SER B 291 -41.50 -29.09 -4.29
CA SER B 291 -41.39 -30.38 -4.97
C SER B 291 -39.96 -30.89 -5.04
N GLY B 292 -38.96 -30.05 -4.77
CA GLY B 292 -37.58 -30.45 -4.81
C GLY B 292 -36.95 -30.39 -6.18
N ARG B 293 -37.69 -29.97 -7.21
CA ARG B 293 -37.13 -29.89 -8.55
C ARG B 293 -36.15 -28.72 -8.69
N LEU B 294 -36.36 -27.65 -7.93
CA LEU B 294 -35.52 -26.46 -8.01
C LEU B 294 -34.63 -26.36 -6.78
N LEU B 295 -33.35 -26.11 -7.02
CA LEU B 295 -32.38 -25.86 -5.96
C LEU B 295 -31.95 -24.40 -6.07
N LEU B 296 -32.22 -23.63 -5.03
CA LEU B 296 -31.88 -22.21 -5.01
C LEU B 296 -30.62 -22.00 -4.19
N ALA B 297 -29.71 -21.20 -4.72
CA ALA B 297 -28.43 -20.94 -4.06
C ALA B 297 -28.12 -19.45 -4.11
N GLY B 298 -27.90 -18.86 -2.94
CA GLY B 298 -27.42 -17.48 -2.88
C GLY B 298 -25.92 -17.44 -3.14
N TYR B 299 -25.49 -16.46 -3.92
CA TYR B 299 -24.11 -16.36 -4.34
C TYR B 299 -23.51 -15.03 -3.92
N ASP B 300 -22.17 -14.99 -3.93
CA ASP B 300 -21.43 -13.78 -3.61
C ASP B 300 -21.40 -12.77 -4.76
N ASP B 301 -21.91 -13.14 -5.93
CA ASP B 301 -21.85 -12.27 -7.10
C ASP B 301 -23.06 -11.33 -7.18
N PHE B 302 -23.85 -11.27 -6.11
CA PHE B 302 -25.03 -10.41 -5.91
C PHE B 302 -26.28 -11.04 -6.51
N ASN B 303 -26.16 -12.19 -7.17
CA ASN B 303 -27.29 -12.85 -7.80
C ASN B 303 -27.80 -14.00 -6.93
N CYS B 304 -28.90 -14.61 -7.36
CA CYS B 304 -29.39 -15.84 -6.79
C CYS B 304 -29.77 -16.73 -7.98
N ASN B 305 -29.05 -17.85 -8.13
CA ASN B 305 -29.22 -18.71 -9.29
C ASN B 305 -30.21 -19.83 -9.00
N VAL B 306 -31.11 -20.07 -9.93
CA VAL B 306 -32.12 -21.12 -9.82
C VAL B 306 -31.61 -22.32 -10.61
N TRP B 307 -31.32 -23.41 -9.92
CA TRP B 307 -30.75 -24.59 -10.55
C TRP B 307 -31.82 -25.67 -10.71
N ASP B 308 -31.73 -26.40 -11.83
CA ASP B 308 -32.52 -27.61 -12.03
C ASP B 308 -31.84 -28.74 -11.28
N ALA B 309 -32.57 -29.32 -10.31
CA ALA B 309 -31.97 -30.33 -9.45
C ALA B 309 -31.67 -31.60 -10.23
N LEU B 310 -32.56 -31.98 -11.15
CA LEU B 310 -32.38 -33.21 -11.91
C LEU B 310 -31.44 -33.02 -13.09
N LYS B 311 -31.57 -31.91 -13.81
CA LYS B 311 -30.82 -31.73 -15.06
C LYS B 311 -29.51 -30.96 -14.91
N ALA B 312 -29.24 -30.38 -13.73
CA ALA B 312 -28.00 -29.63 -13.50
C ALA B 312 -27.85 -28.43 -14.43
N ASP B 313 -28.96 -27.87 -14.91
CA ASP B 313 -28.92 -26.70 -15.76
C ASP B 313 -29.53 -25.51 -15.05
N ARG B 314 -29.09 -24.32 -15.42
CA ARG B 314 -29.59 -23.10 -14.82
C ARG B 314 -30.96 -22.79 -15.42
N ALA B 315 -31.99 -22.75 -14.58
CA ALA B 315 -33.35 -22.50 -15.02
C ALA B 315 -33.74 -21.03 -14.96
N GLY B 316 -32.93 -20.19 -14.33
CA GLY B 316 -33.26 -18.79 -14.20
C GLY B 316 -32.20 -18.10 -13.36
N VAL B 317 -32.45 -16.82 -13.09
CA VAL B 317 -31.54 -16.01 -12.28
C VAL B 317 -32.35 -14.95 -11.57
N LEU B 318 -31.94 -14.63 -10.34
CA LEU B 318 -32.55 -13.57 -9.54
C LEU B 318 -31.46 -12.56 -9.18
N ALA B 319 -31.53 -11.37 -9.76
CA ALA B 319 -30.67 -10.25 -9.37
C ALA B 319 -31.54 -9.08 -8.95
N GLY B 320 -31.71 -8.92 -7.63
CA GLY B 320 -32.36 -7.75 -7.10
C GLY B 320 -31.49 -6.94 -6.16
N HIS B 321 -30.32 -7.49 -5.82
CA HIS B 321 -29.50 -6.97 -4.73
C HIS B 321 -28.19 -6.41 -5.25
N ASP B 322 -27.70 -5.39 -4.56
CA ASP B 322 -26.43 -4.76 -4.87
C ASP B 322 -25.26 -5.32 -4.07
N ASN B 323 -25.51 -6.18 -3.08
CA ASN B 323 -24.45 -6.80 -2.31
C ASN B 323 -24.68 -8.31 -2.21
N ARG B 324 -23.74 -8.99 -1.54
CA ARG B 324 -23.77 -10.45 -1.41
C ARG B 324 -25.09 -10.95 -0.85
N VAL B 325 -25.64 -11.99 -1.47
CA VAL B 325 -26.88 -12.59 -1.00
C VAL B 325 -26.52 -13.50 0.17
N SER B 326 -26.90 -13.09 1.38
CA SER B 326 -26.45 -13.81 2.57
C SER B 326 -27.33 -15.01 2.93
N CYS B 327 -28.62 -14.99 2.59
CA CYS B 327 -29.49 -16.06 3.04
C CYS B 327 -30.66 -16.24 2.10
N LEU B 328 -31.21 -17.45 2.10
CA LEU B 328 -32.40 -17.80 1.33
C LEU B 328 -33.40 -18.50 2.23
N GLY B 329 -34.64 -18.53 1.78
CA GLY B 329 -35.67 -19.33 2.42
C GLY B 329 -36.80 -19.62 1.46
N VAL B 330 -37.46 -20.75 1.68
CA VAL B 330 -38.64 -21.13 0.91
C VAL B 330 -39.74 -21.51 1.88
N THR B 331 -40.94 -20.97 1.65
CA THR B 331 -42.07 -21.22 2.53
C THR B 331 -42.47 -22.69 2.51
N ASP B 332 -43.09 -23.13 3.61
CA ASP B 332 -43.57 -24.51 3.68
C ASP B 332 -44.61 -24.80 2.61
N ASP B 333 -45.43 -23.81 2.26
CA ASP B 333 -46.38 -24.01 1.17
C ASP B 333 -45.73 -23.83 -0.19
N GLY B 334 -44.47 -23.39 -0.22
CA GLY B 334 -43.74 -23.23 -1.46
C GLY B 334 -44.21 -22.11 -2.35
N MET B 335 -44.97 -21.15 -1.82
CA MET B 335 -45.52 -20.10 -2.67
C MET B 335 -44.50 -19.02 -2.99
N ALA B 336 -43.54 -18.75 -2.10
CA ALA B 336 -42.65 -17.61 -2.30
C ALA B 336 -41.23 -17.97 -1.91
N VAL B 337 -40.29 -17.31 -2.57
CA VAL B 337 -38.86 -17.41 -2.26
C VAL B 337 -38.39 -16.06 -1.76
N ALA B 338 -37.78 -16.06 -0.58
CA ALA B 338 -37.27 -14.86 0.05
C ALA B 338 -35.76 -14.88 0.00
N THR B 339 -35.17 -13.77 -0.46
CA THR B 339 -33.72 -13.60 -0.48
C THR B 339 -33.33 -12.50 0.50
N GLY B 340 -32.10 -12.58 0.98
CA GLY B 340 -31.58 -11.56 1.88
C GLY B 340 -30.10 -11.38 1.61
N SER B 341 -29.61 -10.19 1.94
CA SER B 341 -28.28 -9.79 1.47
C SER B 341 -27.66 -8.82 2.45
N TRP B 342 -26.40 -8.47 2.19
CA TRP B 342 -25.69 -7.53 3.05
C TRP B 342 -26.30 -6.15 3.00
N ASP B 343 -26.84 -5.73 1.84
CA ASP B 343 -27.57 -4.47 1.82
C ASP B 343 -28.85 -4.63 2.63
N SER B 344 -29.32 -3.52 3.19
CA SER B 344 -30.45 -3.55 4.12
C SER B 344 -31.69 -4.21 3.52
N PHE B 345 -31.93 -4.01 2.23
CA PHE B 345 -33.17 -4.49 1.61
C PHE B 345 -33.35 -6.00 1.74
N LEU B 346 -34.60 -6.41 1.94
CA LEU B 346 -35.05 -7.81 1.89
C LEU B 346 -36.00 -7.93 0.70
N LYS B 347 -35.94 -9.05 -0.02
CA LYS B 347 -36.79 -9.21 -1.19
C LYS B 347 -37.48 -10.56 -1.23
N ILE B 348 -38.80 -10.52 -1.41
CA ILE B 348 -39.64 -11.72 -1.55
C ILE B 348 -39.91 -11.93 -3.03
N TRP B 349 -39.41 -13.03 -3.58
CA TRP B 349 -39.59 -13.34 -4.99
C TRP B 349 -40.70 -14.38 -5.20
N ASN B 350 -41.21 -14.40 -6.42
CA ASN B 350 -42.28 -15.32 -6.82
C ASN B 350 -42.16 -15.72 -8.28
N SER C 12 52.81 17.51 -13.12
CA SER C 12 53.66 17.28 -11.95
C SER C 12 53.15 18.04 -10.74
N GLU C 13 52.44 19.14 -10.99
CA GLU C 13 51.90 19.94 -9.88
C GLU C 13 50.73 19.24 -9.21
N LEU C 14 49.91 18.53 -9.99
CA LEU C 14 48.81 17.78 -9.39
C LEU C 14 49.29 16.53 -8.67
N ASP C 15 50.36 15.90 -9.17
CA ASP C 15 50.86 14.67 -8.56
C ASP C 15 51.42 14.92 -7.16
N GLN C 16 52.14 16.03 -6.98
CA GLN C 16 52.66 16.38 -5.66
C GLN C 16 51.54 16.65 -4.66
N LEU C 17 50.56 17.47 -5.05
CA LEU C 17 49.49 17.85 -4.15
C LEU C 17 48.57 16.68 -3.79
N ARG C 18 48.37 15.73 -4.71
CA ARG C 18 47.52 14.59 -4.41
C ARG C 18 48.16 13.68 -3.37
N GLN C 19 49.42 13.32 -3.57
CA GLN C 19 50.11 12.43 -2.63
C GLN C 19 50.29 13.07 -1.26
N GLU C 20 50.50 14.39 -1.22
CA GLU C 20 50.62 15.09 0.06
C GLU C 20 49.35 14.98 0.88
N ALA C 21 48.19 15.10 0.25
CA ALA C 21 46.93 15.00 0.99
C ALA C 21 46.78 13.63 1.64
N GLU C 22 47.18 12.56 0.94
CA GLU C 22 47.10 11.23 1.53
C GLU C 22 48.06 11.08 2.70
N GLN C 23 49.30 11.55 2.54
CA GLN C 23 50.27 11.47 3.62
C GLN C 23 49.83 12.27 4.84
N LEU C 24 49.31 13.48 4.62
CA LEU C 24 48.86 14.30 5.74
C LEU C 24 47.71 13.64 6.49
N LYS C 25 46.79 12.99 5.77
CA LYS C 25 45.74 12.24 6.45
C LYS C 25 46.32 11.09 7.27
N ASN C 26 47.29 10.37 6.70
CA ASN C 26 47.90 9.26 7.42
C ASN C 26 48.72 9.75 8.62
N GLN C 27 49.38 10.90 8.48
CA GLN C 27 50.18 11.44 9.58
C GLN C 27 49.28 11.79 10.77
N ILE C 28 48.15 12.43 10.52
CA ILE C 28 47.23 12.79 11.59
C ILE C 28 46.65 11.55 12.24
N ARG C 29 46.31 10.54 11.44
CA ARG C 29 45.78 9.29 11.99
C ARG C 29 46.78 8.64 12.94
N ASP C 30 48.06 8.63 12.56
CA ASP C 30 49.08 8.00 13.40
C ASP C 30 49.39 8.83 14.64
N ALA C 31 49.29 10.15 14.54
CA ALA C 31 49.55 11.00 15.69
C ALA C 31 48.46 10.85 16.75
N ARG C 32 47.21 10.68 16.32
CA ARG C 32 46.11 10.50 17.27
C ARG C 32 46.22 9.17 17.99
N LYS C 33 46.68 8.12 17.31
CA LYS C 33 46.80 6.81 17.94
C LYS C 33 47.93 6.78 18.95
N ALA C 34 49.04 7.45 18.66
CA ALA C 34 50.15 7.50 19.61
C ALA C 34 49.77 8.23 20.89
N CYS C 35 48.87 9.20 20.81
CA CYS C 35 48.46 9.95 21.99
C CYS C 35 47.57 9.15 22.93
N ALA C 36 46.93 8.09 22.45
CA ALA C 36 46.00 7.32 23.28
C ALA C 36 46.76 6.21 23.99
N ASP C 37 47.11 6.44 25.25
CA ASP C 37 47.64 5.42 26.14
C ASP C 37 46.53 4.66 26.86
N ALA C 38 45.47 5.38 27.23
CA ALA C 38 44.35 4.82 27.97
C ALA C 38 43.07 5.48 27.46
N THR C 39 41.93 5.11 28.05
CA THR C 39 40.65 5.65 27.66
C THR C 39 39.95 6.32 28.83
N LEU C 40 38.93 7.12 28.51
CA LEU C 40 38.16 7.80 29.55
C LEU C 40 37.46 6.81 30.47
N SER C 41 36.95 5.71 29.90
CA SER C 41 36.25 4.72 30.72
C SER C 41 37.20 4.02 31.69
N GLN C 42 38.46 3.86 31.31
CA GLN C 42 39.43 3.19 32.19
C GLN C 42 39.75 4.06 33.40
N ILE C 43 40.00 5.35 33.18
CA ILE C 43 40.43 6.21 34.27
C ILE C 43 39.27 6.56 35.20
N THR C 44 38.03 6.51 34.72
CA THR C 44 36.85 6.83 35.53
C THR C 44 36.16 5.59 36.07
N ASN C 45 36.70 4.39 35.83
CA ASN C 45 36.07 3.17 36.32
C ASN C 45 36.00 3.14 37.84
N ASN C 46 37.00 3.70 38.52
CA ASN C 46 37.06 3.70 39.97
C ASN C 46 36.21 4.81 40.59
N ILE C 47 35.66 5.72 39.78
CA ILE C 47 34.86 6.81 40.31
C ILE C 47 33.52 6.29 40.79
N ASP C 48 33.15 6.66 42.02
CA ASP C 48 31.86 6.27 42.56
C ASP C 48 30.79 6.87 41.67
N PRO C 49 29.88 6.08 41.10
CA PRO C 49 28.87 6.63 40.19
C PRO C 49 27.99 7.64 40.90
N VAL C 50 27.38 8.52 40.10
CA VAL C 50 26.48 9.53 40.64
C VAL C 50 25.28 8.86 41.29
N GLY C 51 24.88 7.69 40.80
CA GLY C 51 23.68 7.04 41.25
C GLY C 51 22.51 7.48 40.41
N ARG C 52 21.34 7.57 41.01
CA ARG C 52 20.13 8.00 40.31
C ARG C 52 19.70 9.33 40.91
N ILE C 53 19.86 10.40 40.15
CA ILE C 53 19.44 11.73 40.55
C ILE C 53 18.20 12.05 39.74
N GLN C 54 17.09 12.15 40.44
CA GLN C 54 15.76 12.25 39.85
C GLN C 54 15.35 13.68 39.54
N MET C 55 14.75 13.86 38.38
CA MET C 55 14.13 15.12 38.02
C MET C 55 12.62 14.89 37.91
N ARG C 56 11.88 15.99 37.81
CA ARG C 56 10.44 15.92 37.74
C ARG C 56 9.94 17.17 37.03
N THR C 57 8.75 17.06 36.43
CA THR C 57 8.20 18.21 35.72
C THR C 57 7.73 19.24 36.73
N ARG C 58 8.38 20.41 36.75
CA ARG C 58 7.97 21.51 37.61
C ARG C 58 7.13 22.55 36.89
N ARG C 59 7.14 22.55 35.55
CA ARG C 59 6.39 23.52 34.76
C ARG C 59 6.01 22.84 33.45
N THR C 60 4.80 23.15 32.98
CA THR C 60 4.33 22.69 31.67
C THR C 60 3.84 23.90 30.90
N LEU C 61 4.56 24.26 29.84
CA LEU C 61 4.25 25.45 29.07
C LEU C 61 3.32 25.08 27.91
N ARG C 62 2.11 25.64 27.93
CA ARG C 62 1.12 25.37 26.90
C ARG C 62 0.79 26.64 26.15
N GLY C 63 0.18 26.48 24.98
CA GLY C 63 -0.14 27.58 24.09
C GLY C 63 0.52 27.50 22.74
N HIS C 64 1.41 26.54 22.53
CA HIS C 64 1.92 26.24 21.20
C HIS C 64 0.95 25.31 20.49
N LEU C 65 0.66 25.61 19.22
CA LEU C 65 -0.34 24.87 18.47
C LEU C 65 0.25 23.83 17.52
N ALA C 66 1.57 23.76 17.39
CA ALA C 66 2.17 22.82 16.45
C ALA C 66 3.50 22.32 16.99
N LYS C 67 4.25 21.62 16.13
CA LYS C 67 5.55 21.07 16.48
C LYS C 67 6.52 22.16 16.89
N ILE C 68 7.16 21.98 18.05
CA ILE C 68 8.18 22.90 18.55
C ILE C 68 9.55 22.43 18.04
N TYR C 69 10.19 23.23 17.19
CA TYR C 69 11.46 22.83 16.57
C TYR C 69 12.72 23.28 17.31
N ALA C 70 12.63 24.26 18.21
CA ALA C 70 13.85 24.74 18.86
C ALA C 70 13.51 25.43 20.17
N MET C 71 14.48 25.42 21.08
CA MET C 71 14.44 26.25 22.28
C MET C 71 15.83 26.80 22.61
N HIS C 72 15.84 27.99 23.22
CA HIS C 72 17.07 28.62 23.68
C HIS C 72 16.78 29.40 24.96
N TRP C 73 17.51 29.08 26.02
CA TRP C 73 17.38 29.78 27.29
C TRP C 73 17.96 31.19 27.21
N GLY C 74 17.50 32.04 28.14
CA GLY C 74 18.14 33.32 28.36
C GLY C 74 19.27 33.22 29.35
N THR C 75 20.12 34.26 29.37
CA THR C 75 21.26 34.27 30.28
C THR C 75 20.86 34.52 31.72
N ASP C 76 19.63 34.94 31.98
CA ASP C 76 19.16 35.15 33.35
C ASP C 76 18.58 33.88 33.98
N SER C 77 18.59 32.76 33.25
CA SER C 77 18.02 31.50 33.74
C SER C 77 16.55 31.66 34.10
N ARG C 78 15.87 32.58 33.41
CA ARG C 78 14.47 32.87 33.65
C ARG C 78 13.66 32.80 32.36
N LEU C 79 13.93 33.73 31.45
CA LEU C 79 13.26 33.78 30.17
C LEU C 79 13.81 32.71 29.22
N LEU C 80 12.93 32.21 28.34
CA LEU C 80 13.35 31.30 27.29
C LEU C 80 12.47 31.54 26.07
N VAL C 81 13.01 31.19 24.90
CA VAL C 81 12.30 31.32 23.64
C VAL C 81 12.06 29.92 23.07
N SER C 82 11.01 29.79 22.26
CA SER C 82 10.69 28.55 21.61
C SER C 82 10.25 28.85 20.17
N ALA C 83 10.58 27.93 19.28
CA ALA C 83 10.24 28.05 17.87
C ALA C 83 9.35 26.88 17.49
N SER C 84 8.13 27.20 17.07
CA SER C 84 7.18 26.17 16.65
C SER C 84 6.85 26.35 15.17
N GLN C 85 6.39 25.27 14.55
CA GLN C 85 6.14 25.27 13.12
C GLN C 85 4.78 25.85 12.77
N ASP C 86 4.02 26.30 13.77
CA ASP C 86 2.82 27.10 13.53
C ASP C 86 3.16 28.51 13.04
N GLY C 87 4.42 28.89 13.06
CA GLY C 87 4.84 30.22 12.64
C GLY C 87 4.98 31.25 13.74
N LYS C 88 5.20 30.82 14.98
CA LYS C 88 5.26 31.73 16.11
C LYS C 88 6.51 31.48 16.96
N LEU C 89 7.08 32.58 17.46
CA LEU C 89 8.07 32.55 18.52
C LEU C 89 7.39 33.05 19.78
N ILE C 90 7.54 32.32 20.88
CA ILE C 90 6.94 32.68 22.15
C ILE C 90 8.06 32.79 23.19
N ILE C 91 8.15 33.96 23.82
CA ILE C 91 9.06 34.15 24.94
C ILE C 91 8.29 33.80 26.20
N TRP C 92 8.82 32.86 26.98
CA TRP C 92 8.16 32.38 28.18
C TRP C 92 8.85 32.91 29.42
N ASP C 93 8.05 33.20 30.44
CA ASP C 93 8.54 33.39 31.79
C ASP C 93 8.45 32.04 32.49
N SER C 94 9.60 31.42 32.74
CA SER C 94 9.61 30.03 33.19
C SER C 94 9.08 29.88 34.61
N TYR C 95 9.12 30.94 35.42
CA TYR C 95 8.63 30.82 36.80
C TYR C 95 7.11 30.81 36.83
N THR C 96 6.47 31.78 36.19
CA THR C 96 5.02 31.94 36.24
C THR C 96 4.29 31.32 35.06
N THR C 97 5.02 30.77 34.07
CA THR C 97 4.45 30.22 32.84
C THR C 97 3.64 31.25 32.06
N ASN C 98 3.92 32.54 32.29
CA ASN C 98 3.26 33.61 31.57
C ASN C 98 3.92 33.83 30.21
N LYS C 99 3.09 34.06 29.19
CA LYS C 99 3.61 34.38 27.87
C LYS C 99 4.10 35.82 27.87
N VAL C 100 5.40 36.01 27.63
CA VAL C 100 5.97 37.35 27.61
C VAL C 100 5.70 38.03 26.28
N HIS C 101 5.94 37.33 25.17
CA HIS C 101 5.71 37.86 23.84
C HIS C 101 5.24 36.75 22.91
N ALA C 102 4.42 37.13 21.93
CA ALA C 102 4.03 36.24 20.83
C ALA C 102 4.33 36.97 19.53
N ILE C 103 5.30 36.48 18.79
CA ILE C 103 5.81 37.16 17.60
C ILE C 103 5.40 36.36 16.37
N PRO C 104 4.55 36.90 15.50
CA PRO C 104 4.22 36.19 14.25
C PRO C 104 5.42 36.14 13.32
N LEU C 105 5.64 34.97 12.73
CA LEU C 105 6.74 34.73 11.80
C LEU C 105 6.22 34.77 10.37
N ARG C 106 6.99 35.38 9.48
CA ARG C 106 6.60 35.46 8.09
C ARG C 106 6.71 34.11 7.38
N SER C 107 7.52 33.19 7.91
CA SER C 107 7.62 31.84 7.36
C SER C 107 7.33 30.83 8.46
N SER C 108 6.35 29.95 8.21
CA SER C 108 5.94 28.98 9.21
C SER C 108 6.94 27.84 9.37
N TRP C 109 7.97 27.77 8.52
CA TRP C 109 9.00 26.74 8.60
C TRP C 109 10.24 27.33 9.28
N VAL C 110 10.47 26.93 10.53
CA VAL C 110 11.53 27.50 11.36
C VAL C 110 12.23 26.37 12.08
N MET C 111 13.53 26.20 11.84
CA MET C 111 14.29 25.11 12.42
C MET C 111 15.14 25.49 13.61
N THR C 112 15.23 26.78 13.97
CA THR C 112 16.09 27.16 15.09
C THR C 112 15.65 28.51 15.64
N CYS C 113 16.08 28.77 16.87
CA CYS C 113 15.88 30.06 17.53
C CYS C 113 17.02 30.29 18.49
N ALA C 114 17.27 31.56 18.81
CA ALA C 114 18.36 31.94 19.68
C ALA C 114 17.97 33.16 20.50
N TYR C 115 18.50 33.24 21.71
CA TYR C 115 18.21 34.32 22.64
C TYR C 115 19.50 35.08 22.91
N ALA C 116 19.55 36.35 22.53
CA ALA C 116 20.75 37.14 22.72
C ALA C 116 21.10 37.21 24.21
N PRO C 117 22.39 37.19 24.55
CA PRO C 117 22.77 37.24 25.97
C PRO C 117 22.30 38.51 26.67
N SER C 118 22.19 39.63 25.93
CA SER C 118 21.69 40.86 26.53
C SER C 118 20.18 40.85 26.73
N GLY C 119 19.46 39.99 26.01
CA GLY C 119 18.02 39.93 26.12
C GLY C 119 17.28 40.96 25.29
N ASN C 120 18.00 41.78 24.53
CA ASN C 120 17.35 42.78 23.68
C ASN C 120 16.86 42.21 22.37
N TYR C 121 17.49 41.15 21.87
CA TYR C 121 17.18 40.61 20.55
C TYR C 121 17.00 39.10 20.61
N VAL C 122 16.27 38.58 19.62
CA VAL C 122 16.05 37.14 19.44
C VAL C 122 16.08 36.84 17.95
N ALA C 123 16.68 35.70 17.59
CA ALA C 123 16.82 35.30 16.20
C ALA C 123 16.10 33.99 15.94
N CYS C 124 15.76 33.77 14.67
CA CYS C 124 15.14 32.53 14.24
C CYS C 124 15.41 32.34 12.76
N GLY C 125 15.25 31.11 12.30
CA GLY C 125 15.47 30.80 10.90
C GLY C 125 15.01 29.39 10.59
N GLY C 126 15.11 29.04 9.32
CA GLY C 126 14.53 27.78 8.86
C GLY C 126 14.61 27.68 7.35
N LEU C 127 13.63 26.96 6.79
CA LEU C 127 13.60 26.73 5.35
C LEU C 127 13.51 28.02 4.54
N ASP C 128 13.24 29.16 5.19
CA ASP C 128 13.27 30.45 4.51
C ASP C 128 14.68 30.93 4.20
N ASN C 129 15.71 30.24 4.68
CA ASN C 129 17.11 30.60 4.44
C ASN C 129 17.44 32.00 4.95
N ILE C 130 16.75 32.45 5.99
CA ILE C 130 16.88 33.82 6.51
C ILE C 130 17.03 33.76 8.02
N CYS C 131 17.99 34.52 8.54
CA CYS C 131 18.12 34.73 9.98
C CYS C 131 17.50 36.08 10.31
N SER C 132 16.38 36.06 11.02
CA SER C 132 15.64 37.27 11.34
C SER C 132 15.95 37.69 12.76
N ILE C 133 16.42 38.92 12.93
CA ILE C 133 16.74 39.49 14.24
C ILE C 133 15.56 40.35 14.68
N TYR C 134 14.96 40.00 15.81
CA TYR C 134 13.80 40.70 16.34
C TYR C 134 14.22 41.58 17.52
N ASN C 135 13.85 42.85 17.46
CA ASN C 135 14.16 43.79 18.53
C ASN C 135 13.03 43.79 19.56
N LEU C 136 13.39 43.56 20.82
CA LEU C 136 12.42 43.44 21.91
C LEU C 136 12.18 44.75 22.65
N LYS C 137 12.83 45.83 22.25
CA LYS C 137 12.69 47.11 22.95
C LYS C 137 12.13 48.19 22.04
N VAL C 143 6.41 44.11 18.84
CA VAL C 143 7.68 43.55 18.36
C VAL C 143 7.59 43.24 16.87
N ARG C 144 8.38 43.94 16.07
CA ARG C 144 8.43 43.77 14.63
C ARG C 144 9.84 43.39 14.21
N VAL C 145 10.01 43.09 12.92
CA VAL C 145 11.31 42.66 12.41
C VAL C 145 12.27 43.83 12.38
N SER C 146 13.53 43.57 12.75
CA SER C 146 14.59 44.58 12.66
C SER C 146 15.49 44.33 11.45
N ARG C 147 16.20 43.20 11.43
CA ARG C 147 17.11 42.86 10.35
C ARG C 147 16.73 41.51 9.76
N GLU C 148 16.90 41.38 8.44
CA GLU C 148 16.78 40.12 7.74
C GLU C 148 18.13 39.79 7.11
N LEU C 149 18.78 38.74 7.63
CA LEU C 149 20.12 38.35 7.18
C LEU C 149 19.99 37.31 6.08
N ALA C 150 20.30 37.69 4.85
CA ALA C 150 20.17 36.81 3.70
C ALA C 150 21.55 36.44 3.18
N GLY C 151 21.57 35.57 2.17
CA GLY C 151 22.78 35.11 1.54
C GLY C 151 23.11 33.66 1.82
N HIS C 152 22.47 33.05 2.81
CA HIS C 152 22.60 31.60 2.98
C HIS C 152 21.78 30.91 1.91
N THR C 153 22.42 30.01 1.15
CA THR C 153 21.71 29.32 0.09
C THR C 153 20.96 28.09 0.57
N GLY C 154 21.25 27.59 1.77
CA GLY C 154 20.53 26.50 2.38
C GLY C 154 19.67 26.96 3.55
N TYR C 155 18.90 26.01 4.07
CA TYR C 155 18.04 26.27 5.22
C TYR C 155 18.89 26.54 6.46
N LEU C 156 18.31 27.27 7.41
CA LEU C 156 19.01 27.66 8.62
C LEU C 156 18.83 26.60 9.69
N SER C 157 19.90 25.86 9.99
CA SER C 157 19.81 24.79 10.97
C SER C 157 20.00 25.31 12.39
N CYS C 158 20.90 26.27 12.59
CA CYS C 158 21.17 26.77 13.94
C CYS C 158 21.79 28.16 13.85
N CYS C 159 21.64 28.92 14.92
CA CYS C 159 22.27 30.24 15.04
C CYS C 159 22.42 30.59 16.52
N ARG C 160 23.49 31.31 16.83
CA ARG C 160 23.77 31.73 18.19
C ARG C 160 24.37 33.13 18.17
N PHE C 161 23.88 34.00 19.06
CA PHE C 161 24.38 35.37 19.16
C PHE C 161 25.72 35.44 19.86
N LEU C 162 26.69 36.10 19.23
CA LEU C 162 27.91 36.49 19.92
C LEU C 162 27.67 37.71 20.80
N ASP C 163 27.04 38.74 20.24
CA ASP C 163 26.60 39.92 20.97
C ASP C 163 25.43 40.54 20.21
N ASP C 164 25.05 41.74 20.59
CA ASP C 164 23.92 42.41 19.93
C ASP C 164 24.21 42.74 18.47
N ASN C 165 25.48 42.93 18.10
CA ASN C 165 25.84 43.29 16.75
C ASN C 165 26.32 42.12 15.89
N GLN C 166 26.56 40.95 16.47
CA GLN C 166 27.12 39.83 15.74
C GLN C 166 26.42 38.53 16.11
N ILE C 167 26.15 37.70 15.10
CA ILE C 167 25.51 36.41 15.28
C ILE C 167 26.12 35.42 14.30
N VAL C 168 26.31 34.18 14.76
CA VAL C 168 26.90 33.12 13.96
C VAL C 168 25.81 32.11 13.61
N THR C 169 25.70 31.77 12.33
CA THR C 169 24.66 30.89 11.85
C THR C 169 25.24 29.68 11.16
N SER C 170 24.41 28.64 11.04
CA SER C 170 24.74 27.42 10.31
C SER C 170 23.62 27.13 9.33
N SER C 171 23.95 26.49 8.22
CA SER C 171 22.99 26.32 7.15
C SER C 171 23.18 24.99 6.44
N GLY C 172 22.14 24.60 5.70
CA GLY C 172 22.15 23.40 4.90
C GLY C 172 22.97 23.51 3.63
N ASP C 173 23.57 24.66 3.38
CA ASP C 173 24.43 24.89 2.23
C ASP C 173 25.87 24.50 2.49
N THR C 174 26.14 23.84 3.61
CA THR C 174 27.42 23.27 4.05
C THR C 174 28.32 24.35 4.63
N THR C 175 27.88 25.60 4.64
CA THR C 175 28.68 26.71 5.15
C THR C 175 28.08 27.29 6.42
N CYS C 176 28.96 27.68 7.35
CA CYS C 176 28.56 28.53 8.47
C CYS C 176 28.83 29.98 8.10
N ALA C 177 28.45 30.91 8.99
CA ALA C 177 28.68 32.31 8.70
C ALA C 177 28.76 33.11 9.99
N LEU C 178 29.59 34.14 9.97
CA LEU C 178 29.61 35.18 10.99
C LEU C 178 28.96 36.43 10.40
N TRP C 179 27.99 36.98 11.11
CA TRP C 179 27.19 38.09 10.60
C TRP C 179 27.48 39.38 11.34
N ASP C 180 27.51 40.47 10.59
CA ASP C 180 27.46 41.82 11.15
C ASP C 180 26.01 42.28 11.05
N ILE C 181 25.34 42.40 12.19
CA ILE C 181 23.91 42.72 12.18
C ILE C 181 23.69 44.16 11.72
N GLU C 182 24.59 45.06 12.10
CA GLU C 182 24.48 46.47 11.71
C GLU C 182 24.39 46.63 10.19
N THR C 183 25.38 46.09 9.47
CA THR C 183 25.40 46.20 8.02
C THR C 183 24.59 45.12 7.32
N GLY C 184 24.36 43.98 7.96
CA GLY C 184 23.64 42.91 7.30
C GLY C 184 24.47 42.06 6.34
N GLN C 185 25.79 42.18 6.39
CA GLN C 185 26.67 41.48 5.47
C GLN C 185 27.47 40.43 6.24
N GLN C 186 27.85 39.37 5.53
CA GLN C 186 28.68 38.33 6.14
C GLN C 186 30.09 38.84 6.35
N THR C 187 30.57 38.77 7.59
CA THR C 187 31.93 39.19 7.88
C THR C 187 32.92 38.10 7.48
N THR C 188 32.77 36.92 8.07
CA THR C 188 33.66 35.80 7.82
C THR C 188 32.85 34.59 7.35
N THR C 189 33.22 34.04 6.21
CA THR C 189 32.54 32.89 5.62
C THR C 189 33.31 31.60 5.92
N PHE C 190 32.59 30.58 6.41
CA PHE C 190 33.16 29.30 6.77
C PHE C 190 32.78 28.28 5.70
N THR C 191 33.79 27.76 4.98
CA THR C 191 33.53 26.93 3.80
C THR C 191 34.14 25.53 3.87
N GLY C 192 34.41 25.00 5.06
CA GLY C 192 35.07 23.71 5.11
C GLY C 192 34.26 22.44 5.32
N HIS C 193 32.95 22.56 5.57
CA HIS C 193 32.09 21.39 5.66
C HIS C 193 31.66 20.88 4.30
N THR C 194 31.67 19.56 4.14
CA THR C 194 31.28 18.90 2.90
C THR C 194 29.83 18.44 2.90
N GLY C 195 29.07 18.73 3.97
CA GLY C 195 27.69 18.31 4.08
C GLY C 195 26.90 19.34 4.85
N ASP C 196 25.58 19.16 4.86
CA ASP C 196 24.70 20.10 5.55
C ASP C 196 25.07 20.20 7.02
N VAL C 197 25.20 21.42 7.51
CA VAL C 197 25.60 21.70 8.89
C VAL C 197 24.34 21.86 9.73
N MET C 198 24.10 20.89 10.62
CA MET C 198 22.86 20.87 11.40
C MET C 198 22.91 21.72 12.66
N SER C 199 24.08 21.93 13.27
CA SER C 199 24.11 22.61 14.55
C SER C 199 25.47 23.25 14.76
N LEU C 200 25.52 24.18 15.72
CA LEU C 200 26.77 24.79 16.15
C LEU C 200 26.67 25.14 17.62
N SER C 201 27.82 25.24 18.28
CA SER C 201 27.88 25.61 19.69
C SER C 201 29.09 26.50 19.92
N LEU C 202 28.88 27.63 20.58
CA LEU C 202 29.96 28.58 20.85
C LEU C 202 30.82 28.12 22.03
N ALA C 203 32.10 28.46 21.96
CA ALA C 203 33.01 28.26 23.07
C ALA C 203 32.72 29.24 24.20
N PRO C 204 33.09 28.90 25.44
CA PRO C 204 32.88 29.81 26.57
C PRO C 204 33.38 31.23 26.34
N ASP C 205 34.51 31.40 25.66
CA ASP C 205 35.06 32.73 25.42
C ASP C 205 34.55 33.36 24.13
N THR C 206 33.69 32.65 23.40
CA THR C 206 33.12 33.10 22.13
C THR C 206 34.19 33.41 21.08
N ARG C 207 35.40 32.90 21.26
CA ARG C 207 36.43 33.00 20.24
C ARG C 207 36.32 31.88 19.21
N LEU C 208 35.89 30.70 19.64
CA LEU C 208 35.80 29.52 18.79
C LEU C 208 34.40 28.95 18.86
N PHE C 209 34.07 28.09 17.90
CA PHE C 209 32.81 27.35 17.95
C PHE C 209 32.95 26.07 17.15
N VAL C 210 32.23 25.04 17.59
CA VAL C 210 32.24 23.74 16.94
C VAL C 210 30.88 23.53 16.26
N SER C 211 30.90 22.77 15.17
CA SER C 211 29.70 22.55 14.38
C SER C 211 29.58 21.08 13.99
N GLY C 212 28.38 20.52 14.17
CA GLY C 212 28.08 19.22 13.66
C GLY C 212 27.41 19.32 12.30
N ALA C 213 27.56 18.29 11.48
CA ALA C 213 27.05 18.37 10.12
C ALA C 213 26.68 16.98 9.62
N CYS C 214 26.09 16.95 8.42
CA CYS C 214 25.62 15.73 7.78
C CYS C 214 26.75 14.89 7.19
N ASP C 215 28.00 15.37 7.26
CA ASP C 215 29.14 14.61 6.79
C ASP C 215 29.70 13.69 7.87
N ALA C 216 29.00 13.57 9.00
CA ALA C 216 29.38 12.70 10.11
C ALA C 216 30.68 13.14 10.76
N SER C 217 31.01 14.42 10.65
CA SER C 217 32.20 14.99 11.23
C SER C 217 31.87 16.30 11.92
N ALA C 218 32.63 16.63 12.96
CA ALA C 218 32.53 17.90 13.65
C ALA C 218 33.80 18.70 13.38
N LYS C 219 33.64 20.02 13.27
CA LYS C 219 34.75 20.91 12.92
C LYS C 219 34.80 22.08 13.89
N LEU C 220 35.98 22.31 14.45
CA LEU C 220 36.23 23.47 15.29
C LEU C 220 36.67 24.65 14.42
N TRP C 221 35.97 25.77 14.55
CA TRP C 221 36.24 26.95 13.74
C TRP C 221 36.80 28.08 14.60
N ASP C 222 37.68 28.88 13.99
CA ASP C 222 38.12 30.15 14.56
C ASP C 222 37.20 31.24 14.05
N VAL C 223 36.58 31.99 14.95
CA VAL C 223 35.65 33.03 14.54
C VAL C 223 36.39 34.19 13.90
N ARG C 224 37.48 34.64 14.55
CA ARG C 224 38.25 35.75 14.02
C ARG C 224 38.91 35.41 12.69
N GLU C 225 39.63 34.28 12.63
CA GLU C 225 40.43 33.95 11.47
C GLU C 225 39.65 33.19 10.40
N GLY C 226 38.47 32.65 10.72
CA GLY C 226 37.61 32.03 9.74
C GLY C 226 38.14 30.82 9.00
N MET C 227 38.65 29.84 9.74
CA MET C 227 39.22 28.64 9.13
C MET C 227 38.97 27.47 10.07
N CYS C 228 38.92 26.27 9.50
CA CYS C 228 38.79 25.06 10.31
C CYS C 228 40.15 24.70 10.90
N ARG C 229 40.18 24.49 12.22
CA ARG C 229 41.40 24.10 12.89
C ARG C 229 41.52 22.58 12.98
N GLN C 230 40.59 21.93 13.68
CA GLN C 230 40.59 20.50 13.82
C GLN C 230 39.27 19.93 13.28
N THR C 231 39.31 18.65 12.90
CA THR C 231 38.13 17.94 12.41
C THR C 231 38.01 16.61 13.13
N PHE C 232 36.85 16.38 13.73
CA PHE C 232 36.59 15.18 14.52
C PHE C 232 35.64 14.26 13.76
N THR C 233 35.94 12.95 13.78
CA THR C 233 35.14 11.98 13.06
C THR C 233 34.76 10.80 13.94
N GLY C 234 34.17 9.76 13.34
CA GLY C 234 33.75 8.57 14.04
C GLY C 234 32.25 8.37 14.11
N HIS C 235 31.47 9.41 13.83
CA HIS C 235 30.01 9.24 13.75
C HIS C 235 29.61 8.53 12.47
N GLU C 236 28.60 7.68 12.57
CA GLU C 236 28.14 6.86 11.46
C GLU C 236 26.97 7.47 10.71
N SER C 237 26.45 8.61 11.15
CA SER C 237 25.35 9.27 10.46
C SER C 237 25.42 10.78 10.74
N ASP C 238 24.42 11.50 10.26
CA ASP C 238 24.37 12.95 10.42
C ASP C 238 24.43 13.33 11.89
N ILE C 239 25.13 14.42 12.17
CA ILE C 239 25.23 14.97 13.53
C ILE C 239 24.21 16.09 13.65
N ASN C 240 23.16 15.86 14.43
CA ASN C 240 22.06 16.81 14.54
C ASN C 240 22.26 17.85 15.65
N ALA C 241 23.16 17.59 16.60
CA ALA C 241 23.30 18.47 17.75
C ALA C 241 24.73 18.47 18.25
N ILE C 242 25.13 19.58 18.86
CA ILE C 242 26.47 19.72 19.40
C ILE C 242 26.40 20.68 20.59
N CYS C 243 27.20 20.41 21.62
CA CYS C 243 27.23 21.25 22.81
C CYS C 243 28.62 21.20 23.42
N PHE C 244 29.11 22.35 23.87
CA PHE C 244 30.43 22.46 24.47
C PHE C 244 30.44 21.97 25.91
N PHE C 245 31.52 21.27 26.27
CA PHE C 245 31.77 20.98 27.67
C PHE C 245 32.09 22.29 28.40
N PRO C 246 31.63 22.44 29.65
CA PRO C 246 31.75 23.75 30.33
C PRO C 246 33.10 24.45 30.23
N ASN C 247 34.22 23.73 30.30
CA ASN C 247 35.51 24.40 30.26
C ASN C 247 35.96 24.76 28.85
N GLY C 248 35.27 24.29 27.82
CA GLY C 248 35.58 24.64 26.45
C GLY C 248 36.65 23.81 25.79
N ASN C 249 37.13 22.76 26.46
CA ASN C 249 38.14 21.88 25.90
C ASN C 249 37.56 20.59 25.34
N ALA C 250 36.23 20.44 25.38
CA ALA C 250 35.57 19.24 24.92
C ALA C 250 34.17 19.59 24.45
N PHE C 251 33.58 18.69 23.66
CA PHE C 251 32.22 18.88 23.18
C PHE C 251 31.56 17.54 22.90
N ALA C 252 30.24 17.51 22.99
CA ALA C 252 29.44 16.32 22.75
C ALA C 252 28.57 16.51 21.52
N THR C 253 28.37 15.42 20.77
CA THR C 253 27.61 15.45 19.53
C THR C 253 26.47 14.43 19.56
N GLY C 254 25.26 14.90 19.25
CA GLY C 254 24.15 14.01 19.00
C GLY C 254 24.03 13.70 17.51
N SER C 255 23.54 12.49 17.20
CA SER C 255 23.55 12.04 15.81
C SER C 255 22.42 11.04 15.58
N ASP C 256 22.16 10.77 14.30
CA ASP C 256 21.17 9.79 13.87
C ASP C 256 21.64 8.36 14.07
N ASP C 257 22.88 8.14 14.49
CA ASP C 257 23.41 6.80 14.72
C ASP C 257 23.10 6.28 16.11
N ALA C 258 22.27 6.99 16.87
CA ALA C 258 21.77 6.66 18.21
C ALA C 258 22.81 6.91 19.29
N THR C 259 24.01 7.36 18.95
CA THR C 259 25.08 7.56 19.91
C THR C 259 25.37 9.03 20.11
N CYS C 260 25.83 9.36 21.32
CA CYS C 260 26.42 10.65 21.63
C CYS C 260 27.91 10.44 21.85
N ARG C 261 28.72 11.34 21.30
CA ARG C 261 30.17 11.19 21.35
C ARG C 261 30.81 12.43 21.95
N LEU C 262 31.65 12.22 22.97
CA LEU C 262 32.42 13.28 23.59
C LEU C 262 33.79 13.35 22.92
N PHE C 263 34.11 14.52 22.37
CA PHE C 263 35.41 14.75 21.74
C PHE C 263 36.23 15.73 22.56
N ASP C 264 37.54 15.54 22.59
CA ASP C 264 38.46 16.41 23.30
C ASP C 264 39.28 17.22 22.30
N LEU C 265 39.43 18.52 22.58
CA LEU C 265 40.14 19.40 21.67
C LEU C 265 41.64 19.15 21.70
N ARG C 266 42.23 19.09 22.90
CA ARG C 266 43.67 18.91 23.03
C ARG C 266 44.10 17.54 22.49
N ALA C 267 43.30 16.50 22.75
CA ALA C 267 43.65 15.17 22.27
C ALA C 267 43.30 14.98 20.81
N ASP C 268 42.45 15.84 20.24
CA ASP C 268 42.08 15.80 18.83
C ASP C 268 41.56 14.42 18.44
N GLN C 269 40.72 13.82 19.29
CA GLN C 269 40.16 12.51 19.01
C GLN C 269 38.96 12.27 19.90
N GLU C 270 38.33 11.11 19.71
CA GLU C 270 37.14 10.70 20.46
C GLU C 270 37.52 10.14 21.82
N LEU C 271 36.97 10.73 22.89
CA LEU C 271 37.21 10.22 24.23
C LEU C 271 36.25 9.07 24.57
N MET C 272 34.96 9.24 24.28
CA MET C 272 33.95 8.31 24.75
C MET C 272 32.72 8.32 23.85
N THR C 273 32.10 7.15 23.74
CA THR C 273 30.83 6.97 23.03
C THR C 273 29.74 6.61 24.03
N TYR C 274 28.63 7.33 24.00
CA TYR C 274 27.49 7.07 24.87
C TYR C 274 26.40 6.38 24.07
N SER C 275 26.18 5.10 24.35
CA SER C 275 25.14 4.33 23.68
C SER C 275 24.70 3.17 24.56
N HIS C 276 23.49 2.71 24.30
CA HIS C 276 22.90 1.59 25.02
C HIS C 276 22.09 0.74 24.06
N ASP C 277 22.18 -0.58 24.23
CA ASP C 277 21.34 -1.49 23.43
C ASP C 277 19.87 -1.16 23.64
N ASN C 278 19.08 -1.38 22.59
CA ASN C 278 17.65 -1.14 22.49
C ASN C 278 17.31 0.33 22.26
N ILE C 279 18.30 1.23 22.23
CA ILE C 279 18.08 2.62 21.87
C ILE C 279 18.53 2.76 20.42
N ILE C 280 17.58 2.67 19.49
CA ILE C 280 17.84 2.76 18.07
C ILE C 280 17.25 4.02 17.44
N CYS C 281 17.64 5.20 17.91
CA CYS C 281 16.99 6.41 17.42
C CYS C 281 17.92 7.60 17.51
N GLY C 282 17.70 8.56 16.61
CA GLY C 282 18.54 9.73 16.53
C GLY C 282 18.41 10.68 17.71
N ILE C 283 19.42 11.50 17.89
CA ILE C 283 19.48 12.51 18.96
C ILE C 283 19.29 13.88 18.33
N THR C 284 18.22 14.56 18.74
CA THR C 284 17.90 15.87 18.19
C THR C 284 18.69 16.99 18.87
N SER C 285 18.99 16.84 20.17
CA SER C 285 19.63 17.91 20.92
C SER C 285 20.51 17.31 22.00
N VAL C 286 21.57 18.04 22.34
CA VAL C 286 22.48 17.67 23.43
C VAL C 286 22.81 18.93 24.22
N SER C 287 22.91 18.77 25.54
CA SER C 287 23.36 19.86 26.39
C SER C 287 24.01 19.28 27.64
N PHE C 288 25.11 19.91 28.07
CA PHE C 288 25.76 19.53 29.32
C PHE C 288 25.10 20.21 30.51
N SER C 289 25.29 19.59 31.68
CA SER C 289 24.98 20.24 32.95
C SER C 289 26.07 21.27 33.26
N LYS C 290 25.88 22.01 34.36
CA LYS C 290 26.81 23.08 34.68
C LYS C 290 28.20 22.53 34.98
N SER C 291 28.27 21.46 35.79
CA SER C 291 29.55 20.85 36.11
C SER C 291 30.06 19.94 34.99
N GLY C 292 29.21 19.59 34.03
CA GLY C 292 29.61 18.73 32.94
C GLY C 292 29.53 17.25 33.24
N ARG C 293 29.14 16.86 34.45
CA ARG C 293 29.06 15.45 34.77
C ARG C 293 27.88 14.77 34.08
N LEU C 294 26.79 15.50 33.85
CA LEU C 294 25.60 14.96 33.21
C LEU C 294 25.48 15.51 31.79
N LEU C 295 25.28 14.61 30.84
CA LEU C 295 25.01 14.98 29.45
C LEU C 295 23.59 14.56 29.12
N LEU C 296 22.74 15.51 28.79
CA LEU C 296 21.34 15.24 28.45
C LEU C 296 21.18 15.31 26.95
N ALA C 297 20.44 14.33 26.40
CA ALA C 297 20.24 14.22 24.96
C ALA C 297 18.77 13.96 24.66
N GLY C 298 18.18 14.81 23.83
CA GLY C 298 16.83 14.58 23.34
C GLY C 298 16.86 13.54 22.22
N TYR C 299 15.87 12.65 22.25
CA TYR C 299 15.82 11.53 21.32
C TYR C 299 14.50 11.53 20.55
N ASP C 300 14.48 10.77 19.45
CA ASP C 300 13.27 10.60 18.65
C ASP C 300 12.29 9.61 19.25
N ASP C 301 12.67 8.92 20.33
CA ASP C 301 11.83 7.91 20.95
C ASP C 301 10.90 8.48 22.01
N PHE C 302 10.80 9.81 22.09
CA PHE C 302 9.96 10.63 22.95
C PHE C 302 10.61 10.87 24.30
N ASN C 303 11.78 10.29 24.57
CA ASN C 303 12.43 10.42 25.86
C ASN C 303 13.55 11.45 25.82
N CYS C 304 14.12 11.71 27.00
CA CYS C 304 15.36 12.48 27.14
C CYS C 304 16.22 11.71 28.13
N ASN C 305 17.35 11.18 27.67
CA ASN C 305 18.19 10.32 28.47
C ASN C 305 19.30 11.13 29.13
N VAL C 306 19.51 10.90 30.41
CA VAL C 306 20.54 11.57 31.19
C VAL C 306 21.74 10.65 31.29
N TRP C 307 22.86 11.04 30.67
CA TRP C 307 24.05 10.21 30.62
C TRP C 307 25.10 10.68 31.62
N ASP C 308 25.80 9.71 32.21
CA ASP C 308 26.98 10.00 33.01
C ASP C 308 28.16 10.24 32.06
N ALA C 309 28.73 11.43 32.11
CA ALA C 309 29.77 11.80 31.16
C ALA C 309 31.04 10.99 31.40
N LEU C 310 31.38 10.76 32.67
CA LEU C 310 32.62 10.05 32.99
C LEU C 310 32.46 8.54 32.90
N LYS C 311 31.34 8.01 33.39
CA LYS C 311 31.16 6.55 33.47
C LYS C 311 30.42 5.96 32.27
N ALA C 312 29.87 6.78 31.38
CA ALA C 312 29.16 6.30 30.19
C ALA C 312 27.94 5.44 30.53
N ASP C 313 27.35 5.67 31.70
CA ASP C 313 26.17 4.92 32.10
C ASP C 313 24.95 5.83 32.14
N ARG C 314 23.79 5.24 31.88
CA ARG C 314 22.53 5.97 31.94
C ARG C 314 22.09 6.12 33.39
N ALA C 315 22.01 7.37 33.86
CA ALA C 315 21.65 7.67 35.24
C ALA C 315 20.17 7.97 35.41
N GLY C 316 19.43 8.16 34.33
CA GLY C 316 18.02 8.47 34.43
C GLY C 316 17.46 8.75 33.05
N VAL C 317 16.17 9.09 33.04
CA VAL C 317 15.46 9.39 31.80
C VAL C 317 14.32 10.35 32.13
N LEU C 318 14.02 11.23 31.17
CA LEU C 318 12.88 12.14 31.28
C LEU C 318 11.96 11.86 30.10
N ALA C 319 10.79 11.30 30.39
CA ALA C 319 9.75 11.09 29.40
C ALA C 319 8.50 11.83 29.89
N GLY C 320 8.27 13.02 29.33
CA GLY C 320 7.04 13.75 29.58
C GLY C 320 6.23 13.99 28.32
N HIS C 321 6.78 13.60 27.17
CA HIS C 321 6.27 14.05 25.89
C HIS C 321 5.61 12.91 25.14
N ASP C 322 4.55 13.25 24.39
CA ASP C 322 3.87 12.29 23.54
C ASP C 322 4.52 12.13 22.17
N ASN C 323 5.35 13.09 21.76
CA ASN C 323 6.09 12.99 20.51
C ASN C 323 7.57 13.23 20.78
N ARG C 324 8.37 13.06 19.72
CA ARG C 324 9.82 13.12 19.83
C ARG C 324 10.30 14.45 20.40
N VAL C 325 11.33 14.39 21.23
CA VAL C 325 11.93 15.57 21.86
C VAL C 325 12.82 16.24 20.83
N SER C 326 12.44 17.44 20.39
CA SER C 326 13.14 18.14 19.33
C SER C 326 14.33 18.96 19.82
N CYS C 327 14.30 19.46 21.06
CA CYS C 327 15.34 20.36 21.51
C CYS C 327 15.47 20.27 23.03
N LEU C 328 16.66 20.63 23.52
CA LEU C 328 16.95 20.70 24.94
C LEU C 328 17.58 22.04 25.26
N GLY C 329 17.57 22.37 26.54
CA GLY C 329 18.31 23.52 27.03
C GLY C 329 18.57 23.38 28.51
N VAL C 330 19.67 23.96 28.96
CA VAL C 330 20.02 23.99 30.37
C VAL C 330 20.36 25.43 30.72
N THR C 331 19.80 25.92 31.83
CA THR C 331 20.04 27.29 32.23
C THR C 331 21.52 27.48 32.56
N ASP C 332 21.99 28.73 32.40
CA ASP C 332 23.39 29.02 32.70
C ASP C 332 23.73 28.73 34.16
N ASP C 333 22.76 28.90 35.08
CA ASP C 333 22.99 28.54 36.47
C ASP C 333 22.82 27.05 36.72
N GLY C 334 22.35 26.29 35.72
CA GLY C 334 22.18 24.87 35.87
C GLY C 334 21.05 24.41 36.76
N MET C 335 20.08 25.27 37.06
CA MET C 335 19.01 24.90 37.99
C MET C 335 17.95 24.02 37.34
N ALA C 336 17.70 24.19 36.04
CA ALA C 336 16.60 23.48 35.40
C ALA C 336 16.98 23.06 33.99
N VAL C 337 16.38 21.95 33.55
CA VAL C 337 16.53 21.46 32.19
C VAL C 337 15.17 21.59 31.52
N ALA C 338 15.15 22.24 30.36
CA ALA C 338 13.94 22.48 29.60
C ALA C 338 13.94 21.60 28.35
N THR C 339 12.84 20.90 28.12
CA THR C 339 12.65 20.08 26.94
C THR C 339 11.53 20.64 26.06
N GLY C 340 11.60 20.31 24.79
CA GLY C 340 10.56 20.70 23.84
C GLY C 340 10.41 19.61 22.82
N SER C 341 9.23 19.53 22.23
CA SER C 341 8.87 18.38 21.42
C SER C 341 7.83 18.78 20.38
N TRP C 342 7.47 17.80 19.54
CA TRP C 342 6.45 17.98 18.53
C TRP C 342 5.04 17.89 19.10
N ASP C 343 4.91 17.58 20.39
CA ASP C 343 3.63 17.47 21.06
C ASP C 343 3.09 18.82 21.49
N SER C 344 3.73 19.92 21.09
CA SER C 344 3.31 21.31 21.30
C SER C 344 3.61 21.77 22.72
N PHE C 345 4.16 20.92 23.58
CA PHE C 345 4.44 21.27 24.96
C PHE C 345 5.94 21.43 25.21
N LEU C 346 6.27 22.34 26.11
CA LEU C 346 7.60 22.52 26.64
C LEU C 346 7.56 22.10 28.11
N LYS C 347 8.61 21.46 28.59
CA LYS C 347 8.63 20.97 29.96
C LYS C 347 9.93 21.36 30.63
N ILE C 348 9.82 21.96 31.81
CA ILE C 348 10.97 22.37 32.60
C ILE C 348 11.21 21.29 33.65
N TRP C 349 12.33 20.59 33.54
CA TRP C 349 12.68 19.51 34.45
C TRP C 349 13.67 20.01 35.49
N ASN C 350 13.53 19.50 36.71
CA ASN C 350 14.38 19.90 37.82
C ASN C 350 15.34 18.78 38.20
N SER D 12 38.77 -16.24 23.51
CA SER D 12 38.68 -15.01 24.31
C SER D 12 38.14 -15.32 25.71
N GLU D 13 38.06 -14.28 26.55
CA GLU D 13 37.51 -14.45 27.88
C GLU D 13 36.00 -14.58 27.86
N LEU D 14 35.33 -13.90 26.91
CA LEU D 14 33.88 -14.03 26.79
C LEU D 14 33.50 -15.41 26.26
N ASP D 15 34.35 -16.00 25.41
CA ASP D 15 34.05 -17.32 24.87
C ASP D 15 34.08 -18.38 25.97
N GLN D 16 35.00 -18.25 26.91
CA GLN D 16 35.01 -19.16 28.06
C GLN D 16 33.75 -19.00 28.89
N LEU D 17 33.37 -17.75 29.20
CA LEU D 17 32.18 -17.53 30.01
C LEU D 17 30.93 -17.95 29.25
N ARG D 18 30.93 -17.85 27.92
CA ARG D 18 29.80 -18.32 27.15
C ARG D 18 29.69 -19.83 27.20
N GLN D 19 30.80 -20.53 26.95
CA GLN D 19 30.79 -21.99 26.97
C GLN D 19 30.54 -22.52 28.37
N GLU D 20 31.07 -21.85 29.39
CA GLU D 20 30.80 -22.24 30.77
C GLU D 20 29.33 -22.03 31.13
N ALA D 21 28.78 -20.88 30.75
CA ALA D 21 27.37 -20.61 31.04
C ALA D 21 26.46 -21.60 30.35
N GLU D 22 26.77 -21.93 29.09
CA GLU D 22 25.95 -22.88 28.35
C GLU D 22 26.02 -24.27 28.98
N GLN D 23 27.21 -24.72 29.38
CA GLN D 23 27.34 -26.04 30.01
C GLN D 23 26.51 -26.13 31.29
N LEU D 24 26.54 -25.07 32.12
CA LEU D 24 25.70 -25.07 33.32
C LEU D 24 24.23 -25.15 32.97
N LYS D 25 23.83 -24.53 31.85
CA LYS D 25 22.44 -24.66 31.40
C LYS D 25 22.12 -26.12 31.10
N ASN D 26 23.05 -26.85 30.49
CA ASN D 26 22.82 -28.26 30.21
C ASN D 26 22.75 -29.07 31.50
N GLN D 27 23.56 -28.69 32.49
CA GLN D 27 23.52 -29.39 33.77
C GLN D 27 22.17 -29.24 34.44
N ILE D 28 21.63 -28.02 34.44
CA ILE D 28 20.31 -27.77 35.02
C ILE D 28 19.23 -28.46 34.20
N ARG D 29 19.35 -28.43 32.88
CA ARG D 29 18.39 -29.12 32.00
C ARG D 29 18.35 -30.61 32.28
N ASP D 30 19.52 -31.23 32.46
CA ASP D 30 19.55 -32.67 32.73
C ASP D 30 19.05 -32.99 34.13
N ALA D 31 19.27 -32.09 35.09
CA ALA D 31 18.72 -32.29 36.43
C ALA D 31 17.20 -32.18 36.41
N ARG D 32 16.67 -31.28 35.58
CA ARG D 32 15.23 -31.17 35.43
C ARG D 32 14.64 -32.39 34.73
N LYS D 33 15.37 -32.97 33.78
CA LYS D 33 14.90 -34.16 33.08
C LYS D 33 14.91 -35.38 33.98
N ALA D 34 15.94 -35.52 34.83
CA ALA D 34 15.97 -36.65 35.75
C ALA D 34 14.85 -36.56 36.78
N CYS D 35 14.45 -35.34 37.15
CA CYS D 35 13.38 -35.15 38.12
C CYS D 35 12.01 -35.50 37.56
N ALA D 36 11.85 -35.50 36.24
CA ALA D 36 10.55 -35.77 35.63
C ALA D 36 10.42 -37.27 35.40
N ASP D 37 9.73 -37.94 36.32
CA ASP D 37 9.35 -39.34 36.18
C ASP D 37 8.01 -39.47 35.47
N ALA D 38 7.09 -38.53 35.72
CA ALA D 38 5.77 -38.53 35.13
C ALA D 38 5.37 -37.09 34.86
N THR D 39 4.16 -36.90 34.32
CA THR D 39 3.66 -35.59 33.96
C THR D 39 2.35 -35.31 34.68
N LEU D 40 1.97 -34.02 34.70
CA LEU D 40 0.73 -33.62 35.33
C LEU D 40 -0.47 -34.24 34.63
N SER D 41 -0.42 -34.37 33.30
CA SER D 41 -1.53 -34.96 32.56
C SER D 41 -1.72 -36.43 32.89
N GLN D 42 -0.63 -37.15 33.20
CA GLN D 42 -0.74 -38.56 33.53
C GLN D 42 -1.43 -38.77 34.88
N ILE D 43 -1.03 -37.99 35.88
CA ILE D 43 -1.56 -38.20 37.23
C ILE D 43 -2.99 -37.70 37.35
N THR D 44 -3.41 -36.74 36.52
CA THR D 44 -4.75 -36.20 36.59
C THR D 44 -5.70 -36.82 35.56
N ASN D 45 -5.23 -37.81 34.80
CA ASN D 45 -6.08 -38.42 33.78
C ASN D 45 -7.30 -39.09 34.41
N ASN D 46 -7.15 -39.68 35.59
CA ASN D 46 -8.25 -40.35 36.25
C ASN D 46 -9.17 -39.40 37.01
N ILE D 47 -8.77 -38.13 37.15
CA ILE D 47 -9.60 -37.15 37.84
C ILE D 47 -10.77 -36.77 36.95
N ASP D 48 -11.97 -36.80 37.52
CA ASP D 48 -13.16 -36.45 36.75
C ASP D 48 -13.03 -35.02 36.24
N PRO D 49 -13.17 -34.79 34.93
CA PRO D 49 -12.99 -33.45 34.39
C PRO D 49 -14.00 -32.47 34.98
N VAL D 50 -13.66 -31.18 34.90
CA VAL D 50 -14.55 -30.15 35.43
C VAL D 50 -15.87 -30.18 34.69
N GLY D 51 -15.84 -30.56 33.41
CA GLY D 51 -17.06 -30.54 32.62
C GLY D 51 -17.27 -29.19 31.98
N ARG D 52 -18.53 -28.80 31.87
CA ARG D 52 -18.90 -27.52 31.29
C ARG D 52 -19.50 -26.64 32.37
N ILE D 53 -18.79 -25.57 32.74
CA ILE D 53 -19.26 -24.63 33.73
C ILE D 53 -19.68 -23.38 32.98
N GLN D 54 -20.98 -23.11 32.95
CA GLN D 54 -21.52 -21.98 32.21
C GLN D 54 -21.46 -20.74 33.07
N MET D 55 -20.94 -19.66 32.51
CA MET D 55 -20.98 -18.36 33.16
C MET D 55 -21.78 -17.41 32.28
N ARG D 56 -22.06 -16.23 32.83
CA ARG D 56 -22.83 -15.23 32.13
C ARG D 56 -22.45 -13.86 32.65
N THR D 57 -22.61 -12.85 31.80
CA THR D 57 -22.32 -11.49 32.23
C THR D 57 -23.43 -11.04 33.17
N ARG D 58 -23.08 -10.81 34.44
CA ARG D 58 -24.07 -10.34 35.40
C ARG D 58 -24.04 -8.84 35.59
N ARG D 59 -22.97 -8.17 35.18
CA ARG D 59 -22.82 -6.74 35.37
C ARG D 59 -21.96 -6.20 34.23
N THR D 60 -22.32 -5.02 33.75
CA THR D 60 -21.56 -4.33 32.70
C THR D 60 -21.26 -2.92 33.18
N LEU D 61 -19.99 -2.63 33.42
CA LEU D 61 -19.57 -1.34 33.94
C LEU D 61 -19.31 -0.39 32.78
N ARG D 62 -20.08 0.69 32.71
CA ARG D 62 -19.97 1.66 31.64
C ARG D 62 -19.53 2.99 32.21
N GLY D 63 -19.03 3.86 31.32
CA GLY D 63 -18.51 5.15 31.71
C GLY D 63 -17.04 5.35 31.44
N HIS D 64 -16.32 4.33 30.96
CA HIS D 64 -14.97 4.51 30.48
C HIS D 64 -15.02 4.95 29.02
N LEU D 65 -14.21 5.95 28.67
CA LEU D 65 -14.28 6.55 27.35
C LEU D 65 -13.18 6.05 26.40
N ALA D 66 -12.26 5.22 26.86
CA ALA D 66 -11.18 4.76 26.00
C ALA D 66 -10.77 3.34 26.40
N LYS D 67 -9.67 2.88 25.83
CA LYS D 67 -9.13 1.55 26.09
C LYS D 67 -8.79 1.37 27.57
N ILE D 68 -9.29 0.28 28.17
CA ILE D 68 -8.96 -0.09 29.54
C ILE D 68 -7.76 -1.03 29.51
N TYR D 69 -6.63 -0.57 30.08
CA TYR D 69 -5.39 -1.35 30.04
C TYR D 69 -5.15 -2.21 31.28
N ALA D 70 -5.85 -1.97 32.40
CA ALA D 70 -5.57 -2.76 33.59
C ALA D 70 -6.78 -2.74 34.52
N MET D 71 -6.90 -3.80 35.32
CA MET D 71 -7.81 -3.87 36.45
C MET D 71 -7.20 -4.60 37.64
N HIS D 72 -7.63 -4.21 38.84
CA HIS D 72 -7.21 -4.87 40.08
C HIS D 72 -8.35 -4.82 41.09
N TRP D 73 -8.75 -5.99 41.58
CA TRP D 73 -9.80 -6.10 42.58
C TRP D 73 -9.34 -5.58 43.95
N GLY D 74 -10.32 -5.24 44.79
CA GLY D 74 -10.07 -4.95 46.19
C GLY D 74 -10.09 -6.20 47.06
N THR D 75 -9.56 -6.05 48.28
CA THR D 75 -9.52 -7.18 49.22
C THR D 75 -10.90 -7.49 49.80
N ASP D 76 -11.87 -6.59 49.66
CA ASP D 76 -13.22 -6.85 50.13
C ASP D 76 -14.08 -7.53 49.08
N SER D 77 -13.53 -7.82 47.89
CA SER D 77 -14.28 -8.45 46.81
C SER D 77 -15.50 -7.63 46.42
N ARG D 78 -15.40 -6.31 46.60
CA ARG D 78 -16.50 -5.39 46.31
C ARG D 78 -16.00 -4.27 45.40
N LEU D 79 -15.10 -3.44 45.93
CA LEU D 79 -14.50 -2.37 45.15
C LEU D 79 -13.47 -2.92 44.17
N LEU D 80 -13.34 -2.25 43.03
CA LEU D 80 -12.29 -2.57 42.07
C LEU D 80 -11.87 -1.28 41.39
N VAL D 81 -10.63 -1.27 40.88
CA VAL D 81 -10.06 -0.13 40.19
C VAL D 81 -9.85 -0.50 38.73
N SER D 82 -9.88 0.49 37.86
CA SER D 82 -9.64 0.30 36.43
C SER D 82 -8.80 1.44 35.91
N ALA D 83 -7.94 1.12 34.93
CA ALA D 83 -7.06 2.10 34.30
C ALA D 83 -7.40 2.15 32.81
N SER D 84 -7.82 3.32 32.35
CA SER D 84 -8.17 3.51 30.96
C SER D 84 -7.24 4.53 30.31
N GLN D 85 -7.17 4.47 28.98
CA GLN D 85 -6.25 5.30 28.22
C GLN D 85 -6.84 6.68 27.93
N ASP D 86 -8.05 6.96 28.41
CA ASP D 86 -8.58 8.31 28.43
C ASP D 86 -7.91 9.21 29.47
N GLY D 87 -7.08 8.63 30.34
CA GLY D 87 -6.42 9.41 31.37
C GLY D 87 -7.16 9.43 32.70
N LYS D 88 -8.01 8.44 32.95
CA LYS D 88 -8.85 8.41 34.13
C LYS D 88 -8.71 7.06 34.84
N LEU D 89 -8.69 7.11 36.17
CA LEU D 89 -8.86 5.94 37.01
C LEU D 89 -10.25 6.00 37.62
N ILE D 90 -10.99 4.89 37.55
CA ILE D 90 -12.33 4.82 38.11
C ILE D 90 -12.38 3.66 39.09
N ILE D 91 -12.73 3.96 40.33
CA ILE D 91 -12.99 2.92 41.33
C ILE D 91 -14.48 2.58 41.24
N TRP D 92 -14.78 1.31 41.02
CA TRP D 92 -16.15 0.87 40.84
C TRP D 92 -16.63 0.12 42.08
N ASP D 93 -17.91 0.29 42.38
CA ASP D 93 -18.61 -0.60 43.29
C ASP D 93 -19.25 -1.68 42.42
N SER D 94 -18.70 -2.89 42.48
CA SER D 94 -19.12 -3.93 41.55
C SER D 94 -20.53 -4.40 41.81
N TYR D 95 -21.01 -4.22 43.05
CA TYR D 95 -22.37 -4.65 43.39
C TYR D 95 -23.40 -3.67 42.83
N THR D 96 -23.22 -2.37 43.08
CA THR D 96 -24.18 -1.36 42.66
C THR D 96 -23.81 -0.69 41.34
N THR D 97 -22.66 -1.01 40.75
CA THR D 97 -22.14 -0.39 39.53
C THR D 97 -21.99 1.12 39.69
N ASN D 98 -21.92 1.61 40.92
CA ASN D 98 -21.69 3.02 41.19
C ASN D 98 -20.21 3.35 41.11
N LYS D 99 -19.89 4.49 40.50
CA LYS D 99 -18.52 4.97 40.47
C LYS D 99 -18.17 5.56 41.82
N VAL D 100 -17.20 4.96 42.50
CA VAL D 100 -16.79 5.46 43.81
C VAL D 100 -15.88 6.67 43.66
N HIS D 101 -14.89 6.58 42.78
CA HIS D 101 -13.95 7.67 42.57
C HIS D 101 -13.56 7.73 41.10
N ALA D 102 -13.30 8.95 40.63
CA ALA D 102 -12.74 9.18 39.30
C ALA D 102 -11.53 10.11 39.44
N ILE D 103 -10.34 9.58 39.19
CA ILE D 103 -9.10 10.31 39.42
C ILE D 103 -8.47 10.63 38.06
N PRO D 104 -8.39 11.90 37.68
CA PRO D 104 -7.67 12.25 36.44
C PRO D 104 -6.17 12.01 36.55
N LEU D 105 -5.61 11.42 35.50
CA LEU D 105 -4.19 11.09 35.44
C LEU D 105 -3.44 12.12 34.59
N ARG D 106 -2.23 12.48 35.04
CA ARG D 106 -1.43 13.44 34.28
C ARG D 106 -0.92 12.86 32.97
N SER D 107 -0.84 11.54 32.84
CA SER D 107 -0.41 10.90 31.61
C SER D 107 -1.53 10.02 31.06
N SER D 108 -1.95 10.31 29.84
CA SER D 108 -3.02 9.56 29.20
C SER D 108 -2.62 8.12 28.90
N TRP D 109 -1.34 7.82 28.88
CA TRP D 109 -0.82 6.47 28.65
C TRP D 109 -0.52 5.79 29.99
N VAL D 110 -1.34 4.80 30.34
CA VAL D 110 -1.29 4.15 31.64
C VAL D 110 -1.40 2.64 31.41
N MET D 111 -0.37 1.89 31.81
CA MET D 111 -0.32 0.47 31.56
C MET D 111 -0.67 -0.41 32.77
N THR D 112 -0.88 0.16 33.95
CA THR D 112 -1.13 -0.69 35.11
C THR D 112 -1.85 0.08 36.21
N CYS D 113 -2.49 -0.68 37.10
CA CYS D 113 -3.11 -0.13 38.29
C CYS D 113 -3.09 -1.20 39.38
N ALA D 114 -3.15 -0.75 40.63
CA ALA D 114 -3.10 -1.66 41.77
C ALA D 114 -3.94 -1.09 42.90
N TYR D 115 -4.53 -1.97 43.70
CA TYR D 115 -5.38 -1.59 44.82
C TYR D 115 -4.75 -2.14 46.10
N ALA D 116 -4.38 -1.24 47.00
CA ALA D 116 -3.73 -1.64 48.24
C ALA D 116 -4.61 -2.59 49.04
N PRO D 117 -4.04 -3.58 49.72
CA PRO D 117 -4.87 -4.53 50.47
C PRO D 117 -5.68 -3.88 51.59
N SER D 118 -5.19 -2.78 52.17
CA SER D 118 -5.94 -2.08 53.19
C SER D 118 -7.09 -1.27 52.61
N GLY D 119 -7.03 -0.93 51.32
CA GLY D 119 -8.05 -0.14 50.67
C GLY D 119 -7.88 1.35 50.84
N ASN D 120 -6.83 1.80 51.52
CA ASN D 120 -6.58 3.23 51.69
C ASN D 120 -5.91 3.86 50.48
N TYR D 121 -5.14 3.09 49.71
CA TYR D 121 -4.33 3.63 48.63
C TYR D 121 -4.55 2.85 47.33
N VAL D 122 -4.27 3.52 46.22
CA VAL D 122 -4.32 2.93 44.88
C VAL D 122 -3.16 3.49 44.06
N ALA D 123 -2.55 2.64 43.25
CA ALA D 123 -1.41 3.03 42.43
C ALA D 123 -1.72 2.85 40.95
N CYS D 124 -0.96 3.55 40.12
CA CYS D 124 -1.08 3.44 38.66
C CYS D 124 0.23 3.89 38.04
N GLY D 125 0.43 3.51 36.79
CA GLY D 125 1.64 3.89 36.08
C GLY D 125 1.57 3.49 34.62
N GLY D 126 2.61 3.86 33.89
CA GLY D 126 2.61 3.71 32.44
C GLY D 126 3.83 4.33 31.81
N LEU D 127 3.66 4.80 30.57
CA LEU D 127 4.77 5.37 29.81
C LEU D 127 5.39 6.59 30.48
N ASP D 128 4.75 7.13 31.52
CA ASP D 128 5.33 8.23 32.28
C ASP D 128 6.48 7.79 33.18
N ASN D 129 6.74 6.48 33.29
CA ASN D 129 7.83 5.94 34.10
C ASN D 129 7.71 6.33 35.58
N ILE D 130 6.48 6.51 36.05
CA ILE D 130 6.22 6.99 37.40
C ILE D 130 5.15 6.10 38.02
N CYS D 131 5.39 5.66 39.26
CA CYS D 131 4.38 4.96 40.05
C CYS D 131 3.74 5.97 40.99
N SER D 132 2.47 6.27 40.76
CA SER D 132 1.76 7.29 41.53
C SER D 132 0.89 6.61 42.58
N ILE D 133 1.11 6.96 43.84
CA ILE D 133 0.34 6.43 44.97
C ILE D 133 -0.73 7.45 45.32
N TYR D 134 -1.99 7.06 45.24
CA TYR D 134 -3.12 7.94 45.50
C TYR D 134 -3.76 7.61 46.84
N ASN D 135 -3.95 8.63 47.67
CA ASN D 135 -4.60 8.48 48.97
C ASN D 135 -6.10 8.65 48.84
N LEU D 136 -6.85 7.66 49.33
CA LEU D 136 -8.30 7.64 49.21
C LEU D 136 -8.99 8.22 50.44
N LYS D 137 -8.23 8.63 51.46
CA LYS D 137 -8.82 9.17 52.68
C LYS D 137 -8.32 10.59 52.94
N VAL D 145 -2.51 13.68 44.00
CA VAL D 145 -1.37 12.77 44.04
C VAL D 145 -0.70 12.83 45.41
N SER D 146 -0.27 11.69 45.92
CA SER D 146 0.51 11.63 47.16
C SER D 146 1.99 11.48 46.88
N ARG D 147 2.39 10.37 46.27
CA ARG D 147 3.78 10.11 45.96
C ARG D 147 3.94 9.85 44.47
N GLU D 148 5.06 10.30 43.91
CA GLU D 148 5.47 9.91 42.57
C GLU D 148 6.81 9.20 42.68
N LEU D 149 6.82 7.91 42.38
CA LEU D 149 8.01 7.08 42.53
C LEU D 149 8.77 7.06 41.21
N ALA D 150 9.92 7.73 41.18
CA ALA D 150 10.72 7.85 39.98
C ALA D 150 12.02 7.06 40.15
N GLY D 151 12.81 7.04 39.10
CA GLY D 151 14.08 6.33 39.09
C GLY D 151 14.08 5.09 38.22
N HIS D 152 12.91 4.61 37.80
CA HIS D 152 12.86 3.55 36.81
C HIS D 152 13.20 4.10 35.45
N THR D 153 14.17 3.46 34.78
CA THR D 153 14.63 3.95 33.50
C THR D 153 13.74 3.50 32.35
N GLY D 154 12.92 2.47 32.57
CA GLY D 154 11.93 2.02 31.62
C GLY D 154 10.51 2.36 32.04
N TYR D 155 9.58 2.04 31.14
CA TYR D 155 8.17 2.28 31.42
C TYR D 155 7.70 1.33 32.53
N LEU D 156 6.64 1.75 33.24
CA LEU D 156 6.13 0.99 34.37
C LEU D 156 5.04 0.04 33.86
N SER D 157 5.35 -1.26 33.84
CA SER D 157 4.44 -2.27 33.32
C SER D 157 3.44 -2.77 34.36
N CYS D 158 3.84 -2.91 35.61
CA CYS D 158 2.96 -3.48 36.63
C CYS D 158 3.40 -3.02 38.02
N CYS D 159 2.46 -3.06 38.95
CA CYS D 159 2.75 -2.75 40.35
C CYS D 159 1.74 -3.46 41.25
N ARG D 160 2.21 -3.85 42.44
CA ARG D 160 1.38 -4.52 43.43
C ARG D 160 1.78 -4.05 44.82
N PHE D 161 0.79 -3.71 45.65
CA PHE D 161 1.05 -3.26 47.00
C PHE D 161 1.38 -4.41 47.93
N LEU D 162 2.51 -4.30 48.63
CA LEU D 162 2.74 -5.17 49.78
C LEU D 162 1.94 -4.70 50.99
N ASP D 163 2.01 -3.40 51.27
CA ASP D 163 1.18 -2.76 52.29
C ASP D 163 1.08 -1.28 51.93
N ASP D 164 0.58 -0.47 52.86
CA ASP D 164 0.44 0.96 52.60
C ASP D 164 1.78 1.64 52.43
N ASN D 165 2.84 1.11 53.05
CA ASN D 165 4.17 1.70 52.99
C ASN D 165 5.08 1.06 51.96
N GLN D 166 4.69 -0.05 51.34
CA GLN D 166 5.55 -0.77 50.41
C GLN D 166 4.78 -1.19 49.17
N ILE D 167 5.41 -1.03 48.02
CA ILE D 167 4.84 -1.43 46.74
C ILE D 167 5.95 -1.97 45.87
N VAL D 168 5.65 -3.04 45.12
CA VAL D 168 6.61 -3.70 44.25
C VAL D 168 6.20 -3.41 42.80
N THR D 169 7.15 -2.94 42.01
CA THR D 169 6.90 -2.53 40.64
C THR D 169 7.79 -3.30 39.68
N SER D 170 7.38 -3.31 38.42
CA SER D 170 8.15 -3.88 37.33
C SER D 170 8.24 -2.85 36.22
N SER D 171 9.33 -2.90 35.45
CA SER D 171 9.59 -1.85 34.49
C SER D 171 10.25 -2.42 33.24
N GLY D 172 10.22 -1.62 32.18
CA GLY D 172 10.85 -1.96 30.91
C GLY D 172 12.35 -1.87 30.92
N ASP D 173 12.95 -1.47 32.04
CA ASP D 173 14.40 -1.38 32.18
C ASP D 173 15.00 -2.71 32.63
N THR D 174 14.21 -3.78 32.66
CA THR D 174 14.56 -5.16 32.95
C THR D 174 14.67 -5.42 34.45
N THR D 175 14.46 -4.41 35.29
CA THR D 175 14.57 -4.56 36.73
C THR D 175 13.21 -4.39 37.40
N CYS D 176 12.99 -5.16 38.46
CA CYS D 176 11.88 -4.92 39.38
C CYS D 176 12.38 -4.04 40.54
N ALA D 177 11.47 -3.64 41.42
CA ALA D 177 11.87 -2.79 42.53
C ALA D 177 10.90 -2.93 43.70
N LEU D 178 11.43 -2.80 44.90
CA LEU D 178 10.65 -2.62 46.12
C LEU D 178 10.76 -1.16 46.55
N TRP D 179 9.60 -0.53 46.76
CA TRP D 179 9.56 0.90 47.05
C TRP D 179 9.11 1.14 48.48
N ASP D 180 9.66 2.17 49.11
CA ASP D 180 9.14 2.71 50.36
C ASP D 180 8.25 3.90 50.00
N ILE D 181 6.94 3.74 50.20
CA ILE D 181 5.98 4.74 49.76
C ILE D 181 6.09 6.01 50.61
N GLU D 182 6.37 5.85 51.91
CA GLU D 182 6.46 7.01 52.80
C GLU D 182 7.48 8.03 52.29
N THR D 183 8.72 7.60 52.08
CA THR D 183 9.81 8.42 51.55
C THR D 183 10.87 7.46 51.03
N GLY D 184 11.91 8.03 50.43
CA GLY D 184 12.99 7.20 49.91
C GLY D 184 12.53 6.48 48.66
N GLN D 185 13.40 5.64 48.13
CA GLN D 185 13.09 4.85 46.94
C GLN D 185 13.95 3.61 46.88
N GLN D 186 13.42 2.61 46.17
CA GLN D 186 14.14 1.41 45.76
C GLN D 186 14.94 0.80 46.90
N THR D 187 14.18 0.26 47.86
CA THR D 187 14.80 -0.43 48.99
C THR D 187 15.63 -1.61 48.51
N THR D 188 15.10 -2.37 47.55
CA THR D 188 15.78 -3.52 46.98
C THR D 188 15.59 -3.52 45.47
N THR D 189 16.69 -3.55 44.72
CA THR D 189 16.64 -3.58 43.27
C THR D 189 16.87 -5.01 42.78
N PHE D 190 15.99 -5.48 41.89
CA PHE D 190 16.03 -6.84 41.36
C PHE D 190 16.54 -6.80 39.92
N THR D 191 17.70 -7.38 39.68
CA THR D 191 18.34 -7.37 38.37
C THR D 191 18.59 -8.79 37.89
N GLY D 192 18.90 -8.92 36.61
CA GLY D 192 19.14 -10.21 35.98
C GLY D 192 18.16 -10.60 34.88
N HIS D 193 17.10 -9.83 34.64
CA HIS D 193 16.28 -10.03 33.45
C HIS D 193 16.95 -9.37 32.25
N THR D 194 16.93 -10.07 31.12
CA THR D 194 17.52 -9.57 29.89
C THR D 194 16.50 -8.90 28.98
N GLY D 195 15.25 -8.75 29.43
CA GLY D 195 14.23 -8.14 28.62
C GLY D 195 13.22 -7.39 29.49
N ASP D 196 12.33 -6.66 28.82
CA ASP D 196 11.31 -5.88 29.51
C ASP D 196 10.45 -6.78 30.39
N VAL D 197 10.22 -6.35 31.63
CA VAL D 197 9.44 -7.12 32.59
C VAL D 197 7.98 -6.66 32.48
N MET D 198 7.13 -7.54 31.95
CA MET D 198 5.76 -7.17 31.64
C MET D 198 4.79 -7.28 32.80
N SER D 199 5.02 -8.19 33.75
CA SER D 199 4.04 -8.45 34.79
C SER D 199 4.72 -9.04 36.01
N LEU D 200 4.02 -8.99 37.14
CA LEU D 200 4.49 -9.61 38.38
C LEU D 200 3.28 -10.06 39.20
N SER D 201 3.50 -11.05 40.06
CA SER D 201 2.47 -11.54 40.97
C SER D 201 3.14 -11.90 42.30
N LEU D 202 2.58 -11.41 43.39
CA LEU D 202 3.12 -11.67 44.72
C LEU D 202 2.75 -13.06 45.22
N ALA D 203 3.63 -13.64 46.02
CA ALA D 203 3.32 -14.87 46.73
C ALA D 203 2.30 -14.60 47.85
N PRO D 204 1.52 -15.60 48.25
CA PRO D 204 0.54 -15.39 49.33
C PRO D 204 1.10 -14.75 50.59
N ASP D 205 2.31 -15.11 50.99
CA ASP D 205 2.92 -14.58 52.20
C ASP D 205 3.74 -13.31 51.97
N THR D 206 3.80 -12.83 50.73
CA THR D 206 4.56 -11.64 50.33
C THR D 206 6.04 -11.75 50.65
N ARG D 207 6.55 -12.97 50.82
CA ARG D 207 7.99 -13.16 50.98
C ARG D 207 8.70 -13.21 49.63
N LEU D 208 8.05 -13.78 48.62
CA LEU D 208 8.63 -13.96 47.30
C LEU D 208 7.67 -13.40 46.26
N PHE D 209 8.18 -13.18 45.05
CA PHE D 209 7.34 -12.83 43.92
C PHE D 209 8.02 -13.26 42.63
N VAL D 210 7.21 -13.60 41.64
CA VAL D 210 7.70 -14.06 40.34
C VAL D 210 7.40 -12.98 39.31
N SER D 211 8.24 -12.93 38.27
CA SER D 211 8.09 -11.91 37.24
C SER D 211 8.26 -12.53 35.87
N GLY D 212 7.32 -12.21 34.97
CA GLY D 212 7.46 -12.56 33.57
C GLY D 212 8.06 -11.42 32.78
N ALA D 213 8.72 -11.75 31.68
CA ALA D 213 9.43 -10.73 30.91
C ALA D 213 9.48 -11.10 29.45
N CYS D 214 9.99 -10.16 28.64
CA CYS D 214 10.10 -10.31 27.20
C CYS D 214 11.25 -11.22 26.78
N ASP D 215 12.03 -11.72 27.74
CA ASP D 215 13.11 -12.65 27.46
C ASP D 215 12.63 -14.09 27.43
N ALA D 216 11.30 -14.30 27.48
CA ALA D 216 10.68 -15.62 27.43
C ALA D 216 11.03 -16.47 28.64
N SER D 217 11.33 -15.81 29.76
CA SER D 217 11.66 -16.50 31.00
C SER D 217 10.93 -15.86 32.17
N ALA D 218 10.62 -16.68 33.18
CA ALA D 218 10.05 -16.22 34.43
C ALA D 218 11.08 -16.43 35.54
N LYS D 219 11.10 -15.52 36.51
CA LYS D 219 12.10 -15.56 37.56
C LYS D 219 11.45 -15.42 38.92
N LEU D 220 11.79 -16.33 39.84
CA LEU D 220 11.36 -16.27 41.23
C LEU D 220 12.33 -15.41 42.03
N TRP D 221 11.83 -14.38 42.70
CA TRP D 221 12.66 -13.45 43.44
C TRP D 221 12.39 -13.55 44.94
N ASP D 222 13.45 -13.33 45.72
CA ASP D 222 13.34 -13.12 47.16
C ASP D 222 13.20 -11.63 47.42
N VAL D 223 12.11 -11.24 48.08
CA VAL D 223 11.89 -9.82 48.35
C VAL D 223 12.83 -9.33 49.43
N ARG D 224 12.95 -10.09 50.52
CA ARG D 224 13.81 -9.68 51.62
C ARG D 224 15.28 -9.68 51.21
N GLU D 225 15.75 -10.77 50.60
CA GLU D 225 17.17 -10.92 50.29
C GLU D 225 17.56 -10.33 48.94
N GLY D 226 16.59 -9.98 48.10
CA GLY D 226 16.88 -9.30 46.86
C GLY D 226 17.74 -10.06 45.87
N MET D 227 17.36 -11.30 45.58
CA MET D 227 18.12 -12.15 44.68
C MET D 227 17.17 -13.05 43.92
N CYS D 228 17.60 -13.44 42.72
CA CYS D 228 16.84 -14.42 41.93
C CYS D 228 17.17 -15.82 42.46
N ARG D 229 16.12 -16.58 42.77
CA ARG D 229 16.33 -17.95 43.23
C ARG D 229 16.31 -18.94 42.07
N GLN D 230 15.17 -19.04 41.38
CA GLN D 230 15.01 -19.95 40.27
C GLN D 230 14.64 -19.16 39.02
N THR D 231 14.93 -19.77 37.86
CA THR D 231 14.58 -19.19 36.56
C THR D 231 13.88 -20.25 35.75
N PHE D 232 12.67 -19.94 35.27
CA PHE D 232 11.85 -20.87 34.53
C PHE D 232 11.79 -20.47 33.06
N THR D 233 11.93 -21.44 32.18
CA THR D 233 11.96 -21.18 30.74
C THR D 233 10.99 -22.09 29.99
N GLY D 234 11.06 -22.06 28.66
CA GLY D 234 10.22 -22.86 27.81
C GLY D 234 9.22 -22.07 27.00
N HIS D 235 8.97 -20.83 27.35
CA HIS D 235 8.11 -19.97 26.53
C HIS D 235 8.85 -19.53 25.27
N GLU D 236 8.13 -19.48 24.15
CA GLU D 236 8.72 -19.16 22.87
C GLU D 236 8.60 -17.69 22.49
N SER D 237 7.95 -16.87 23.32
CA SER D 237 7.84 -15.44 23.04
C SER D 237 7.70 -14.70 24.38
N ASP D 238 7.44 -13.40 24.28
CA ASP D 238 7.33 -12.56 25.48
C ASP D 238 6.27 -13.08 26.43
N ILE D 239 6.53 -12.98 27.72
CA ILE D 239 5.59 -13.34 28.77
C ILE D 239 4.90 -12.07 29.22
N ASN D 240 3.62 -11.93 28.87
CA ASN D 240 2.88 -10.70 29.16
C ASN D 240 2.18 -10.73 30.51
N ALA D 241 2.02 -11.90 31.12
CA ALA D 241 1.26 -12.03 32.35
C ALA D 241 1.80 -13.18 33.18
N ILE D 242 1.63 -13.07 34.50
CA ILE D 242 2.06 -14.10 35.43
C ILE D 242 1.14 -14.06 36.63
N CYS D 243 0.84 -15.23 37.18
CA CYS D 243 -0.05 -15.33 38.33
C CYS D 243 0.33 -16.54 39.17
N PHE D 244 0.31 -16.35 40.49
CA PHE D 244 0.66 -17.42 41.43
C PHE D 244 -0.49 -18.39 41.63
N PHE D 245 -0.14 -19.68 41.73
CA PHE D 245 -1.10 -20.68 42.17
C PHE D 245 -1.44 -20.42 43.64
N PRO D 246 -2.70 -20.61 44.04
CA PRO D 246 -3.13 -20.22 45.40
C PRO D 246 -2.21 -20.64 46.55
N ASN D 247 -1.59 -21.83 46.48
CA ASN D 247 -0.75 -22.27 47.57
C ASN D 247 0.66 -21.66 47.53
N GLY D 248 1.02 -20.98 46.45
CA GLY D 248 2.30 -20.32 46.36
C GLY D 248 3.44 -21.20 45.90
N ASN D 249 3.15 -22.45 45.53
CA ASN D 249 4.15 -23.39 45.05
C ASN D 249 4.23 -23.48 43.53
N ALA D 250 3.36 -22.75 42.82
CA ALA D 250 3.32 -22.81 41.37
C ALA D 250 2.80 -21.49 40.83
N PHE D 251 3.02 -21.26 39.53
CA PHE D 251 2.52 -20.07 38.86
C PHE D 251 2.28 -20.36 37.39
N ALA D 252 1.35 -19.62 36.81
CA ALA D 252 0.99 -19.74 35.41
C ALA D 252 1.36 -18.47 34.65
N THR D 253 1.78 -18.63 33.40
CA THR D 253 2.24 -17.52 32.57
C THR D 253 1.46 -17.46 31.27
N GLY D 254 0.92 -16.29 30.94
CA GLY D 254 0.40 -16.02 29.62
C GLY D 254 1.48 -15.40 28.76
N SER D 255 1.41 -15.64 27.45
CA SER D 255 2.49 -15.23 26.56
C SER D 255 1.97 -14.95 25.16
N ASP D 256 2.80 -14.28 24.37
CA ASP D 256 2.50 -13.98 22.97
C ASP D 256 2.60 -15.19 22.06
N ASP D 257 3.03 -16.34 22.58
CA ASP D 257 3.15 -17.57 21.81
C ASP D 257 1.85 -18.37 21.76
N ALA D 258 0.75 -17.78 22.25
CA ALA D 258 -0.61 -18.30 22.24
C ALA D 258 -0.81 -19.35 23.34
N THR D 259 0.23 -19.66 24.12
CA THR D 259 0.14 -20.71 25.14
C THR D 259 0.20 -20.10 26.53
N CYS D 260 -0.48 -20.78 27.47
CA CYS D 260 -0.31 -20.54 28.89
C CYS D 260 0.39 -21.74 29.49
N ARG D 261 1.37 -21.49 30.35
CA ARG D 261 2.18 -22.57 30.91
C ARG D 261 2.23 -22.50 32.42
N LEU D 262 1.91 -23.62 33.06
CA LEU D 262 1.98 -23.75 34.52
C LEU D 262 3.37 -24.29 34.90
N PHE D 263 4.07 -23.53 35.73
CA PHE D 263 5.39 -23.92 36.24
C PHE D 263 5.29 -24.20 37.73
N ASP D 264 6.06 -25.18 38.20
CA ASP D 264 6.11 -25.51 39.61
C ASP D 264 7.45 -25.09 40.20
N LEU D 265 7.40 -24.50 41.40
CA LEU D 265 8.60 -23.96 42.03
C LEU D 265 9.51 -25.07 42.53
N ARG D 266 8.94 -26.03 43.27
CA ARG D 266 9.75 -27.12 43.82
C ARG D 266 10.32 -28.00 42.71
N ALA D 267 9.54 -28.25 41.65
CA ALA D 267 10.02 -29.07 40.56
C ALA D 267 10.92 -28.30 39.62
N ASP D 268 10.87 -26.96 39.68
CA ASP D 268 11.75 -26.10 38.88
C ASP D 268 11.69 -26.43 37.40
N GLN D 269 10.49 -26.66 36.89
CA GLN D 269 10.31 -26.96 35.47
C GLN D 269 8.86 -26.75 35.10
N GLU D 270 8.57 -26.94 33.81
CA GLU D 270 7.23 -26.76 33.25
C GLU D 270 6.40 -28.01 33.52
N LEU D 271 5.27 -27.84 34.20
CA LEU D 271 4.37 -28.96 34.45
C LEU D 271 3.42 -29.20 33.27
N MET D 272 2.83 -28.14 32.74
CA MET D 272 1.77 -28.30 31.76
C MET D 272 1.71 -27.08 30.84
N THR D 273 1.34 -27.34 29.59
CA THR D 273 1.13 -26.31 28.58
C THR D 273 -0.35 -26.27 28.22
N TYR D 274 -0.93 -25.08 28.29
CA TYR D 274 -2.34 -24.87 27.91
C TYR D 274 -2.36 -24.19 26.55
N SER D 275 -2.75 -24.94 25.52
CA SER D 275 -2.81 -24.39 24.17
C SER D 275 -3.81 -25.17 23.33
N HIS D 276 -4.25 -24.52 22.25
CA HIS D 276 -5.22 -25.09 21.32
C HIS D 276 -4.83 -24.71 19.90
N ASP D 277 -5.04 -25.65 18.97
CA ASP D 277 -4.76 -25.38 17.55
C ASP D 277 -5.48 -24.15 17.03
N ASN D 278 -6.68 -23.87 17.55
CA ASN D 278 -7.48 -22.76 17.04
C ASN D 278 -7.28 -21.44 17.79
N ILE D 279 -6.50 -21.42 18.87
CA ILE D 279 -6.17 -20.19 19.56
C ILE D 279 -4.76 -19.79 19.17
N ILE D 280 -4.65 -18.89 18.19
CA ILE D 280 -3.35 -18.42 17.72
C ILE D 280 -3.18 -16.93 18.06
N CYS D 281 -3.13 -16.59 19.35
CA CYS D 281 -3.05 -15.18 19.72
C CYS D 281 -2.46 -15.07 21.12
N GLY D 282 -1.84 -13.92 21.38
CA GLY D 282 -1.19 -13.70 22.65
C GLY D 282 -2.14 -13.60 23.83
N ILE D 283 -1.61 -13.85 25.02
CA ILE D 283 -2.36 -13.81 26.26
C ILE D 283 -1.91 -12.58 27.05
N THR D 284 -2.87 -11.67 27.30
CA THR D 284 -2.57 -10.43 28.01
C THR D 284 -2.55 -10.62 29.51
N SER D 285 -3.39 -11.51 30.04
CA SER D 285 -3.56 -11.65 31.47
C SER D 285 -3.91 -13.08 31.81
N VAL D 286 -3.51 -13.51 33.01
CA VAL D 286 -3.84 -14.82 33.56
C VAL D 286 -4.26 -14.65 35.01
N SER D 287 -5.25 -15.43 35.44
CA SER D 287 -5.65 -15.44 36.84
C SER D 287 -6.25 -16.80 37.17
N PHE D 288 -5.91 -17.31 38.36
CA PHE D 288 -6.47 -18.55 38.87
C PHE D 288 -7.81 -18.29 39.56
N SER D 289 -8.62 -19.35 39.63
CA SER D 289 -9.79 -19.36 40.49
C SER D 289 -9.35 -19.55 41.94
N LYS D 290 -10.30 -19.51 42.87
CA LYS D 290 -9.96 -19.58 44.28
C LYS D 290 -9.30 -20.92 44.62
N SER D 291 -9.86 -22.03 44.14
CA SER D 291 -9.28 -23.33 44.39
C SER D 291 -8.09 -23.64 43.49
N GLY D 292 -7.89 -22.87 42.43
CA GLY D 292 -6.79 -23.10 41.51
C GLY D 292 -7.06 -24.11 40.43
N ARG D 293 -8.26 -24.70 40.40
CA ARG D 293 -8.57 -25.69 39.38
C ARG D 293 -8.78 -25.04 38.02
N LEU D 294 -9.26 -23.80 37.99
CA LEU D 294 -9.52 -23.09 36.74
C LEU D 294 -8.46 -22.02 36.53
N LEU D 295 -7.90 -21.99 35.33
CA LEU D 295 -6.95 -20.95 34.93
C LEU D 295 -7.60 -20.10 33.86
N LEU D 296 -7.75 -18.81 34.16
CA LEU D 296 -8.40 -17.87 33.25
C LEU D 296 -7.35 -17.06 32.53
N ALA D 297 -7.53 -16.90 31.21
CA ALA D 297 -6.56 -16.17 30.39
C ALA D 297 -7.30 -15.23 29.46
N GLY D 298 -6.94 -13.94 29.52
CA GLY D 298 -7.43 -12.98 28.54
C GLY D 298 -6.62 -13.08 27.26
N TYR D 299 -7.32 -13.00 26.14
CA TYR D 299 -6.69 -13.19 24.83
C TYR D 299 -6.92 -11.97 23.94
N ASP D 300 -6.11 -11.87 22.89
CA ASP D 300 -6.24 -10.81 21.90
C ASP D 300 -7.37 -11.06 20.90
N ASP D 301 -7.98 -12.24 20.93
CA ASP D 301 -9.01 -12.62 19.97
C ASP D 301 -10.40 -12.21 20.42
N PHE D 302 -10.49 -11.40 21.48
CA PHE D 302 -11.68 -10.80 22.10
C PHE D 302 -12.32 -11.76 23.09
N ASN D 303 -11.83 -12.99 23.23
CA ASN D 303 -12.43 -13.97 24.12
C ASN D 303 -11.60 -14.09 25.40
N CYS D 304 -12.11 -14.89 26.34
CA CYS D 304 -11.37 -15.30 27.53
C CYS D 304 -11.62 -16.78 27.72
N ASN D 305 -10.56 -17.58 27.61
CA ASN D 305 -10.68 -19.03 27.67
C ASN D 305 -10.45 -19.54 29.09
N VAL D 306 -11.32 -20.44 29.52
CA VAL D 306 -11.26 -21.03 30.85
C VAL D 306 -10.58 -22.39 30.72
N TRP D 307 -9.40 -22.52 31.31
CA TRP D 307 -8.61 -23.74 31.19
C TRP D 307 -8.77 -24.59 32.46
N ASP D 308 -8.81 -25.89 32.27
CA ASP D 308 -8.70 -26.82 33.38
C ASP D 308 -7.22 -26.95 33.73
N ALA D 309 -6.86 -26.59 34.95
CA ALA D 309 -5.45 -26.54 35.32
C ALA D 309 -4.85 -27.94 35.35
N LEU D 310 -5.61 -28.93 35.79
CA LEU D 310 -5.09 -30.29 35.90
C LEU D 310 -5.14 -31.04 34.57
N LYS D 311 -6.22 -30.90 33.81
CA LYS D 311 -6.39 -31.69 32.60
C LYS D 311 -5.98 -30.99 31.30
N ALA D 312 -5.67 -29.69 31.34
CA ALA D 312 -5.23 -28.93 30.17
C ALA D 312 -6.27 -28.90 29.05
N ASP D 313 -7.56 -29.01 29.40
CA ASP D 313 -8.62 -28.95 28.41
C ASP D 313 -9.42 -27.67 28.58
N ARG D 314 -10.00 -27.20 27.49
CA ARG D 314 -10.81 -25.98 27.51
C ARG D 314 -12.16 -26.29 28.16
N ALA D 315 -12.45 -25.65 29.28
CA ALA D 315 -13.70 -25.87 29.99
C ALA D 315 -14.78 -24.86 29.65
N GLY D 316 -14.43 -23.77 28.96
CA GLY D 316 -15.41 -22.77 28.63
C GLY D 316 -14.75 -21.58 27.95
N VAL D 317 -15.57 -20.56 27.70
CA VAL D 317 -15.11 -19.33 27.08
C VAL D 317 -16.02 -18.21 27.54
N LEU D 318 -15.44 -17.02 27.68
CA LEU D 318 -16.20 -15.80 27.99
C LEU D 318 -15.93 -14.82 26.87
N ALA D 319 -16.96 -14.56 26.05
CA ALA D 319 -16.90 -13.53 25.01
C ALA D 319 -18.02 -12.52 25.28
N GLY D 320 -17.67 -11.40 25.89
CA GLY D 320 -18.57 -10.28 26.04
C GLY D 320 -18.06 -9.01 25.38
N HIS D 321 -16.84 -9.07 24.87
CA HIS D 321 -16.08 -7.88 24.50
C HIS D 321 -15.88 -7.84 22.99
N ASP D 322 -15.87 -6.63 22.44
CA ASP D 322 -15.63 -6.42 21.03
C ASP D 322 -14.18 -6.15 20.69
N ASN D 323 -13.33 -5.92 21.70
CA ASN D 323 -11.90 -5.73 21.49
C ASN D 323 -11.13 -6.66 22.42
N ARG D 324 -9.83 -6.75 22.18
CA ARG D 324 -8.98 -7.69 22.89
C ARG D 324 -9.04 -7.49 24.39
N VAL D 325 -9.04 -8.60 25.14
CA VAL D 325 -9.12 -8.58 26.60
C VAL D 325 -7.74 -8.25 27.16
N SER D 326 -7.62 -7.08 27.78
CA SER D 326 -6.33 -6.60 28.26
C SER D 326 -5.96 -7.10 29.66
N CYS D 327 -6.94 -7.39 30.51
CA CYS D 327 -6.64 -7.73 31.89
C CYS D 327 -7.74 -8.62 32.47
N LEU D 328 -7.37 -9.39 33.49
CA LEU D 328 -8.29 -10.22 34.24
C LEU D 328 -8.12 -9.98 35.72
N GLY D 329 -9.12 -10.38 36.49
CA GLY D 329 -9.00 -10.42 37.93
C GLY D 329 -10.02 -11.37 38.51
N VAL D 330 -9.68 -11.95 39.66
CA VAL D 330 -10.58 -12.82 40.41
C VAL D 330 -10.60 -12.35 41.86
N THR D 331 -11.79 -12.22 42.42
CA THR D 331 -11.92 -11.75 43.79
C THR D 331 -11.29 -12.74 44.76
N ASP D 332 -10.87 -12.23 45.92
CA ASP D 332 -10.29 -13.11 46.94
C ASP D 332 -11.27 -14.18 47.39
N ASP D 333 -12.56 -13.87 47.43
CA ASP D 333 -13.55 -14.88 47.76
C ASP D 333 -13.91 -15.76 46.56
N GLY D 334 -13.44 -15.42 45.36
CA GLY D 334 -13.70 -16.21 44.18
C GLY D 334 -15.11 -16.21 43.65
N MET D 335 -15.93 -15.22 44.04
CA MET D 335 -17.32 -15.23 43.62
C MET D 335 -17.52 -14.78 42.19
N ALA D 336 -16.66 -13.89 41.67
CA ALA D 336 -16.87 -13.33 40.35
C ALA D 336 -15.53 -13.18 39.63
N VAL D 337 -15.59 -13.26 38.31
CA VAL D 337 -14.45 -13.02 37.45
C VAL D 337 -14.72 -11.76 36.65
N ALA D 338 -13.79 -10.82 36.69
CA ALA D 338 -13.91 -9.57 35.97
C ALA D 338 -12.91 -9.57 34.83
N THR D 339 -13.37 -9.26 33.63
CA THR D 339 -12.52 -9.13 32.47
C THR D 339 -12.50 -7.68 32.03
N GLY D 340 -11.42 -7.27 31.39
CA GLY D 340 -11.31 -5.92 30.88
C GLY D 340 -10.60 -5.92 29.54
N SER D 341 -11.02 -4.99 28.69
CA SER D 341 -10.65 -5.01 27.29
C SER D 341 -10.43 -3.59 26.80
N TRP D 342 -10.04 -3.48 25.53
CA TRP D 342 -9.81 -2.18 24.92
C TRP D 342 -11.13 -1.46 24.66
N ASP D 343 -12.24 -2.18 24.60
CA ASP D 343 -13.53 -1.53 24.48
C ASP D 343 -13.87 -0.83 25.79
N SER D 344 -14.69 0.21 25.68
CA SER D 344 -15.10 1.02 26.83
C SER D 344 -15.58 0.18 28.00
N PHE D 345 -16.51 -0.74 27.74
CA PHE D 345 -17.10 -1.58 28.78
C PHE D 345 -16.10 -2.47 29.51
N LEU D 346 -16.44 -2.78 30.76
CA LEU D 346 -15.77 -3.73 31.64
C LEU D 346 -16.84 -4.68 32.13
N LYS D 347 -16.52 -5.98 32.22
CA LYS D 347 -17.56 -6.98 32.48
C LYS D 347 -17.20 -7.89 33.64
N ILE D 348 -18.18 -8.11 34.53
CA ILE D 348 -18.06 -9.00 35.67
C ILE D 348 -18.77 -10.32 35.34
N TRP D 349 -18.02 -11.42 35.29
CA TRP D 349 -18.56 -12.73 34.97
C TRP D 349 -18.73 -13.59 36.22
N ASN D 350 -19.57 -14.61 36.10
CA ASN D 350 -19.84 -15.55 37.18
C ASN D 350 -20.48 -16.80 36.62
N SER E 8 41.11 22.93 -10.38
CA SER E 8 41.01 22.04 -9.22
C SER E 8 42.37 21.86 -8.55
N ILE E 9 43.42 22.40 -9.16
CA ILE E 9 44.74 22.37 -8.54
C ILE E 9 44.86 23.47 -7.50
N ALA E 10 44.36 24.67 -7.80
CA ALA E 10 44.22 25.70 -6.78
C ALA E 10 43.37 25.21 -5.63
N GLN E 11 42.39 24.36 -5.91
CA GLN E 11 41.43 23.92 -4.92
C GLN E 11 42.00 22.82 -4.03
N ALA E 12 42.70 21.85 -4.62
CA ALA E 12 43.35 20.79 -3.85
C ALA E 12 44.62 21.26 -3.15
N ARG E 13 45.16 22.42 -3.51
CA ARG E 13 46.29 22.98 -2.77
C ARG E 13 45.85 23.69 -1.50
N LYS E 14 44.65 24.29 -1.50
CA LYS E 14 44.10 24.86 -0.28
C LYS E 14 43.69 23.76 0.69
N LEU E 15 43.19 22.64 0.16
CA LEU E 15 42.89 21.48 1.01
C LEU E 15 44.14 21.00 1.74
N VAL E 16 45.30 21.07 1.09
CA VAL E 16 46.55 20.64 1.73
C VAL E 16 46.85 21.52 2.94
N GLU E 17 46.89 22.83 2.74
CA GLU E 17 47.12 23.76 3.84
C GLU E 17 46.15 23.54 4.99
N GLN E 18 44.95 23.05 4.69
CA GLN E 18 44.00 22.68 5.75
C GLN E 18 44.53 21.51 6.56
N LEU E 19 44.85 20.41 5.89
CA LEU E 19 45.37 19.23 6.59
C LEU E 19 46.66 19.53 7.33
N LYS E 20 47.49 20.41 6.79
CA LYS E 20 48.71 20.84 7.48
C LYS E 20 48.39 21.40 8.86
N MET E 21 47.39 22.28 8.95
CA MET E 21 46.97 22.83 10.23
C MET E 21 46.56 21.74 11.20
N GLU E 22 45.75 20.78 10.72
CA GLU E 22 45.30 19.69 11.60
C GLU E 22 46.46 18.83 12.07
N ALA E 23 47.52 18.69 11.26
CA ALA E 23 48.64 17.86 11.65
C ALA E 23 49.58 18.58 12.61
N ASN E 24 50.01 19.78 12.25
CA ASN E 24 50.94 20.57 13.07
C ASN E 24 50.19 21.18 14.25
N ILE E 25 49.95 20.35 15.27
CA ILE E 25 49.38 20.81 16.53
C ILE E 25 50.06 20.04 17.66
N ASP E 26 50.20 20.70 18.80
CA ASP E 26 50.71 20.06 20.01
C ASP E 26 49.60 19.23 20.61
N ARG E 27 49.67 17.91 20.42
CA ARG E 27 48.67 17.01 20.98
C ARG E 27 49.08 16.59 22.39
N ILE E 28 48.09 16.11 23.15
CA ILE E 28 48.29 15.72 24.53
C ILE E 28 47.75 14.30 24.72
N LYS E 29 48.24 13.63 25.75
CA LYS E 29 47.85 12.25 26.01
C LYS E 29 46.40 12.20 26.48
N VAL E 30 45.65 11.23 25.96
CA VAL E 30 44.27 11.01 26.41
C VAL E 30 44.23 10.93 27.94
N SER E 31 45.13 10.15 28.53
CA SER E 31 45.29 10.03 29.98
C SER E 31 45.21 11.38 30.69
N LYS E 32 45.83 12.41 30.13
CA LYS E 32 45.82 13.73 30.79
C LYS E 32 44.50 14.45 30.56
N ALA E 33 44.08 14.55 29.29
CA ALA E 33 42.77 15.10 28.93
C ALA E 33 41.68 14.64 29.89
N ALA E 34 41.49 13.33 29.95
CA ALA E 34 40.48 12.75 30.85
C ALA E 34 40.70 13.18 32.29
N ALA E 35 41.93 13.04 32.79
CA ALA E 35 42.28 13.53 34.13
C ALA E 35 41.87 14.98 34.34
N ASP E 36 42.05 15.82 33.33
CA ASP E 36 41.67 17.22 33.47
C ASP E 36 40.16 17.40 33.49
N LEU E 37 39.44 16.63 32.65
CA LEU E 37 37.99 16.65 32.72
C LEU E 37 37.53 16.11 34.07
N MET E 38 37.98 14.90 34.42
CA MET E 38 37.61 14.27 35.69
C MET E 38 37.83 15.21 36.86
N ALA E 39 38.94 15.94 36.86
CA ALA E 39 39.24 16.84 37.97
C ALA E 39 38.35 18.08 37.95
N TYR E 40 38.01 18.57 36.75
CA TYR E 40 37.03 19.64 36.62
C TYR E 40 35.69 19.26 37.25
N CYS E 41 35.17 18.08 36.92
CA CYS E 41 33.86 17.69 37.40
C CYS E 41 33.79 17.68 38.93
N GLU E 42 34.79 17.08 39.58
CA GLU E 42 34.78 17.05 41.04
C GLU E 42 34.94 18.44 41.63
N ALA E 43 35.81 19.26 41.03
CA ALA E 43 35.98 20.65 41.46
C ALA E 43 34.63 21.37 41.61
N HIS E 44 33.78 21.26 40.59
CA HIS E 44 32.53 22.00 40.52
C HIS E 44 31.31 21.15 40.86
N ALA E 45 31.52 19.90 41.29
CA ALA E 45 30.40 18.98 41.52
C ALA E 45 29.41 19.51 42.56
N LYS E 46 29.86 20.33 43.50
CA LYS E 46 28.93 20.91 44.47
C LYS E 46 28.14 22.09 43.92
N GLU E 47 28.58 22.68 42.82
CA GLU E 47 27.88 23.82 42.23
C GLU E 47 26.88 23.42 41.16
N ASP E 48 26.65 22.12 40.97
CA ASP E 48 25.74 21.66 39.92
C ASP E 48 24.47 21.13 40.56
N PRO E 49 23.36 21.85 40.51
CA PRO E 49 22.15 21.39 41.20
C PRO E 49 21.54 20.14 40.57
N LEU E 50 21.85 19.86 39.31
CA LEU E 50 21.32 18.67 38.66
C LEU E 50 21.88 17.38 39.23
N LEU E 51 22.98 17.45 39.98
CA LEU E 51 23.52 16.28 40.68
C LEU E 51 23.20 16.29 42.16
N THR E 52 23.40 17.43 42.81
CA THR E 52 23.15 17.62 44.24
C THR E 52 21.99 18.57 44.41
N PRO E 53 20.77 18.08 44.64
CA PRO E 53 19.60 18.97 44.73
C PRO E 53 19.84 20.12 45.71
N VAL E 54 19.18 21.24 45.45
CA VAL E 54 19.32 22.44 46.27
C VAL E 54 18.16 22.52 47.27
N PRO E 55 18.21 23.43 48.26
CA PRO E 55 17.05 23.61 49.13
C PRO E 55 15.91 24.28 48.39
N ALA E 56 14.70 24.08 48.93
CA ALA E 56 13.52 24.67 48.32
C ALA E 56 13.61 26.19 48.28
N SER E 57 14.10 26.80 49.38
CA SER E 57 14.32 28.24 49.39
C SER E 57 15.25 28.69 48.27
N GLU E 58 16.12 27.81 47.79
CA GLU E 58 17.02 28.09 46.68
C GLU E 58 16.48 27.59 45.35
N ASN E 59 15.27 27.03 45.32
CA ASN E 59 14.68 26.48 44.12
C ASN E 59 13.57 27.39 43.63
N PRO E 60 13.80 28.16 42.56
CA PRO E 60 12.71 28.96 41.95
C PRO E 60 11.44 28.19 41.65
N PHE E 61 11.56 26.92 41.25
CA PHE E 61 10.41 26.15 40.77
C PHE E 61 9.72 25.34 41.86
N ARG E 62 10.29 25.27 43.06
CA ARG E 62 9.66 24.51 44.14
C ARG E 62 9.74 25.25 45.47
N SER F 8 29.21 -6.07 29.62
CA SER F 8 30.17 -6.62 28.67
C SER F 8 30.73 -7.94 29.18
N ILE F 9 31.99 -7.90 29.64
CA ILE F 9 32.59 -9.08 30.25
C ILE F 9 32.14 -9.24 31.69
N ALA F 10 32.08 -8.13 32.43
CA ALA F 10 31.52 -8.15 33.78
C ALA F 10 30.11 -8.73 33.82
N GLN F 11 29.32 -8.49 32.76
CA GLN F 11 27.91 -8.85 32.80
C GLN F 11 27.69 -10.34 32.60
N ALA F 12 28.41 -10.95 31.66
CA ALA F 12 28.30 -12.40 31.46
C ALA F 12 29.00 -13.19 32.56
N ARG F 13 29.81 -12.53 33.39
CA ARG F 13 30.41 -13.19 34.55
C ARG F 13 29.44 -13.26 35.73
N LYS F 14 28.57 -12.27 35.88
CA LYS F 14 27.57 -12.33 36.94
C LYS F 14 26.51 -13.38 36.63
N LEU F 15 26.14 -13.52 35.35
CA LEU F 15 25.19 -14.56 34.96
C LEU F 15 25.68 -15.94 35.37
N VAL F 16 26.99 -16.20 35.26
CA VAL F 16 27.53 -17.49 35.66
C VAL F 16 27.34 -17.71 37.15
N GLU F 17 27.81 -16.76 37.97
CA GLU F 17 27.61 -16.84 39.41
C GLU F 17 26.14 -17.06 39.78
N GLN F 18 25.23 -16.53 38.97
CA GLN F 18 23.81 -16.79 39.16
C GLN F 18 23.46 -18.25 38.92
N LEU F 19 23.86 -18.79 37.76
CA LEU F 19 23.51 -20.17 37.40
C LEU F 19 23.99 -21.19 38.43
N LYS F 20 25.14 -20.95 39.06
CA LYS F 20 25.58 -21.84 40.14
C LYS F 20 24.55 -21.90 41.26
N MET F 21 24.06 -20.74 41.70
CA MET F 21 22.98 -20.72 42.70
C MET F 21 21.74 -21.44 42.18
N GLU F 22 21.36 -21.20 40.92
CA GLU F 22 20.18 -21.85 40.36
C GLU F 22 20.34 -23.37 40.31
N ALA F 23 21.57 -23.86 40.16
CA ALA F 23 21.79 -25.30 40.04
C ALA F 23 21.71 -25.99 41.40
N ASN F 24 22.41 -25.45 42.40
CA ASN F 24 22.44 -26.03 43.74
C ASN F 24 21.12 -25.73 44.45
N ILE F 25 20.10 -26.52 44.12
CA ILE F 25 18.81 -26.45 44.78
C ILE F 25 18.25 -27.86 44.93
N ASP F 26 17.48 -28.06 46.00
CA ASP F 26 16.78 -29.33 46.23
C ASP F 26 15.63 -29.45 45.24
N ARG F 27 15.82 -30.25 44.21
CA ARG F 27 14.76 -30.53 43.25
C ARG F 27 13.85 -31.64 43.76
N ILE F 28 12.61 -31.64 43.28
CA ILE F 28 11.63 -32.64 43.66
C ILE F 28 10.99 -33.21 42.40
N LYS F 29 10.54 -34.46 42.49
CA LYS F 29 9.97 -35.13 41.33
C LYS F 29 8.60 -34.54 40.99
N VAL F 30 8.37 -34.37 39.68
CA VAL F 30 7.07 -33.91 39.18
C VAL F 30 5.93 -34.69 39.81
N SER F 31 6.05 -36.02 39.83
CA SER F 31 5.09 -36.91 40.47
C SER F 31 4.61 -36.41 41.82
N LYS F 32 5.54 -35.92 42.65
CA LYS F 32 5.15 -35.44 43.97
C LYS F 32 4.56 -34.04 43.89
N ALA F 33 5.27 -33.11 43.24
CA ALA F 33 4.76 -31.78 42.97
C ALA F 33 3.31 -31.78 42.52
N ALA F 34 3.03 -32.46 41.41
CA ALA F 34 1.66 -32.58 40.91
C ALA F 34 0.72 -33.15 41.95
N ALA F 35 1.11 -34.26 42.58
CA ALA F 35 0.33 -34.85 43.67
C ALA F 35 -0.03 -33.83 44.74
N ASP F 36 0.90 -32.94 45.09
CA ASP F 36 0.62 -31.94 46.11
C ASP F 36 -0.34 -30.87 45.59
N LEU F 37 -0.19 -30.46 44.33
CA LEU F 37 -1.15 -29.54 43.73
C LEU F 37 -2.53 -30.18 43.63
N MET F 38 -2.61 -31.34 42.99
CA MET F 38 -3.88 -32.04 42.81
C MET F 38 -4.64 -32.19 44.12
N ALA F 39 -3.93 -32.50 45.21
CA ALA F 39 -4.60 -32.72 46.48
C ALA F 39 -5.10 -31.42 47.09
N TYR F 40 -4.36 -30.32 46.90
CA TYR F 40 -4.87 -29.01 47.29
C TYR F 40 -6.17 -28.68 46.57
N CYS F 41 -6.20 -28.89 45.25
CA CYS F 41 -7.36 -28.53 44.44
C CYS F 41 -8.64 -29.17 44.97
N GLU F 42 -8.59 -30.48 45.25
CA GLU F 42 -9.78 -31.17 45.73
C GLU F 42 -10.17 -30.71 47.13
N ALA F 43 -9.18 -30.41 47.98
CA ALA F 43 -9.45 -29.89 49.32
C ALA F 43 -10.40 -28.70 49.26
N HIS F 44 -10.11 -27.73 48.39
CA HIS F 44 -10.82 -26.46 48.34
C HIS F 44 -11.79 -26.37 47.17
N ALA F 45 -11.96 -27.45 46.41
CA ALA F 45 -12.79 -27.40 45.21
C ALA F 45 -14.24 -27.02 45.51
N LYS F 46 -14.73 -27.33 46.71
CA LYS F 46 -16.07 -26.92 47.08
C LYS F 46 -16.15 -25.47 47.52
N GLU F 47 -15.03 -24.84 47.84
CA GLU F 47 -15.00 -23.45 48.26
C GLU F 47 -14.82 -22.49 47.10
N ASP F 48 -14.83 -23.00 45.86
CA ASP F 48 -14.60 -22.20 44.67
C ASP F 48 -15.92 -22.08 43.92
N PRO F 49 -16.60 -20.93 43.97
CA PRO F 49 -17.91 -20.83 43.32
C PRO F 49 -17.85 -20.90 41.80
N LEU F 50 -16.68 -20.65 41.20
CA LEU F 50 -16.54 -20.75 39.76
C LEU F 50 -16.62 -22.19 39.26
N LEU F 51 -16.43 -23.18 40.14
CA LEU F 51 -16.58 -24.60 39.82
C LEU F 51 -17.95 -25.13 40.23
N THR F 52 -18.36 -24.84 41.46
CA THR F 52 -19.63 -25.29 41.99
C THR F 52 -20.52 -24.07 42.21
N PRO F 53 -21.44 -23.77 41.30
CA PRO F 53 -22.24 -22.54 41.43
C PRO F 53 -22.96 -22.48 42.76
N VAL F 54 -23.22 -21.26 43.20
CA VAL F 54 -23.92 -21.02 44.47
C VAL F 54 -25.39 -20.73 44.19
N PRO F 55 -26.26 -20.71 45.20
CA PRO F 55 -27.64 -20.26 44.96
C PRO F 55 -27.69 -18.77 44.70
N ALA F 56 -28.78 -18.35 44.04
CA ALA F 56 -28.97 -16.94 43.72
C ALA F 56 -29.03 -16.09 44.98
N SER F 57 -29.75 -16.56 46.01
CA SER F 57 -29.80 -15.84 47.28
C SER F 57 -28.41 -15.63 47.87
N GLU F 58 -27.45 -16.48 47.53
CA GLU F 58 -26.08 -16.35 48.01
C GLU F 58 -25.16 -15.66 47.00
N ASN F 59 -25.70 -15.19 45.88
CA ASN F 59 -24.89 -14.57 44.83
C ASN F 59 -25.12 -13.07 44.87
N PRO F 60 -24.15 -12.27 45.35
CA PRO F 60 -24.28 -10.81 45.28
C PRO F 60 -24.71 -10.27 43.93
N PHE F 61 -24.29 -10.91 42.84
CA PHE F 61 -24.57 -10.41 41.48
C PHE F 61 -25.88 -11.01 40.96
N ARG F 62 -26.95 -10.81 41.73
CA ARG F 62 -28.26 -11.31 41.39
C ARG F 62 -29.36 -10.34 41.80
N SER G 12 15.89 -1.10 -52.29
CA SER G 12 14.86 -0.10 -52.51
C SER G 12 15.39 1.30 -52.25
N GLU G 13 14.55 2.31 -52.53
CA GLU G 13 14.94 3.69 -52.27
C GLU G 13 14.88 4.02 -50.79
N LEU G 14 13.97 3.39 -50.04
CA LEU G 14 13.89 3.64 -48.62
C LEU G 14 15.08 3.07 -47.86
N ASP G 15 15.64 1.95 -48.34
CA ASP G 15 16.80 1.37 -47.68
C ASP G 15 18.03 2.26 -47.84
N GLN G 16 18.22 2.84 -49.02
CA GLN G 16 19.31 3.78 -49.23
C GLN G 16 19.13 5.04 -48.40
N LEU G 17 17.91 5.59 -48.41
CA LEU G 17 17.65 6.82 -47.67
C LEU G 17 17.78 6.63 -46.16
N ARG G 18 17.53 5.42 -45.66
CA ARG G 18 17.69 5.17 -44.22
C ARG G 18 19.15 5.33 -43.82
N GLN G 19 20.05 4.69 -44.55
CA GLN G 19 21.48 4.80 -44.26
C GLN G 19 22.00 6.20 -44.50
N GLU G 20 21.42 6.93 -45.47
CA GLU G 20 21.82 8.31 -45.73
C GLU G 20 21.58 9.20 -44.52
N ALA G 21 20.46 9.02 -43.83
CA ALA G 21 20.17 9.84 -42.66
C ALA G 21 21.26 9.69 -41.60
N GLU G 22 21.77 8.47 -41.42
CA GLU G 22 22.83 8.24 -40.44
C GLU G 22 24.10 8.99 -40.82
N GLN G 23 24.50 8.91 -42.10
CA GLN G 23 25.70 9.60 -42.54
C GLN G 23 25.62 11.11 -42.36
N LEU G 24 24.47 11.70 -42.69
CA LEU G 24 24.32 13.15 -42.55
C LEU G 24 24.46 13.58 -41.10
N LYS G 25 23.94 12.78 -40.17
CA LYS G 25 24.10 13.08 -38.75
C LYS G 25 25.56 13.09 -38.35
N ASN G 26 26.35 12.12 -38.85
CA ASN G 26 27.77 12.08 -38.52
C ASN G 26 28.52 13.27 -39.11
N GLN G 27 28.15 13.71 -40.31
CA GLN G 27 28.81 14.86 -40.91
C GLN G 27 28.55 16.12 -40.11
N ILE G 28 27.30 16.33 -39.69
CA ILE G 28 26.97 17.51 -38.89
C ILE G 28 27.64 17.43 -37.53
N ARG G 29 27.68 16.24 -36.92
CA ARG G 29 28.36 16.06 -35.64
C ARG G 29 29.84 16.46 -35.75
N ASP G 30 30.50 16.05 -36.84
CA ASP G 30 31.92 16.36 -36.99
C ASP G 30 32.14 17.84 -37.29
N ALA G 31 31.21 18.48 -38.00
CA ALA G 31 31.35 19.91 -38.27
C ALA G 31 31.18 20.72 -36.99
N ARG G 32 30.27 20.29 -36.12
CA ARG G 32 30.09 20.96 -34.83
C ARG G 32 31.27 20.74 -33.91
N LYS G 33 31.90 19.56 -33.98
CA LYS G 33 33.04 19.26 -33.12
C LYS G 33 34.26 20.07 -33.50
N ALA G 34 34.47 20.31 -34.80
CA ALA G 34 35.59 21.12 -35.25
C ALA G 34 35.47 22.57 -34.79
N CYS G 35 34.23 23.07 -34.64
CA CYS G 35 34.03 24.45 -34.22
C CYS G 35 34.37 24.67 -32.76
N ALA G 36 34.37 23.62 -31.94
CA ALA G 36 34.62 23.76 -30.50
C ALA G 36 36.11 23.59 -30.24
N ASP G 37 36.82 24.71 -30.09
CA ASP G 37 38.20 24.70 -29.63
C ASP G 37 38.31 24.77 -28.11
N ALA G 38 37.42 25.53 -27.46
CA ALA G 38 37.43 25.71 -26.02
C ALA G 38 35.99 25.81 -25.53
N THR G 39 35.82 26.03 -24.23
CA THR G 39 34.50 26.10 -23.62
C THR G 39 34.31 27.46 -22.97
N LEU G 40 33.04 27.78 -22.70
CA LEU G 40 32.69 29.05 -22.07
C LEU G 40 33.28 29.18 -20.66
N SER G 41 33.29 28.07 -19.91
CA SER G 41 33.82 28.13 -18.55
C SER G 41 35.31 28.40 -18.54
N GLN G 42 36.03 27.91 -19.55
CA GLN G 42 37.47 28.14 -19.62
C GLN G 42 37.77 29.60 -19.95
N ILE G 43 37.05 30.16 -20.92
CA ILE G 43 37.33 31.52 -21.36
C ILE G 43 36.84 32.55 -20.33
N THR G 44 35.85 32.19 -19.51
CA THR G 44 35.31 33.08 -18.50
C THR G 44 35.89 32.81 -17.11
N ASN G 45 36.85 31.90 -16.98
CA ASN G 45 37.40 31.58 -15.67
C ASN G 45 38.05 32.80 -15.01
N ASN G 46 38.67 33.66 -15.81
CA ASN G 46 39.33 34.85 -15.28
C ASN G 46 38.37 36.01 -15.04
N ILE G 47 37.10 35.86 -15.44
CA ILE G 47 36.12 36.92 -15.23
C ILE G 47 35.77 36.97 -13.76
N ASP G 48 35.80 38.17 -13.18
CA ASP G 48 35.47 38.33 -11.77
C ASP G 48 34.05 37.84 -11.54
N PRO G 49 33.83 36.91 -10.62
CA PRO G 49 32.48 36.38 -10.41
C PRO G 49 31.51 37.46 -9.96
N VAL G 50 30.22 37.18 -10.17
CA VAL G 50 29.18 38.12 -9.78
C VAL G 50 29.22 38.34 -8.27
N GLY G 51 29.62 37.33 -7.52
CA GLY G 51 29.59 37.41 -6.07
C GLY G 51 28.27 36.94 -5.52
N ARG G 52 27.82 37.55 -4.43
CA ARG G 52 26.55 37.21 -3.80
C ARG G 52 25.63 38.42 -3.93
N ILE G 53 24.60 38.29 -4.74
CA ILE G 53 23.61 39.35 -4.94
C ILE G 53 22.34 38.90 -4.24
N GLN G 54 22.00 39.56 -3.15
CA GLN G 54 20.86 39.21 -2.33
C GLN G 54 19.60 39.88 -2.84
N MET G 55 18.53 39.11 -2.95
CA MET G 55 17.22 39.63 -3.28
C MET G 55 16.28 39.39 -2.10
N ARG G 56 15.08 39.96 -2.20
CA ARG G 56 14.12 39.86 -1.11
C ARG G 56 12.72 39.95 -1.71
N THR G 57 11.75 39.35 -1.03
CA THR G 57 10.37 39.43 -1.49
C THR G 57 9.81 40.81 -1.18
N ARG G 58 9.51 41.58 -2.22
CA ARG G 58 8.91 42.90 -2.04
C ARG G 58 7.40 42.90 -2.24
N ARG G 59 6.85 41.86 -2.85
CA ARG G 59 5.42 41.75 -3.10
C ARG G 59 5.03 40.29 -3.08
N THR G 60 3.87 40.01 -2.51
CA THR G 60 3.28 38.67 -2.51
C THR G 60 1.85 38.81 -3.01
N LEU G 61 1.58 38.25 -4.18
CA LEU G 61 0.26 38.39 -4.80
C LEU G 61 -0.61 37.23 -4.32
N ARG G 62 -1.67 37.56 -3.60
CA ARG G 62 -2.55 36.57 -2.99
C ARG G 62 -3.96 36.73 -3.55
N GLY G 63 -4.76 35.69 -3.35
CA GLY G 63 -6.12 35.66 -3.88
C GLY G 63 -6.38 34.56 -4.88
N HIS G 64 -5.36 33.78 -5.27
CA HIS G 64 -5.57 32.57 -6.04
C HIS G 64 -5.89 31.41 -5.12
N LEU G 65 -6.88 30.61 -5.50
CA LEU G 65 -7.35 29.52 -4.65
C LEU G 65 -6.79 28.15 -5.06
N ALA G 66 -6.01 28.07 -6.13
CA ALA G 66 -5.50 26.78 -6.58
C ALA G 66 -4.12 26.95 -7.18
N LYS G 67 -3.63 25.87 -7.80
CA LYS G 67 -2.31 25.83 -8.42
C LYS G 67 -2.17 26.85 -9.55
N ILE G 68 -1.09 27.62 -9.51
CA ILE G 68 -0.74 28.57 -10.57
C ILE G 68 0.16 27.87 -11.58
N TYR G 69 -0.32 27.71 -12.82
CA TYR G 69 0.43 27.00 -13.85
C TYR G 69 1.27 27.88 -14.77
N ALA G 70 1.02 29.20 -14.84
CA ALA G 70 1.76 30.02 -15.78
C ALA G 70 1.76 31.47 -15.33
N MET G 71 2.79 32.22 -15.73
CA MET G 71 2.82 33.66 -15.61
C MET G 71 3.46 34.33 -16.84
N HIS G 72 3.01 35.55 -17.13
CA HIS G 72 3.55 36.36 -18.22
C HIS G 72 3.52 37.84 -17.84
N TRP G 73 4.68 38.47 -17.86
CA TRP G 73 4.79 39.90 -17.59
C TRP G 73 4.26 40.75 -18.74
N GLY G 74 3.91 42.00 -18.40
CA GLY G 74 3.64 43.01 -19.41
C GLY G 74 4.85 43.79 -19.85
N THR G 75 4.70 44.49 -20.98
CA THR G 75 5.79 45.31 -21.51
C THR G 75 6.02 46.58 -20.71
N ASP G 76 5.09 46.97 -19.84
CA ASP G 76 5.24 48.16 -19.00
C ASP G 76 5.97 47.87 -17.69
N SER G 77 6.40 46.62 -17.49
CA SER G 77 7.07 46.19 -16.26
C SER G 77 6.22 46.46 -15.03
N ARG G 78 4.90 46.46 -15.21
CA ARG G 78 3.98 46.66 -14.10
C ARG G 78 2.92 45.56 -14.09
N LEU G 79 2.08 45.54 -15.13
CA LEU G 79 1.05 44.53 -15.22
C LEU G 79 1.63 43.15 -15.55
N LEU G 80 0.99 42.12 -15.01
CA LEU G 80 1.32 40.74 -15.33
C LEU G 80 0.05 39.92 -15.24
N VAL G 81 0.04 38.80 -15.95
CA VAL G 81 -1.09 37.89 -15.95
C VAL G 81 -0.67 36.57 -15.32
N SER G 82 -1.64 35.86 -14.75
CA SER G 82 -1.38 34.57 -14.13
C SER G 82 -2.52 33.62 -14.47
N ALA G 83 -2.17 32.34 -14.63
CA ALA G 83 -3.12 31.29 -14.93
C ALA G 83 -3.07 30.27 -13.80
N SER G 84 -4.20 30.11 -13.11
CA SER G 84 -4.28 29.15 -12.02
C SER G 84 -5.30 28.07 -12.34
N GLN G 85 -5.17 26.95 -11.64
CA GLN G 85 -6.01 25.78 -11.89
C GLN G 85 -7.37 25.87 -11.20
N ASP G 86 -7.63 26.98 -10.51
CA ASP G 86 -8.98 27.30 -10.06
C ASP G 86 -9.88 27.73 -11.21
N GLY G 87 -9.33 27.96 -12.40
CA GLY G 87 -10.12 28.38 -13.54
C GLY G 87 -10.19 29.88 -13.75
N LYS G 88 -9.21 30.63 -13.25
CA LYS G 88 -9.23 32.09 -13.29
C LYS G 88 -7.93 32.63 -13.86
N LEU G 89 -8.03 33.67 -14.68
CA LEU G 89 -6.91 34.50 -15.06
C LEU G 89 -7.01 35.80 -14.29
N ILE G 90 -5.91 36.22 -13.66
CA ILE G 90 -5.88 37.47 -12.91
C ILE G 90 -4.73 38.31 -13.45
N ILE G 91 -5.06 39.51 -13.93
CA ILE G 91 -4.06 40.50 -14.31
C ILE G 91 -3.77 41.33 -13.07
N TRP G 92 -2.50 41.36 -12.67
CA TRP G 92 -2.11 42.04 -11.45
C TRP G 92 -1.40 43.35 -11.74
N ASP G 93 -1.63 44.32 -10.86
CA ASP G 93 -0.78 45.50 -10.77
C ASP G 93 0.28 45.18 -9.71
N SER G 94 1.53 45.01 -10.16
CA SER G 94 2.56 44.50 -9.27
C SER G 94 2.94 45.52 -8.21
N TYR G 95 2.67 46.81 -8.45
CA TYR G 95 3.00 47.85 -7.48
C TYR G 95 2.04 47.82 -6.30
N THR G 96 0.74 47.84 -6.59
CA THR G 96 -0.30 47.92 -5.57
C THR G 96 -0.91 46.58 -5.19
N THR G 97 -0.52 45.49 -5.87
CA THR G 97 -1.08 44.16 -5.66
C THR G 97 -2.59 44.12 -5.87
N ASN G 98 -3.13 45.10 -6.60
CA ASN G 98 -4.54 45.14 -6.92
C ASN G 98 -4.85 44.24 -8.12
N LYS G 99 -5.95 43.52 -8.03
CA LYS G 99 -6.40 42.69 -9.15
C LYS G 99 -7.03 43.58 -10.20
N VAL G 100 -6.43 43.60 -11.40
CA VAL G 100 -6.95 44.43 -12.47
C VAL G 100 -8.16 43.76 -13.13
N HIS G 101 -8.04 42.47 -13.44
CA HIS G 101 -9.12 41.72 -14.05
C HIS G 101 -9.10 40.29 -13.51
N ALA G 102 -10.28 39.68 -13.42
CA ALA G 102 -10.43 38.27 -13.13
C ALA G 102 -11.35 37.67 -14.19
N ILE G 103 -10.80 36.80 -15.03
CA ILE G 103 -11.54 36.26 -16.17
C ILE G 103 -11.85 34.79 -15.89
N PRO G 104 -13.11 34.41 -15.72
CA PRO G 104 -13.45 32.99 -15.58
C PRO G 104 -13.21 32.24 -16.88
N LEU G 105 -12.60 31.06 -16.76
CA LEU G 105 -12.27 30.21 -17.88
C LEU G 105 -13.29 29.07 -18.01
N ARG G 106 -13.66 28.74 -19.24
CA ARG G 106 -14.60 27.64 -19.44
C ARG G 106 -13.98 26.29 -19.09
N SER G 107 -12.66 26.20 -19.11
CA SER G 107 -11.95 24.98 -18.71
C SER G 107 -10.97 25.34 -17.60
N SER G 108 -11.12 24.68 -16.45
CA SER G 108 -10.27 24.97 -15.29
C SER G 108 -8.87 24.42 -15.44
N TRP G 109 -8.58 23.67 -16.51
CA TRP G 109 -7.27 23.09 -16.75
C TRP G 109 -6.53 23.99 -17.76
N VAL G 110 -5.55 24.73 -17.26
CA VAL G 110 -4.86 25.76 -18.04
C VAL G 110 -3.37 25.60 -17.79
N MET G 111 -2.61 25.31 -18.85
CA MET G 111 -1.18 25.07 -18.76
C MET G 111 -0.33 26.27 -19.18
N THR G 112 -0.95 27.33 -19.70
CA THR G 112 -0.16 28.46 -20.17
C THR G 112 -1.03 29.70 -20.22
N CYS G 113 -0.35 30.85 -20.22
CA CYS G 113 -0.98 32.15 -20.38
C CYS G 113 0.01 33.09 -21.05
N ALA G 114 -0.52 34.10 -21.71
CA ALA G 114 0.31 35.05 -22.45
C ALA G 114 -0.35 36.42 -22.42
N TYR G 115 0.48 37.46 -22.39
CA TYR G 115 0.00 38.83 -22.35
C TYR G 115 0.59 39.53 -23.57
N ALA G 116 -0.29 40.03 -24.44
CA ALA G 116 0.16 40.67 -25.67
C ALA G 116 1.04 41.88 -25.36
N PRO G 117 2.07 42.14 -26.19
CA PRO G 117 2.94 43.31 -25.92
C PRO G 117 2.20 44.63 -25.97
N SER G 118 1.14 44.73 -26.77
CA SER G 118 0.36 45.97 -26.84
C SER G 118 -0.52 46.18 -25.62
N GLY G 119 -0.84 45.10 -24.89
CA GLY G 119 -1.69 45.19 -23.72
C GLY G 119 -3.18 45.16 -24.00
N ASN G 120 -3.58 45.01 -25.27
CA ASN G 120 -4.99 44.95 -25.60
C ASN G 120 -5.58 43.56 -25.39
N TYR G 121 -4.76 42.51 -25.52
CA TYR G 121 -5.25 41.13 -25.48
C TYR G 121 -4.40 40.29 -24.54
N VAL G 122 -5.00 39.18 -24.10
CA VAL G 122 -4.33 38.17 -23.28
C VAL G 122 -4.83 36.80 -23.74
N ALA G 123 -3.91 35.82 -23.77
CA ALA G 123 -4.25 34.48 -24.21
C ALA G 123 -4.00 33.48 -23.08
N CYS G 124 -4.67 32.34 -23.17
CA CYS G 124 -4.48 31.25 -22.22
C CYS G 124 -4.91 29.96 -22.88
N GLY G 125 -4.45 28.85 -22.31
CA GLY G 125 -4.79 27.55 -22.85
C GLY G 125 -4.30 26.44 -21.95
N GLY G 126 -4.63 25.22 -22.35
CA GLY G 126 -4.38 24.08 -21.47
C GLY G 126 -4.95 22.81 -22.06
N LEU G 127 -5.37 21.91 -21.17
CA LEU G 127 -5.88 20.61 -21.58
C LEU G 127 -7.11 20.72 -22.47
N ASP G 128 -7.70 21.90 -22.61
CA ASP G 128 -8.80 22.11 -23.54
C ASP G 128 -8.36 22.17 -25.00
N ASN G 129 -7.04 22.16 -25.27
CA ASN G 129 -6.50 22.19 -26.62
C ASN G 129 -6.93 23.43 -27.39
N ILE G 130 -7.17 24.54 -26.69
CA ILE G 130 -7.71 25.76 -27.28
C ILE G 130 -6.90 26.95 -26.81
N CYS G 131 -6.57 27.85 -27.73
CA CYS G 131 -5.95 29.13 -27.42
C CYS G 131 -7.04 30.20 -27.47
N SER G 132 -7.39 30.75 -26.30
CA SER G 132 -8.45 31.75 -26.19
C SER G 132 -7.84 33.14 -26.07
N ILE G 133 -8.23 34.04 -26.97
CA ILE G 133 -7.76 35.42 -26.97
C ILE G 133 -8.81 36.29 -26.30
N TYR G 134 -8.41 36.97 -25.22
CA TYR G 134 -9.31 37.82 -24.44
C TYR G 134 -9.00 39.29 -24.70
N ASN G 135 -10.04 40.07 -25.02
CA ASN G 135 -9.90 41.50 -25.26
C ASN G 135 -10.04 42.26 -23.95
N LEU G 136 -9.06 43.11 -23.64
CA LEU G 136 -9.03 43.84 -22.37
C LEU G 136 -9.66 45.21 -22.46
N LYS G 137 -10.14 45.63 -23.63
CA LYS G 137 -10.73 46.96 -23.76
C LYS G 137 -12.17 46.87 -24.26
N VAL G 145 -14.78 36.66 -24.37
CA VAL G 145 -13.88 35.97 -25.29
C VAL G 145 -13.94 36.63 -26.66
N SER G 146 -12.80 36.74 -27.33
CA SER G 146 -12.75 37.26 -28.69
C SER G 146 -12.61 36.13 -29.71
N ARG G 147 -11.50 35.40 -29.68
CA ARG G 147 -11.25 34.30 -30.59
C ARG G 147 -10.97 33.03 -29.81
N GLU G 148 -11.46 31.90 -30.34
CA GLU G 148 -11.08 30.58 -29.86
C GLU G 148 -10.41 29.83 -31.00
N LEU G 149 -9.11 29.58 -30.86
CA LEU G 149 -8.31 28.96 -31.89
C LEU G 149 -8.25 27.45 -31.67
N ALA G 150 -8.92 26.69 -32.53
CA ALA G 150 -9.01 25.24 -32.42
C ALA G 150 -8.22 24.57 -33.55
N GLY G 151 -8.20 23.25 -33.53
CA GLY G 151 -7.50 22.46 -34.52
C GLY G 151 -6.27 21.77 -34.01
N HIS G 152 -5.78 22.15 -32.83
CA HIS G 152 -4.68 21.42 -32.20
C HIS G 152 -5.19 20.11 -31.64
N THR G 153 -4.54 19.01 -32.02
CA THR G 153 -4.97 17.70 -31.55
C THR G 153 -4.39 17.35 -30.18
N GLY G 154 -3.37 18.08 -29.73
CA GLY G 154 -2.82 17.93 -28.41
C GLY G 154 -3.14 19.13 -27.52
N TYR G 155 -2.76 18.99 -26.25
CA TYR G 155 -2.98 20.06 -25.28
C TYR G 155 -2.11 21.27 -25.61
N LEU G 156 -2.55 22.45 -25.17
CA LEU G 156 -1.83 23.69 -25.45
C LEU G 156 -0.85 23.96 -24.32
N SER G 157 0.44 23.80 -24.60
CA SER G 157 1.50 23.94 -23.61
C SER G 157 1.97 25.38 -23.43
N CYS G 158 2.05 26.16 -24.51
CA CYS G 158 2.58 27.52 -24.41
C CYS G 158 2.06 28.36 -25.56
N CYS G 159 2.05 29.67 -25.35
CA CYS G 159 1.68 30.62 -26.38
C CYS G 159 2.34 31.96 -26.11
N ARG G 160 2.70 32.67 -27.19
CA ARG G 160 3.32 33.98 -27.12
C ARG G 160 2.79 34.83 -28.26
N PHE G 161 2.41 36.08 -27.95
CA PHE G 161 1.89 36.99 -28.97
C PHE G 161 3.00 37.56 -29.84
N LEU G 162 2.83 37.43 -31.16
CA LEU G 162 3.65 38.21 -32.08
C LEU G 162 3.15 39.64 -32.18
N ASP G 163 1.84 39.80 -32.39
CA ASP G 163 1.17 41.10 -32.36
C ASP G 163 -0.29 40.86 -32.01
N ASP G 164 -1.12 41.89 -32.16
CA ASP G 164 -2.54 41.75 -31.85
C ASP G 164 -3.24 40.78 -32.79
N ASN G 165 -2.74 40.63 -34.02
CA ASN G 165 -3.38 39.76 -35.00
C ASN G 165 -2.74 38.38 -35.13
N GLN G 166 -1.57 38.14 -34.52
CA GLN G 166 -0.87 36.88 -34.71
C GLN G 166 -0.31 36.38 -33.38
N ILE G 167 -0.43 35.07 -33.17
CA ILE G 167 0.07 34.42 -31.96
C ILE G 167 0.63 33.05 -32.35
N VAL G 168 1.74 32.67 -31.71
CA VAL G 168 2.42 31.41 -31.98
C VAL G 168 2.21 30.50 -30.77
N THR G 169 1.75 29.27 -31.04
CA THR G 169 1.40 28.34 -29.98
C THR G 169 2.21 27.06 -30.12
N SER G 170 2.27 26.30 -29.02
CA SER G 170 2.89 24.98 -28.99
C SER G 170 1.90 24.01 -28.37
N SER G 171 1.99 22.74 -28.77
CA SER G 171 0.97 21.77 -28.38
C SER G 171 1.60 20.41 -28.14
N GLY G 172 0.84 19.55 -27.47
CA GLY G 172 1.23 18.18 -27.21
C GLY G 172 1.15 17.26 -28.40
N ASP G 173 0.71 17.77 -29.55
CA ASP G 173 0.64 17.01 -30.78
C ASP G 173 1.94 17.06 -31.57
N THR G 174 3.00 17.61 -30.97
CA THR G 174 4.38 17.70 -31.46
C THR G 174 4.56 18.83 -32.46
N THR G 175 3.51 19.55 -32.82
CA THR G 175 3.61 20.64 -33.79
C THR G 175 3.35 21.98 -33.11
N CYS G 176 4.08 23.00 -33.57
CA CYS G 176 3.77 24.38 -33.24
C CYS G 176 2.89 24.97 -34.35
N ALA G 177 2.44 26.20 -34.16
CA ALA G 177 1.59 26.82 -35.17
C ALA G 177 1.67 28.33 -35.09
N LEU G 178 1.53 28.97 -36.25
CA LEU G 178 1.31 30.41 -36.36
C LEU G 178 -0.16 30.66 -36.69
N TRP G 179 -0.80 31.52 -35.89
CA TRP G 179 -2.23 31.74 -36.02
C TRP G 179 -2.52 33.14 -36.57
N ASP G 180 -3.55 33.23 -37.41
CA ASP G 180 -4.16 34.49 -37.79
C ASP G 180 -5.40 34.66 -36.92
N ILE G 181 -5.36 35.62 -36.00
CA ILE G 181 -6.44 35.78 -35.04
C ILE G 181 -7.70 36.29 -35.72
N GLU G 182 -7.53 37.17 -36.72
CA GLU G 182 -8.68 37.71 -37.45
C GLU G 182 -9.53 36.60 -38.04
N THR G 183 -8.93 35.72 -38.84
CA THR G 183 -9.67 34.61 -39.45
C THR G 183 -9.84 33.42 -38.52
N GLY G 184 -8.96 33.26 -37.54
CA GLY G 184 -9.04 32.12 -36.65
C GLY G 184 -8.45 30.84 -37.20
N GLN G 185 -7.72 30.90 -38.31
CA GLN G 185 -7.16 29.72 -38.94
C GLN G 185 -5.63 29.75 -38.86
N GLN G 186 -5.04 28.56 -38.87
CA GLN G 186 -3.59 28.41 -38.81
C GLN G 186 -2.95 28.88 -40.12
N THR G 187 -2.02 29.83 -40.01
CA THR G 187 -1.31 30.31 -41.19
C THR G 187 -0.18 29.38 -41.58
N THR G 188 0.82 29.24 -40.71
CA THR G 188 1.98 28.41 -40.97
C THR G 188 2.13 27.39 -39.86
N THR G 189 2.20 26.11 -40.23
CA THR G 189 2.34 25.02 -39.27
C THR G 189 3.79 24.55 -39.21
N PHE G 190 4.32 24.42 -38.00
CA PHE G 190 5.69 24.01 -37.76
C PHE G 190 5.70 22.57 -37.27
N THR G 191 6.27 21.67 -38.08
CA THR G 191 6.28 20.24 -37.81
C THR G 191 7.71 19.74 -37.81
N GLY G 192 7.89 18.52 -37.31
CA GLY G 192 9.21 17.92 -37.20
C GLY G 192 9.66 17.59 -35.79
N HIS G 193 8.95 17.98 -34.74
CA HIS G 193 9.24 17.47 -33.41
C HIS G 193 8.65 16.08 -33.25
N THR G 194 9.42 15.20 -32.64
CA THR G 194 9.01 13.82 -32.42
C THR G 194 8.41 13.60 -31.03
N GLY G 195 8.24 14.65 -30.24
CA GLY G 195 7.69 14.52 -28.90
C GLY G 195 6.88 15.73 -28.52
N ASP G 196 6.21 15.63 -27.37
CA ASP G 196 5.35 16.70 -26.88
C ASP G 196 6.16 17.99 -26.70
N VAL G 197 5.63 19.09 -27.22
CA VAL G 197 6.30 20.39 -27.17
C VAL G 197 5.82 21.14 -25.92
N MET G 198 6.71 21.30 -24.93
CA MET G 198 6.34 21.88 -23.65
C MET G 198 6.38 23.40 -23.62
N SER G 199 7.26 24.04 -24.40
CA SER G 199 7.47 25.48 -24.26
C SER G 199 8.02 26.06 -25.56
N LEU G 200 7.91 27.39 -25.68
CA LEU G 200 8.52 28.13 -26.77
C LEU G 200 8.88 29.53 -26.29
N SER G 201 9.85 30.14 -26.95
CA SER G 201 10.29 31.50 -26.63
C SER G 201 10.61 32.24 -27.92
N LEU G 202 10.07 33.44 -28.07
CA LEU G 202 10.28 34.24 -29.27
C LEU G 202 11.65 34.92 -29.25
N ALA G 203 12.23 35.09 -30.43
CA ALA G 203 13.42 35.91 -30.59
C ALA G 203 13.08 37.39 -30.46
N PRO G 204 14.06 38.22 -30.08
CA PRO G 204 13.80 39.66 -29.96
C PRO G 204 13.16 40.29 -31.19
N ASP G 205 13.52 39.86 -32.39
CA ASP G 205 12.96 40.43 -33.61
C ASP G 205 11.70 39.72 -34.08
N THR G 206 11.26 38.68 -33.36
CA THR G 206 10.08 37.89 -33.67
C THR G 206 10.13 37.26 -35.06
N ARG G 207 11.33 37.15 -35.66
CA ARG G 207 11.45 36.43 -36.92
C ARG G 207 11.62 34.94 -36.69
N LEU G 208 12.29 34.55 -35.61
CA LEU G 208 12.57 33.17 -35.29
C LEU G 208 12.12 32.88 -33.86
N PHE G 209 11.97 31.60 -33.54
CA PHE G 209 11.69 31.20 -32.17
C PHE G 209 12.18 29.77 -31.95
N VAL G 210 12.56 29.48 -30.71
CA VAL G 210 13.04 28.15 -30.33
C VAL G 210 11.99 27.51 -29.42
N SER G 211 11.94 26.18 -29.46
CA SER G 211 10.94 25.43 -28.70
C SER G 211 11.60 24.24 -28.03
N GLY G 212 11.31 24.05 -26.75
CA GLY G 212 11.71 22.85 -26.04
C GLY G 212 10.61 21.80 -26.08
N ALA G 213 10.99 20.54 -25.96
CA ALA G 213 10.02 19.46 -26.08
C ALA G 213 10.46 18.25 -25.28
N CYS G 214 9.58 17.24 -25.23
CA CYS G 214 9.83 16.01 -24.50
C CYS G 214 10.78 15.07 -25.21
N ASP G 215 11.20 15.40 -26.43
CA ASP G 215 12.16 14.59 -27.17
C ASP G 215 13.60 14.96 -26.84
N ALA G 216 13.81 15.81 -25.84
CA ALA G 216 15.13 16.22 -25.36
C ALA G 216 15.90 17.01 -26.42
N SER G 217 15.19 17.66 -27.33
CA SER G 217 15.80 18.48 -28.37
C SER G 217 15.07 19.80 -28.49
N ALA G 218 15.81 20.83 -28.86
CA ALA G 218 15.25 22.15 -29.15
C ALA G 218 15.43 22.46 -30.63
N LYS G 219 14.45 23.14 -31.21
CA LYS G 219 14.47 23.46 -32.65
C LYS G 219 14.17 24.93 -32.86
N LEU G 220 15.04 25.60 -33.63
CA LEU G 220 14.82 26.98 -34.03
C LEU G 220 14.00 27.02 -35.31
N TRP G 221 12.90 27.77 -35.28
CA TRP G 221 11.98 27.85 -36.41
C TRP G 221 11.99 29.23 -37.04
N ASP G 222 11.82 29.26 -38.36
CA ASP G 222 11.56 30.50 -39.07
C ASP G 222 10.05 30.70 -39.18
N VAL G 223 9.58 31.86 -38.72
CA VAL G 223 8.14 32.11 -38.72
C VAL G 223 7.63 32.33 -40.14
N ARG G 224 8.32 33.17 -40.91
CA ARG G 224 7.91 33.42 -42.29
C ARG G 224 8.09 32.19 -43.17
N GLU G 225 9.25 31.56 -43.12
CA GLU G 225 9.57 30.49 -44.06
C GLU G 225 9.04 29.13 -43.63
N GLY G 226 8.63 28.98 -42.37
CA GLY G 226 7.97 27.77 -41.91
C GLY G 226 8.80 26.51 -42.01
N MET G 227 10.04 26.55 -41.53
CA MET G 227 10.94 25.41 -41.61
C MET G 227 11.88 25.42 -40.42
N CYS G 228 12.37 24.23 -40.06
CA CYS G 228 13.36 24.11 -39.00
C CYS G 228 14.73 24.48 -39.53
N ARG G 229 15.43 25.37 -38.84
CA ARG G 229 16.77 25.77 -39.23
C ARG G 229 17.84 24.94 -38.52
N GLN G 230 17.89 25.02 -37.20
CA GLN G 230 18.87 24.26 -36.41
C GLN G 230 18.17 23.34 -35.44
N THR G 231 18.88 22.29 -35.01
CA THR G 231 18.39 21.34 -34.02
C THR G 231 19.46 21.14 -32.97
N PHE G 232 19.11 21.37 -31.70
CA PHE G 232 20.03 21.29 -30.58
C PHE G 232 19.71 20.07 -29.73
N THR G 233 20.75 19.34 -29.33
CA THR G 233 20.57 18.12 -28.54
C THR G 233 21.47 18.12 -27.31
N GLY G 234 21.52 17.00 -26.61
CA GLY G 234 22.33 16.85 -25.42
C GLY G 234 21.55 16.72 -24.13
N HIS G 235 20.27 17.08 -24.12
CA HIS G 235 19.43 16.87 -22.95
C HIS G 235 19.04 15.40 -22.85
N GLU G 236 19.01 14.89 -21.62
CA GLU G 236 18.70 13.49 -21.36
C GLU G 236 17.24 13.25 -20.98
N SER G 237 16.42 14.30 -20.88
CA SER G 237 15.01 14.14 -20.54
C SER G 237 14.22 15.28 -21.18
N ASP G 238 12.93 15.34 -20.86
CA ASP G 238 12.04 16.34 -21.44
C ASP G 238 12.53 17.75 -21.17
N ILE G 239 12.37 18.63 -22.16
CA ILE G 239 12.70 20.04 -22.02
C ILE G 239 11.39 20.77 -21.75
N ASN G 240 11.22 21.24 -20.51
CA ASN G 240 9.97 21.86 -20.11
C ASN G 240 9.93 23.37 -20.33
N ALA G 241 11.08 24.00 -20.54
CA ALA G 241 11.12 25.45 -20.65
C ALA G 241 12.26 25.86 -21.58
N ILE G 242 12.09 27.03 -22.21
CA ILE G 242 13.09 27.55 -23.13
C ILE G 242 12.98 29.08 -23.10
N CYS G 243 14.13 29.75 -23.20
CA CYS G 243 14.16 31.20 -23.18
C CYS G 243 15.34 31.71 -24.00
N PHE G 244 15.11 32.78 -24.76
CA PHE G 244 16.13 33.38 -25.61
C PHE G 244 17.09 34.26 -24.82
N PHE G 245 18.37 34.20 -25.19
CA PHE G 245 19.34 35.16 -24.69
C PHE G 245 19.02 36.55 -25.25
N PRO G 246 19.21 37.61 -24.46
CA PRO G 246 18.78 38.96 -24.89
C PRO G 246 19.15 39.36 -26.31
N ASN G 247 20.33 39.00 -26.80
CA ASN G 247 20.72 39.42 -28.14
C ASN G 247 20.13 38.52 -29.23
N GLY G 248 19.51 37.40 -28.86
CA GLY G 248 18.86 36.54 -29.82
C GLY G 248 19.77 35.51 -30.47
N ASN G 249 21.03 35.41 -30.05
CA ASN G 249 21.98 34.46 -30.61
C ASN G 249 22.13 33.20 -29.77
N ALA G 250 21.44 33.10 -28.64
CA ALA G 250 21.58 31.95 -27.75
C ALA G 250 20.29 31.75 -26.97
N PHE G 251 20.16 30.57 -26.37
CA PHE G 251 19.00 30.27 -25.54
C PHE G 251 19.35 29.23 -24.49
N ALA G 252 18.63 29.28 -23.37
CA ALA G 252 18.81 28.36 -22.26
C ALA G 252 17.58 27.48 -22.09
N THR G 253 17.79 26.22 -21.72
CA THR G 253 16.71 25.25 -21.59
C THR G 253 16.70 24.61 -20.20
N GLY G 254 15.52 24.62 -19.57
CA GLY G 254 15.28 23.81 -18.39
C GLY G 254 14.70 22.46 -18.75
N SER G 255 15.00 21.45 -17.93
CA SER G 255 14.62 20.09 -18.28
C SER G 255 14.41 19.26 -17.02
N ASP G 256 13.80 18.08 -17.22
CA ASP G 256 13.55 17.13 -16.13
C ASP G 256 14.80 16.41 -15.67
N ASP G 257 15.93 16.63 -16.34
CA ASP G 257 17.19 16.00 -15.97
C ASP G 257 17.96 16.78 -14.92
N ALA G 258 17.35 17.82 -14.33
CA ALA G 258 17.86 18.66 -13.26
C ALA G 258 18.89 19.67 -13.77
N THR G 259 19.19 19.69 -15.05
CA THR G 259 20.23 20.55 -15.60
C THR G 259 19.61 21.65 -16.46
N CYS G 260 20.31 22.80 -16.50
CA CYS G 260 20.03 23.86 -17.46
C CYS G 260 21.16 23.89 -18.48
N ARG G 261 20.81 24.02 -19.75
CA ARG G 261 21.80 24.00 -20.82
C ARG G 261 21.68 25.24 -21.70
N LEU G 262 22.79 25.95 -21.88
CA LEU G 262 22.85 27.12 -22.75
C LEU G 262 23.34 26.69 -24.13
N PHE G 263 22.54 26.96 -25.15
CA PHE G 263 22.90 26.68 -26.54
C PHE G 263 23.12 27.99 -27.30
N ASP G 264 24.08 27.98 -28.21
CA ASP G 264 24.40 29.14 -29.05
C ASP G 264 23.96 28.85 -30.48
N LEU G 265 23.36 29.86 -31.12
CA LEU G 265 22.84 29.68 -32.46
C LEU G 265 23.95 29.60 -33.50
N ARG G 266 24.89 30.55 -33.48
CA ARG G 266 25.96 30.56 -34.47
C ARG G 266 26.86 29.35 -34.31
N ALA G 267 27.14 28.96 -33.07
CA ALA G 267 28.00 27.80 -32.84
C ALA G 267 27.26 26.49 -33.06
N ASP G 268 25.94 26.54 -33.07
CA ASP G 268 25.09 25.38 -33.35
C ASP G 268 25.44 24.20 -32.45
N GLN G 269 25.67 24.47 -31.16
CA GLN G 269 25.99 23.42 -30.22
C GLN G 269 25.79 23.94 -28.79
N GLU G 270 26.02 23.05 -27.83
CA GLU G 270 25.86 23.36 -26.41
C GLU G 270 27.09 24.08 -25.89
N LEU G 271 26.89 25.28 -25.33
CA LEU G 271 28.00 26.01 -24.74
C LEU G 271 28.27 25.58 -23.30
N MET G 272 27.21 25.43 -22.50
CA MET G 272 27.39 25.24 -21.07
C MET G 272 26.20 24.50 -20.47
N THR G 273 26.48 23.69 -19.46
CA THR G 273 25.45 23.01 -18.67
C THR G 273 25.44 23.58 -17.26
N TYR G 274 24.25 23.98 -16.80
CA TYR G 274 24.09 24.53 -15.46
C TYR G 274 23.42 23.48 -14.58
N SER G 275 24.20 22.88 -13.69
CA SER G 275 23.67 21.90 -12.76
C SER G 275 24.59 21.81 -11.54
N HIS G 276 24.02 21.34 -10.44
CA HIS G 276 24.76 21.16 -9.20
C HIS G 276 24.28 19.90 -8.51
N ASP G 277 25.22 19.16 -7.92
CA ASP G 277 24.86 18.02 -7.10
C ASP G 277 23.95 18.46 -5.96
N ASN G 278 23.06 17.55 -5.55
CA ASN G 278 22.02 17.69 -4.54
C ASN G 278 20.80 18.42 -5.09
N ILE G 279 20.83 18.92 -6.31
CA ILE G 279 19.65 19.43 -6.99
C ILE G 279 19.21 18.33 -7.95
N ILE G 280 18.27 17.50 -7.50
CA ILE G 280 17.77 16.37 -8.26
C ILE G 280 16.31 16.54 -8.67
N CYS G 281 15.98 17.61 -9.39
CA CYS G 281 14.58 17.87 -9.70
C CYS G 281 14.47 18.68 -10.98
N GLY G 282 13.34 18.53 -11.65
CA GLY G 282 13.12 19.18 -12.93
C GLY G 282 12.98 20.69 -12.82
N ILE G 283 13.22 21.35 -13.95
CA ILE G 283 13.12 22.80 -14.06
C ILE G 283 11.88 23.14 -14.86
N THR G 284 10.94 23.85 -14.22
CA THR G 284 9.68 24.17 -14.87
C THR G 284 9.79 25.40 -15.77
N SER G 285 10.64 26.36 -15.41
CA SER G 285 10.70 27.62 -16.14
C SER G 285 12.10 28.19 -16.08
N VAL G 286 12.46 28.94 -17.11
CA VAL G 286 13.72 29.65 -17.20
C VAL G 286 13.47 31.06 -17.73
N SER G 287 14.21 32.04 -17.21
CA SER G 287 14.16 33.39 -17.74
C SER G 287 15.49 34.08 -17.48
N PHE G 288 15.96 34.82 -18.49
CA PHE G 288 17.17 35.62 -18.38
C PHE G 288 16.88 37.00 -17.78
N SER G 289 17.91 37.60 -17.20
CA SER G 289 17.88 39.01 -16.85
C SER G 289 18.07 39.84 -18.12
N LYS G 290 17.99 41.16 -17.97
CA LYS G 290 18.08 42.03 -19.15
C LYS G 290 19.43 41.92 -19.83
N SER G 291 20.51 41.95 -19.05
CA SER G 291 21.85 41.83 -19.62
C SER G 291 22.22 40.41 -20.00
N GLY G 292 21.47 39.42 -19.51
CA GLY G 292 21.74 38.03 -19.84
C GLY G 292 22.78 37.36 -18.97
N ARG G 293 23.37 38.07 -18.02
CA ARG G 293 24.39 37.47 -17.17
C ARG G 293 23.80 36.47 -16.19
N LEU G 294 22.56 36.67 -15.76
CA LEU G 294 21.91 35.80 -14.79
C LEU G 294 20.86 34.95 -15.48
N LEU G 295 20.89 33.65 -15.21
CA LEU G 295 19.90 32.70 -15.69
C LEU G 295 19.10 32.19 -14.51
N LEU G 296 17.80 32.44 -14.53
CA LEU G 296 16.90 32.03 -13.45
C LEU G 296 16.14 30.78 -13.85
N ALA G 297 16.06 29.82 -12.94
CA ALA G 297 15.39 28.55 -13.22
C ALA G 297 14.50 28.18 -12.04
N GLY G 298 13.21 27.99 -12.30
CA GLY G 298 12.31 27.46 -11.30
C GLY G 298 12.48 25.95 -11.19
N TYR G 299 12.46 25.45 -9.96
CA TYR G 299 12.73 24.05 -9.71
C TYR G 299 11.57 23.39 -8.97
N ASP G 300 11.56 22.06 -9.02
CA ASP G 300 10.55 21.28 -8.31
C ASP G 300 10.82 21.17 -6.82
N ASP G 301 11.98 21.63 -6.35
CA ASP G 301 12.37 21.51 -4.96
C ASP G 301 11.87 22.66 -4.10
N PHE G 302 10.98 23.50 -4.64
CA PHE G 302 10.29 24.64 -4.04
C PHE G 302 11.13 25.92 -4.12
N ASN G 303 12.37 25.85 -4.62
CA ASN G 303 13.25 27.00 -4.70
C ASN G 303 13.28 27.55 -6.11
N CYS G 304 14.00 28.66 -6.27
CA CYS G 304 14.34 29.21 -7.58
C CYS G 304 15.80 29.60 -7.53
N ASN G 305 16.63 28.93 -8.33
CA ASN G 305 18.08 29.11 -8.28
C ASN G 305 18.54 30.12 -9.34
N VAL G 306 19.42 31.02 -8.92
CA VAL G 306 19.99 32.05 -9.77
C VAL G 306 21.37 31.57 -10.21
N TRP G 307 21.54 31.30 -11.50
CA TRP G 307 22.80 30.81 -12.03
C TRP G 307 23.56 31.93 -12.73
N ASP G 308 24.88 31.91 -12.59
CA ASP G 308 25.74 32.77 -13.39
C ASP G 308 25.89 32.13 -14.76
N ALA G 309 25.46 32.85 -15.79
CA ALA G 309 25.43 32.26 -17.13
C ALA G 309 26.84 32.02 -17.65
N LEU G 310 27.77 32.93 -17.38
CA LEU G 310 29.12 32.78 -17.88
C LEU G 310 29.97 31.85 -17.03
N LYS G 311 29.84 31.92 -15.71
CA LYS G 311 30.71 31.18 -14.81
C LYS G 311 30.16 29.83 -14.38
N ALA G 312 28.89 29.53 -14.67
CA ALA G 312 28.26 28.25 -14.33
C ALA G 312 28.25 27.97 -12.83
N ASP G 313 28.27 29.02 -12.00
CA ASP G 313 28.22 28.85 -10.56
C ASP G 313 26.91 29.39 -10.02
N ARG G 314 26.48 28.85 -8.87
CA ARG G 314 25.27 29.30 -8.22
C ARG G 314 25.53 30.62 -7.52
N ALA G 315 24.83 31.67 -7.94
CA ALA G 315 25.01 32.99 -7.35
C ALA G 315 24.02 33.28 -6.23
N GLY G 316 23.01 32.44 -6.08
CA GLY G 316 21.99 32.67 -5.05
C GLY G 316 20.88 31.66 -5.17
N VAL G 317 19.86 31.86 -4.35
CA VAL G 317 18.69 30.99 -4.33
C VAL G 317 17.50 31.83 -3.88
N LEU G 318 16.33 31.51 -4.41
CA LEU G 318 15.08 32.15 -3.99
C LEU G 318 14.16 31.07 -3.47
N ALA G 319 13.92 31.07 -2.16
CA ALA G 319 12.94 30.21 -1.53
C ALA G 319 11.91 31.10 -0.83
N GLY G 320 10.78 31.32 -1.50
CA GLY G 320 9.66 32.00 -0.90
C GLY G 320 8.45 31.11 -0.88
N HIS G 321 8.56 29.95 -1.52
CA HIS G 321 7.41 29.12 -1.84
C HIS G 321 7.46 27.82 -1.08
N ASP G 322 6.28 27.30 -0.73
CA ASP G 322 6.15 26.02 -0.06
C ASP G 322 5.92 24.87 -1.03
N ASN G 323 5.66 25.17 -2.31
CA ASN G 323 5.49 24.17 -3.34
C ASN G 323 6.39 24.51 -4.52
N ARG G 324 6.53 23.55 -5.45
CA ARG G 324 7.46 23.72 -6.57
C ARG G 324 7.13 24.97 -7.38
N VAL G 325 8.18 25.63 -7.87
CA VAL G 325 8.02 26.83 -8.68
C VAL G 325 7.63 26.41 -10.09
N SER G 326 6.41 26.76 -10.50
CA SER G 326 5.87 26.33 -11.79
C SER G 326 6.26 27.24 -12.95
N CYS G 327 6.47 28.53 -12.70
CA CYS G 327 6.74 29.47 -13.79
C CYS G 327 7.55 30.65 -13.27
N LEU G 328 8.30 31.27 -14.18
CA LEU G 328 9.09 32.46 -13.89
C LEU G 328 8.81 33.54 -14.94
N GLY G 329 9.18 34.76 -14.59
CA GLY G 329 9.18 35.85 -15.54
C GLY G 329 10.08 36.97 -15.06
N VAL G 330 10.65 37.71 -16.02
CA VAL G 330 11.48 38.87 -15.72
C VAL G 330 10.98 40.04 -16.58
N THR G 331 10.83 41.19 -15.97
CA THR G 331 10.35 42.37 -16.68
C THR G 331 11.35 42.80 -17.75
N ASP G 332 10.84 43.48 -18.78
CA ASP G 332 11.71 43.95 -19.85
C ASP G 332 12.74 44.95 -19.35
N ASP G 333 12.42 45.71 -18.30
CA ASP G 333 13.41 46.61 -17.73
C ASP G 333 14.35 45.88 -16.78
N GLY G 334 14.08 44.61 -16.48
CA GLY G 334 14.93 43.82 -15.62
C GLY G 334 14.92 44.21 -14.16
N MET G 335 13.90 44.94 -13.72
CA MET G 335 13.88 45.41 -12.34
C MET G 335 13.43 44.34 -11.35
N ALA G 336 12.57 43.41 -11.77
CA ALA G 336 11.99 42.46 -10.83
C ALA G 336 11.87 41.08 -11.43
N VAL G 337 11.94 40.09 -10.53
CA VAL G 337 11.75 38.68 -10.87
C VAL G 337 10.49 38.20 -10.17
N ALA G 338 9.57 37.62 -10.93
CA ALA G 338 8.30 37.13 -10.41
C ALA G 338 8.31 35.60 -10.45
N THR G 339 7.97 34.98 -9.32
CA THR G 339 7.86 33.52 -9.23
C THR G 339 6.42 33.10 -8.97
N GLY G 340 6.11 31.86 -9.35
CA GLY G 340 4.81 31.29 -9.11
C GLY G 340 4.92 29.79 -8.87
N SER G 341 3.94 29.25 -8.17
CA SER G 341 4.02 27.89 -7.64
C SER G 341 2.63 27.29 -7.53
N TRP G 342 2.55 26.04 -7.07
CA TRP G 342 1.24 25.43 -6.92
C TRP G 342 0.50 26.04 -5.73
N ASP G 343 1.24 26.65 -4.79
CA ASP G 343 0.74 27.13 -3.52
C ASP G 343 -0.15 28.35 -3.64
N SER G 344 -0.47 28.73 -4.88
CA SER G 344 -1.41 29.77 -5.25
C SER G 344 -0.84 31.16 -5.08
N PHE G 345 0.41 31.31 -4.64
CA PHE G 345 0.99 32.63 -4.42
C PHE G 345 1.99 32.98 -5.51
N LEU G 346 2.03 34.27 -5.83
CA LEU G 346 3.04 34.86 -6.70
C LEU G 346 3.90 35.78 -5.85
N LYS G 347 5.20 35.80 -6.12
CA LYS G 347 6.13 36.61 -5.36
C LYS G 347 7.02 37.39 -6.30
N ILE G 348 7.11 38.70 -6.08
CA ILE G 348 7.94 39.60 -6.87
C ILE G 348 9.25 39.80 -6.13
N TRP G 349 10.34 39.37 -6.75
CA TRP G 349 11.67 39.46 -6.17
C TRP G 349 12.42 40.63 -6.79
N ASN G 350 13.20 41.33 -5.97
CA ASN G 350 13.89 42.58 -6.32
C ASN G 350 13.44 43.26 -7.60
N SER H 8 5.35 6.76 -46.12
CA SER H 8 6.67 6.32 -45.69
C SER H 8 7.75 7.01 -46.51
N ILE H 9 8.10 6.43 -47.65
CA ILE H 9 9.12 6.93 -48.58
C ILE H 9 9.15 8.46 -48.65
N ALA H 10 7.97 9.08 -48.68
CA ALA H 10 7.87 10.54 -48.60
C ALA H 10 8.55 11.10 -47.36
N GLN H 11 8.52 10.36 -46.25
CA GLN H 11 9.02 10.89 -44.98
C GLN H 11 10.54 10.83 -44.90
N ALA H 12 11.14 9.72 -45.32
CA ALA H 12 12.59 9.62 -45.32
C ALA H 12 13.23 10.42 -46.45
N ARG H 13 12.47 10.82 -47.46
CA ARG H 13 13.02 11.74 -48.45
C ARG H 13 12.98 13.18 -47.97
N LYS H 14 11.94 13.54 -47.22
CA LYS H 14 11.90 14.86 -46.61
C LYS H 14 12.86 14.95 -45.42
N LEU H 15 12.99 13.86 -44.66
CA LEU H 15 13.95 13.82 -43.56
C LEU H 15 15.37 14.08 -44.05
N VAL H 16 15.73 13.50 -45.20
CA VAL H 16 17.06 13.73 -45.75
C VAL H 16 17.20 15.19 -46.18
N GLU H 17 16.29 15.65 -47.04
CA GLU H 17 16.30 17.05 -47.49
C GLU H 17 16.32 18.02 -46.32
N GLN H 18 15.75 17.64 -45.18
CA GLN H 18 15.84 18.47 -43.98
C GLN H 18 17.28 18.59 -43.48
N LEU H 19 17.93 17.45 -43.23
CA LEU H 19 19.31 17.48 -42.74
C LEU H 19 20.26 18.19 -43.70
N LYS H 20 20.03 18.10 -45.00
CA LYS H 20 20.84 18.84 -45.97
C LYS H 20 20.82 20.33 -45.68
N MET H 21 19.63 20.89 -45.47
CA MET H 21 19.51 22.29 -45.07
C MET H 21 20.25 22.57 -43.77
N GLU H 22 20.07 21.69 -42.78
CA GLU H 22 20.73 21.87 -41.49
C GLU H 22 22.25 21.81 -41.59
N ALA H 23 22.77 21.04 -42.55
CA ALA H 23 24.21 20.89 -42.66
C ALA H 23 24.87 22.09 -43.34
N ASN H 24 24.34 22.51 -44.49
CA ASN H 24 24.90 23.63 -45.24
C ASN H 24 24.50 24.93 -44.55
N ILE H 25 25.25 25.26 -43.50
CA ILE H 25 25.09 26.52 -42.77
C ILE H 25 26.46 27.05 -42.40
N ASP H 26 26.58 28.37 -42.34
CA ASP H 26 27.81 29.03 -41.92
C ASP H 26 27.93 28.92 -40.40
N ARG H 27 28.78 28.02 -39.94
CA ARG H 27 29.04 27.85 -38.52
C ARG H 27 30.17 28.76 -38.07
N ILE H 28 30.22 29.02 -36.76
CA ILE H 28 31.23 29.88 -36.17
C ILE H 28 31.85 29.14 -34.99
N LYS H 29 33.07 29.54 -34.65
CA LYS H 29 33.81 28.89 -33.57
C LYS H 29 33.20 29.25 -32.22
N VAL H 30 33.11 28.25 -31.33
CA VAL H 30 32.65 28.49 -29.97
C VAL H 30 33.42 29.65 -29.34
N SER H 31 34.75 29.62 -29.46
CA SER H 31 35.61 30.71 -29.02
C SER H 31 35.09 32.09 -29.41
N LYS H 32 34.58 32.23 -30.63
CA LYS H 32 34.11 33.52 -31.11
C LYS H 32 32.74 33.85 -30.55
N ALA H 33 31.78 32.93 -30.69
CA ALA H 33 30.46 33.07 -30.08
C ALA H 33 30.53 33.60 -28.65
N ALA H 34 31.24 32.86 -27.79
CA ALA H 34 31.39 33.25 -26.39
C ALA H 34 31.95 34.67 -26.26
N ALA H 35 33.02 34.97 -26.99
CA ALA H 35 33.57 36.32 -27.03
C ALA H 35 32.51 37.37 -27.32
N ASP H 36 31.60 37.07 -28.25
CA ASP H 36 30.52 38.02 -28.55
C ASP H 36 29.51 38.08 -27.43
N LEU H 37 29.18 36.93 -26.85
CA LEU H 37 28.28 36.90 -25.69
C LEU H 37 28.92 37.59 -24.50
N MET H 38 30.11 37.14 -24.10
CA MET H 38 30.82 37.68 -22.96
C MET H 38 30.92 39.20 -23.01
N ALA H 39 31.17 39.77 -24.20
CA ALA H 39 31.32 41.21 -24.30
C ALA H 39 29.98 41.93 -24.18
N TYR H 40 28.91 41.30 -24.65
CA TYR H 40 27.56 41.83 -24.44
C TYR H 40 27.26 42.01 -22.95
N CYS H 41 27.56 40.99 -22.14
CA CYS H 41 27.24 41.02 -20.72
C CYS H 41 27.84 42.24 -20.02
N GLU H 42 29.13 42.50 -20.25
CA GLU H 42 29.75 43.65 -19.60
C GLU H 42 29.23 44.97 -20.16
N ALA H 43 28.90 45.01 -21.46
CA ALA H 43 28.31 46.20 -22.05
C ALA H 43 27.12 46.70 -21.24
N HIS H 44 26.21 45.79 -20.91
CA HIS H 44 24.92 46.14 -20.30
C HIS H 44 24.89 45.85 -18.80
N ALA H 45 26.03 45.46 -18.21
CA ALA H 45 26.05 45.06 -16.80
C ALA H 45 25.56 46.16 -15.87
N LYS H 46 25.73 47.42 -16.25
CA LYS H 46 25.18 48.51 -15.44
C LYS H 46 23.71 48.75 -15.71
N GLU H 47 23.18 48.24 -16.82
CA GLU H 47 21.76 48.39 -17.13
C GLU H 47 20.92 47.23 -16.63
N ASP H 48 21.53 46.31 -15.87
CA ASP H 48 20.82 45.14 -15.36
C ASP H 48 20.66 45.35 -13.86
N PRO H 49 19.46 45.69 -13.38
CA PRO H 49 19.31 45.99 -11.95
C PRO H 49 19.48 44.78 -11.05
N LEU H 50 19.31 43.57 -11.60
CA LEU H 50 19.46 42.36 -10.80
C LEU H 50 20.90 42.09 -10.38
N LEU H 51 21.89 42.75 -11.00
CA LEU H 51 23.29 42.60 -10.62
C LEU H 51 23.75 43.67 -9.63
N THR H 52 23.52 44.94 -9.94
CA THR H 52 23.87 46.02 -9.04
C THR H 52 22.62 46.76 -8.60
N PRO H 53 22.15 46.55 -7.37
CA PRO H 53 20.88 47.13 -6.95
C PRO H 53 20.87 48.65 -7.08
N VAL H 54 19.67 49.20 -7.22
CA VAL H 54 19.48 50.64 -7.34
C VAL H 54 19.09 51.20 -5.99
N PRO H 55 19.07 52.53 -5.80
CA PRO H 55 18.55 53.07 -4.53
C PRO H 55 17.04 52.89 -4.41
N ALA H 56 16.59 52.90 -3.15
CA ALA H 56 15.17 52.71 -2.87
C ALA H 56 14.30 53.80 -3.50
N SER H 57 14.74 55.05 -3.40
CA SER H 57 13.99 56.14 -4.03
C SER H 57 13.84 55.91 -5.53
N GLU H 58 14.84 55.28 -6.15
CA GLU H 58 14.84 55.01 -7.58
C GLU H 58 14.34 53.62 -7.90
N ASN H 59 13.98 52.83 -6.88
CA ASN H 59 13.50 51.47 -7.09
C ASN H 59 12.02 51.36 -6.78
N PRO H 60 11.23 50.83 -7.70
CA PRO H 60 9.81 50.64 -7.44
C PRO H 60 9.65 49.41 -6.55
N PHE H 61 8.59 49.42 -5.73
CA PHE H 61 8.18 48.28 -4.88
C PHE H 61 8.62 48.56 -3.46
N ARG I 10 11.84 -25.46 -28.83
CA ARG I 10 10.73 -24.55 -28.56
C ARG I 10 11.05 -23.71 -27.32
N SER I 11 11.70 -22.56 -27.54
CA SER I 11 12.08 -21.68 -26.44
C SER I 11 11.08 -20.54 -26.37
N GLY I 12 10.65 -20.22 -25.16
CA GLY I 12 9.63 -19.21 -24.97
C GLY I 12 9.48 -18.87 -23.51
N TYR I 13 8.62 -17.89 -23.23
CA TYR I 13 8.32 -17.51 -21.86
C TYR I 13 6.81 -17.56 -21.69
N ILE I 14 6.37 -18.04 -20.53
CA ILE I 14 4.95 -18.02 -20.20
C ILE I 14 4.83 -17.57 -18.74
N THR I 15 3.74 -16.88 -18.44
CA THR I 15 3.55 -16.33 -17.10
C THR I 15 2.13 -16.59 -16.64
N ILE I 16 1.98 -17.05 -15.39
CA ILE I 16 0.66 -17.29 -14.83
C ILE I 16 0.48 -16.44 -13.57
N GLY I 17 -0.77 -16.18 -13.24
CA GLY I 17 -1.09 -15.35 -12.08
C GLY I 17 -2.55 -15.44 -11.72
N TYR I 18 -2.84 -15.03 -10.48
CA TYR I 18 -4.20 -15.06 -9.95
C TYR I 18 -4.43 -13.74 -9.21
N ARG I 19 -5.70 -13.46 -8.93
CA ARG I 19 -6.07 -12.26 -8.18
C ARG I 19 -6.81 -12.65 -6.91
N GLY I 20 -6.29 -12.21 -5.76
CA GLY I 20 -6.87 -12.53 -4.47
C GLY I 20 -7.86 -11.47 -4.02
N SER I 21 -8.93 -11.93 -3.37
CA SER I 21 -10.01 -11.08 -2.87
C SER I 21 -10.34 -11.54 -1.46
N TYR I 22 -10.05 -10.69 -0.46
CA TYR I 22 -10.27 -11.05 0.94
C TYR I 22 -11.03 -9.95 1.66
N THR I 23 -11.81 -10.35 2.65
CA THR I 23 -12.56 -9.44 3.49
C THR I 23 -11.95 -9.44 4.89
N ILE I 24 -12.04 -8.31 5.57
CA ILE I 24 -11.48 -8.18 6.92
C ILE I 24 -12.53 -7.52 7.80
N GLY I 25 -12.94 -8.20 8.87
CA GLY I 25 -13.93 -7.69 9.80
C GLY I 25 -13.90 -8.33 11.17
N ASP I 31 -7.74 -13.85 10.84
CA ASP I 31 -6.65 -13.82 9.87
C ASP I 31 -6.13 -15.24 9.58
N ALA I 32 -7.06 -16.20 9.48
CA ALA I 32 -6.71 -17.58 9.21
C ALA I 32 -7.06 -18.02 7.78
N LYS I 33 -7.81 -17.20 7.05
CA LYS I 33 -8.20 -17.41 5.65
C LYS I 33 -7.06 -17.98 4.82
N PHE I 34 -7.31 -19.12 4.15
CA PHE I 34 -6.30 -19.68 3.30
C PHE I 34 -6.26 -18.94 1.95
N ARG I 35 -5.26 -19.26 1.14
CA ARG I 35 -5.15 -18.67 -0.20
C ARG I 35 -6.42 -18.91 -1.03
N ARG I 36 -7.06 -17.80 -1.45
CA ARG I 36 -8.24 -17.82 -2.31
C ARG I 36 -7.89 -17.69 -3.80
N VAL I 37 -7.92 -18.80 -4.52
CA VAL I 37 -7.49 -18.87 -5.91
C VAL I 37 -8.77 -18.83 -6.76
N ALA I 38 -9.16 -17.62 -7.17
CA ALA I 38 -10.36 -17.44 -7.97
C ALA I 38 -10.26 -18.22 -9.28
N ARG I 39 -9.25 -17.89 -10.08
CA ARG I 39 -8.91 -18.65 -11.28
C ARG I 39 -7.50 -18.24 -11.67
N ILE I 40 -6.81 -19.12 -12.37
CA ILE I 40 -5.45 -18.86 -12.83
C ILE I 40 -5.47 -18.25 -14.21
N THR I 41 -4.75 -17.15 -14.38
CA THR I 41 -4.56 -16.52 -15.67
C THR I 41 -3.26 -17.05 -16.27
N VAL I 42 -3.31 -17.43 -17.54
CA VAL I 42 -2.13 -17.90 -18.25
C VAL I 42 -1.88 -16.94 -19.41
N CYS I 43 -0.64 -16.50 -19.57
CA CYS I 43 -0.32 -15.45 -20.53
C CYS I 43 1.01 -15.77 -21.19
N GLY I 44 1.06 -15.59 -22.50
CA GLY I 44 2.27 -15.87 -23.26
C GLY I 44 1.91 -16.04 -24.72
N LYS I 45 2.77 -16.78 -25.42
CA LYS I 45 2.51 -17.11 -26.81
C LYS I 45 1.53 -18.28 -26.86
N THR I 46 0.58 -18.20 -27.80
CA THR I 46 -0.52 -19.16 -27.82
C THR I 46 -0.10 -20.54 -28.28
N SER I 47 0.99 -20.68 -29.02
CA SER I 47 1.43 -22.01 -29.41
C SER I 47 1.96 -22.79 -28.20
N LEU I 48 2.75 -22.12 -27.36
CA LEU I 48 3.29 -22.76 -26.17
C LEU I 48 2.19 -23.01 -25.13
N ALA I 49 1.26 -22.06 -25.00
CA ALA I 49 0.21 -22.18 -24.00
C ALA I 49 -0.62 -23.44 -24.21
N LYS I 50 -0.95 -23.77 -25.47
CA LYS I 50 -1.67 -25.00 -25.72
C LYS I 50 -0.80 -26.21 -25.43
N GLU I 51 0.50 -26.10 -25.71
CA GLU I 51 1.43 -27.22 -25.53
C GLU I 51 1.41 -27.72 -24.09
N VAL I 52 1.73 -26.83 -23.14
CA VAL I 52 1.84 -27.23 -21.74
C VAL I 52 0.49 -27.60 -21.13
N PHE I 53 -0.59 -26.90 -21.50
CA PHE I 53 -1.86 -27.12 -20.80
C PHE I 53 -2.90 -27.86 -21.63
N GLY I 54 -2.64 -28.11 -22.91
CA GLY I 54 -3.55 -28.90 -23.72
C GLY I 54 -4.96 -28.31 -23.72
N ASP I 55 -5.93 -29.15 -23.38
CA ASP I 55 -7.34 -28.79 -23.40
C ASP I 55 -7.84 -28.23 -22.07
N THR I 56 -6.98 -28.15 -21.05
CA THR I 56 -7.38 -27.55 -19.79
C THR I 56 -7.64 -26.05 -19.90
N LEU I 57 -6.80 -25.32 -20.64
CA LEU I 57 -7.02 -23.88 -20.79
C LEU I 57 -8.37 -23.61 -21.44
N ASN I 58 -8.98 -22.48 -21.04
CA ASN I 58 -10.30 -22.10 -21.54
C ASN I 58 -10.15 -20.95 -22.54
N GLU I 59 -10.33 -21.27 -23.82
CA GLU I 59 -10.25 -20.32 -24.93
C GLU I 59 -11.45 -19.35 -25.00
N SER I 60 -12.32 -19.30 -24.00
CA SER I 60 -13.55 -18.49 -24.07
C SER I 60 -13.30 -17.05 -24.51
N ARG I 61 -12.33 -16.39 -23.89
CA ARG I 61 -12.08 -14.99 -24.21
C ARG I 61 -11.36 -14.78 -25.53
N ASP I 62 -10.43 -15.65 -25.92
CA ASP I 62 -9.71 -15.50 -27.19
C ASP I 62 -9.55 -16.87 -27.84
N PRO I 63 -10.57 -17.37 -28.53
CA PRO I 63 -10.49 -18.74 -29.06
C PRO I 63 -10.07 -18.80 -30.52
N ASP I 64 -9.96 -17.65 -31.18
CA ASP I 64 -9.59 -17.59 -32.57
C ASP I 64 -8.13 -17.22 -32.80
N ARG I 65 -7.32 -17.19 -31.74
CA ARG I 65 -5.92 -16.81 -31.89
C ARG I 65 -5.13 -17.83 -32.69
N PRO I 66 -4.44 -17.41 -33.74
CA PRO I 66 -3.62 -18.32 -34.53
C PRO I 66 -2.33 -18.66 -33.80
N PRO I 67 -1.89 -19.91 -33.86
CA PRO I 67 -0.59 -20.25 -33.27
C PRO I 67 0.53 -19.35 -33.78
N GLU I 68 1.49 -19.07 -32.89
CA GLU I 68 2.64 -18.18 -33.08
C GLU I 68 2.28 -16.70 -32.96
N ARG I 69 1.07 -16.37 -32.50
CA ARG I 69 0.67 -15.00 -32.22
C ARG I 69 0.37 -14.88 -30.72
N TYR I 70 0.94 -13.86 -30.09
CA TYR I 70 0.86 -13.79 -28.64
C TYR I 70 -0.52 -13.32 -28.20
N THR I 71 -0.85 -13.64 -26.95
CA THR I 71 -2.15 -13.35 -26.37
C THR I 71 -1.98 -13.16 -24.86
N SER I 72 -3.11 -12.86 -24.19
CA SER I 72 -3.08 -12.67 -22.75
C SER I 72 -4.43 -12.99 -22.11
N ARG I 73 -5.32 -13.69 -22.83
CA ARG I 73 -6.72 -13.79 -22.43
C ARG I 73 -7.14 -15.24 -22.19
N TYR I 74 -6.21 -16.10 -21.79
CA TYR I 74 -6.52 -17.49 -21.48
C TYR I 74 -6.60 -17.68 -19.97
N TYR I 75 -7.37 -18.69 -19.56
CA TYR I 75 -7.38 -19.12 -18.17
C TYR I 75 -7.66 -20.61 -18.10
N LEU I 76 -7.45 -21.17 -16.92
CA LEU I 76 -7.45 -22.61 -16.71
C LEU I 76 -8.73 -23.05 -16.02
N LYS I 77 -9.35 -24.13 -16.54
CA LYS I 77 -10.59 -24.64 -15.99
C LYS I 77 -10.46 -25.13 -14.55
N PHE I 78 -9.24 -25.34 -14.05
CA PHE I 78 -9.02 -25.71 -12.66
C PHE I 78 -8.41 -24.54 -11.89
N ASN I 79 -8.56 -24.60 -10.57
CA ASN I 79 -8.23 -23.49 -9.67
C ASN I 79 -7.09 -23.83 -8.72
N PHE I 80 -6.13 -24.63 -9.16
CA PHE I 80 -5.03 -25.11 -8.32
C PHE I 80 -3.72 -24.61 -8.89
N LEU I 81 -3.08 -23.69 -8.16
CA LEU I 81 -1.88 -23.04 -8.67
C LEU I 81 -0.71 -24.02 -8.81
N GLU I 82 -0.49 -24.86 -7.80
CA GLU I 82 0.63 -25.80 -7.86
C GLU I 82 0.38 -26.91 -8.87
N GLN I 83 -0.89 -27.21 -9.15
CA GLN I 83 -1.21 -28.13 -10.23
C GLN I 83 -0.80 -27.55 -11.58
N ALA I 84 -0.92 -26.22 -11.74
CA ALA I 84 -0.43 -25.59 -12.95
C ALA I 84 1.10 -25.55 -12.97
N PHE I 85 1.71 -25.30 -11.80
CA PHE I 85 3.18 -25.31 -11.71
C PHE I 85 3.75 -26.65 -12.16
N ASP I 86 3.16 -27.75 -11.71
CA ASP I 86 3.71 -29.08 -12.01
C ASP I 86 3.69 -29.38 -13.50
N LYS I 87 2.59 -29.05 -14.18
CA LYS I 87 2.54 -29.29 -15.62
C LYS I 87 3.69 -28.63 -16.36
N LEU I 88 4.12 -27.45 -15.90
CA LEU I 88 5.24 -26.78 -16.56
C LEU I 88 6.58 -27.30 -16.07
N SER I 89 6.64 -27.82 -14.84
CA SER I 89 7.89 -28.35 -14.33
C SER I 89 8.31 -29.62 -15.05
N GLU I 90 7.34 -30.38 -15.58
CA GLU I 90 7.65 -31.56 -16.36
C GLU I 90 7.18 -31.39 -17.81
N SER I 91 7.02 -30.14 -18.24
CA SER I 91 6.99 -29.77 -19.64
C SER I 91 8.21 -28.91 -20.00
N GLY I 92 9.17 -28.81 -19.09
CA GLY I 92 10.45 -28.21 -19.37
C GLY I 92 10.45 -26.72 -19.13
N PHE I 93 9.80 -26.29 -18.05
CA PHE I 93 9.77 -24.89 -17.66
C PHE I 93 10.29 -24.75 -16.22
N HIS I 94 10.80 -23.56 -15.93
CA HIS I 94 11.37 -23.24 -14.63
C HIS I 94 10.96 -21.83 -14.24
N MET I 95 10.76 -21.62 -12.94
CA MET I 95 10.30 -20.34 -12.43
C MET I 95 11.51 -19.45 -12.18
N VAL I 96 11.50 -18.26 -12.78
CA VAL I 96 12.64 -17.35 -12.72
C VAL I 96 12.33 -16.05 -12.01
N ALA I 97 11.06 -15.70 -11.79
CA ALA I 97 10.72 -14.43 -11.17
C ALA I 97 9.31 -14.50 -10.61
N CYS I 98 9.03 -13.62 -9.66
CA CYS I 98 7.70 -13.49 -9.08
C CYS I 98 7.48 -12.04 -8.65
N SER I 99 6.23 -11.59 -8.78
CA SER I 99 5.86 -10.23 -8.39
C SER I 99 4.42 -10.21 -7.90
N SER I 100 4.22 -9.71 -6.68
CA SER I 100 2.89 -9.55 -6.10
C SER I 100 2.51 -8.07 -6.07
N THR I 101 1.30 -7.77 -6.55
CA THR I 101 0.75 -6.42 -6.49
C THR I 101 -0.59 -6.48 -5.75
N GLY I 102 -0.55 -6.21 -4.45
CA GLY I 102 -1.74 -6.21 -3.61
C GLY I 102 -1.93 -4.87 -2.94
N THR I 103 -3.04 -4.19 -3.17
CA THR I 103 -3.29 -2.96 -2.41
C THR I 103 -4.79 -2.75 -2.16
N CYS I 104 -5.08 -2.22 -0.96
CA CYS I 104 -6.40 -1.90 -0.46
C CYS I 104 -6.28 -1.54 1.03
N ASP I 115 -16.67 -1.11 4.97
CA ASP I 115 -15.75 -2.22 4.80
C ASP I 115 -15.47 -2.49 3.33
N LYS I 116 -14.25 -2.19 2.88
CA LYS I 116 -13.80 -2.47 1.53
C LYS I 116 -13.03 -3.78 1.49
N ILE I 117 -13.00 -4.40 0.32
CA ILE I 117 -12.45 -5.74 0.16
C ILE I 117 -11.04 -5.66 -0.39
N TRP I 118 -10.20 -6.60 0.01
CA TRP I 118 -8.81 -6.65 -0.41
C TRP I 118 -8.67 -7.19 -1.83
N THR I 119 -7.81 -6.56 -2.63
CA THR I 119 -7.50 -7.00 -3.98
C THR I 119 -6.00 -7.20 -4.09
N SER I 120 -5.58 -8.40 -4.49
CA SER I 120 -4.17 -8.75 -4.54
C SER I 120 -3.89 -9.52 -5.82
N TYR I 121 -2.95 -9.02 -6.62
CA TYR I 121 -2.51 -9.68 -7.84
C TYR I 121 -1.07 -10.16 -7.67
N THR I 122 -0.84 -11.44 -7.95
CA THR I 122 0.50 -12.02 -7.90
C THR I 122 0.82 -12.66 -9.25
N GLU I 123 2.10 -12.65 -9.60
CA GLU I 123 2.54 -13.07 -10.92
C GLU I 123 3.67 -14.09 -10.80
N TYR I 124 3.78 -14.95 -11.81
CA TYR I 124 4.74 -16.05 -11.80
C TYR I 124 5.31 -16.20 -13.21
N VAL I 125 6.62 -16.15 -13.34
CA VAL I 125 7.30 -16.13 -14.63
C VAL I 125 7.96 -17.48 -14.84
N PHE I 126 7.75 -18.06 -16.02
CA PHE I 126 8.27 -19.36 -16.41
C PHE I 126 9.10 -19.27 -17.68
N CYS I 127 10.25 -19.94 -17.67
CA CYS I 127 11.27 -19.86 -18.71
C CYS I 127 11.48 -21.18 -19.46
N ARG I 128 11.56 -21.04 -20.77
CA ARG I 128 11.92 -22.09 -21.72
C ARG I 128 11.30 -23.46 -21.44
N ARG J 10 38.36 -10.40 -0.82
CA ARG J 10 38.23 -10.23 -2.26
C ARG J 10 36.84 -10.68 -2.71
N SER J 11 36.00 -11.01 -1.74
CA SER J 11 34.62 -11.41 -1.98
C SER J 11 33.71 -10.57 -1.10
N GLY J 12 32.58 -10.13 -1.65
CA GLY J 12 31.71 -9.27 -0.86
C GLY J 12 30.34 -9.09 -1.49
N TYR J 13 29.55 -8.28 -0.79
CA TYR J 13 28.19 -7.92 -1.19
C TYR J 13 28.10 -6.40 -1.37
N ILE J 14 27.41 -5.98 -2.43
CA ILE J 14 27.16 -4.58 -2.71
C ILE J 14 25.67 -4.40 -3.00
N THR J 15 25.11 -3.31 -2.49
CA THR J 15 23.69 -3.03 -2.62
C THR J 15 23.51 -1.62 -3.16
N ILE J 16 22.81 -1.49 -4.29
CA ILE J 16 22.51 -0.20 -4.86
C ILE J 16 20.99 -0.04 -4.97
N GLY J 17 20.55 1.21 -4.93
CA GLY J 17 19.13 1.50 -4.97
C GLY J 17 18.86 2.96 -5.24
N TYR J 18 17.63 3.24 -5.65
CA TYR J 18 17.20 4.60 -5.95
C TYR J 18 15.83 4.79 -5.34
N ARG J 19 15.41 6.05 -5.23
CA ARG J 19 14.08 6.39 -4.74
C ARG J 19 13.33 7.15 -5.81
N GLY J 20 12.18 6.61 -6.20
CA GLY J 20 11.35 7.22 -7.24
C GLY J 20 10.37 8.20 -6.63
N SER J 21 10.18 9.32 -7.31
CA SER J 21 9.28 10.37 -6.85
C SER J 21 8.43 10.83 -8.02
N TYR J 22 7.13 10.56 -7.93
CA TYR J 22 6.21 10.72 -9.05
C TYR J 22 5.00 11.48 -8.52
N THR J 23 4.33 12.20 -9.42
CA THR J 23 3.20 13.05 -9.04
C THR J 23 2.09 12.88 -10.06
N ILE J 24 0.89 12.58 -9.59
CA ILE J 24 -0.24 12.33 -10.47
C ILE J 24 -1.44 13.16 -10.04
N ASP J 31 -1.19 8.25 -19.64
CA ASP J 31 -0.39 8.24 -18.42
C ASP J 31 0.84 7.35 -18.59
N ALA J 32 1.75 7.77 -19.47
CA ALA J 32 2.99 7.04 -19.76
C ALA J 32 4.14 7.79 -19.13
N LYS J 33 4.65 7.27 -18.02
CA LYS J 33 5.70 7.91 -17.23
C LYS J 33 6.88 6.94 -17.15
N PHE J 34 8.05 7.39 -17.58
CA PHE J 34 9.21 6.52 -17.55
C PHE J 34 9.83 6.51 -16.14
N ARG J 35 10.75 5.57 -15.94
CA ARG J 35 11.49 5.50 -14.69
C ARG J 35 12.35 6.74 -14.52
N ARG J 36 12.16 7.45 -13.42
CA ARG J 36 12.93 8.65 -13.12
C ARG J 36 13.82 8.34 -11.93
N VAL J 37 15.14 8.37 -12.14
CA VAL J 37 16.12 8.01 -11.12
C VAL J 37 16.78 9.30 -10.64
N ALA J 38 16.43 9.72 -9.43
CA ALA J 38 17.01 10.94 -8.86
C ALA J 38 18.50 10.76 -8.59
N ARG J 39 18.85 9.76 -7.80
CA ARG J 39 20.24 9.44 -7.53
C ARG J 39 20.35 7.97 -7.15
N ILE J 40 21.48 7.37 -7.46
CA ILE J 40 21.77 5.98 -7.11
C ILE J 40 22.54 5.96 -5.81
N THR J 41 22.03 5.24 -4.81
CA THR J 41 22.73 5.05 -3.55
C THR J 41 23.51 3.75 -3.58
N VAL J 42 24.75 3.80 -3.11
CA VAL J 42 25.61 2.63 -3.05
C VAL J 42 25.85 2.28 -1.59
N CYS J 43 25.67 1.01 -1.25
CA CYS J 43 25.74 0.56 0.14
C CYS J 43 26.51 -0.74 0.20
N GLY J 44 27.46 -0.81 1.13
CA GLY J 44 28.26 -2.01 1.29
C GLY J 44 29.54 -1.68 2.04
N LYS J 45 30.54 -2.53 1.83
CA LYS J 45 31.86 -2.28 2.41
C LYS J 45 32.58 -1.25 1.56
N THR J 46 33.27 -0.33 2.23
CA THR J 46 33.83 0.82 1.52
C THR J 46 35.03 0.46 0.65
N SER J 47 35.72 -0.64 0.94
CA SER J 47 36.83 -1.04 0.09
C SER J 47 36.33 -1.46 -1.30
N LEU J 48 35.27 -2.28 -1.34
CA LEU J 48 34.72 -2.73 -2.62
C LEU J 48 34.01 -1.61 -3.36
N ALA J 49 33.31 -0.73 -2.64
CA ALA J 49 32.56 0.32 -3.33
C ALA J 49 33.49 1.20 -4.15
N LYS J 50 34.66 1.53 -3.61
CA LYS J 50 35.64 2.33 -4.36
C LYS J 50 36.14 1.58 -5.58
N GLU J 51 36.37 0.27 -5.43
CA GLU J 51 36.98 -0.56 -6.47
C GLU J 51 36.23 -0.47 -7.80
N VAL J 52 34.95 -0.84 -7.79
CA VAL J 52 34.20 -0.89 -9.04
C VAL J 52 33.78 0.48 -9.62
N PHE J 53 33.53 1.51 -8.80
CA PHE J 53 33.05 2.76 -9.40
C PHE J 53 34.10 3.85 -9.41
N GLY J 54 35.23 3.64 -8.75
CA GLY J 54 36.32 4.61 -8.81
C GLY J 54 35.90 5.95 -8.27
N ASP J 55 36.09 6.99 -9.06
CA ASP J 55 35.83 8.36 -8.62
C ASP J 55 34.41 8.82 -8.91
N THR J 56 33.56 7.96 -9.48
CA THR J 56 32.17 8.35 -9.66
C THR J 56 31.47 8.49 -8.31
N LEU J 57 31.86 7.68 -7.33
CA LEU J 57 31.27 7.75 -6.00
C LEU J 57 31.41 9.16 -5.47
N ASN J 58 30.38 9.63 -4.78
CA ASN J 58 30.44 10.94 -4.14
C ASN J 58 30.45 10.67 -2.65
N GLU J 59 31.64 10.67 -2.05
CA GLU J 59 31.76 10.40 -0.63
C GLU J 59 31.39 11.60 0.23
N SER J 60 30.59 12.52 -0.32
CA SER J 60 30.25 13.75 0.37
C SER J 60 29.65 13.49 1.75
N ARG J 61 28.71 12.56 1.82
CA ARG J 61 28.04 12.25 3.08
C ARG J 61 28.92 11.50 4.07
N ASP J 62 29.69 10.51 3.60
CA ASP J 62 30.57 9.74 4.48
C ASP J 62 31.96 9.56 3.89
N PRO J 63 32.79 10.61 3.91
CA PRO J 63 34.10 10.55 3.26
C PRO J 63 35.31 10.05 4.04
N ASP J 64 35.23 9.83 5.35
CA ASP J 64 36.42 9.46 6.12
C ASP J 64 36.42 8.03 6.65
N ARG J 65 35.57 7.16 6.14
CA ARG J 65 35.54 5.80 6.65
C ARG J 65 36.76 5.02 6.16
N PRO J 66 37.46 4.30 7.04
CA PRO J 66 38.64 3.55 6.61
C PRO J 66 38.25 2.33 5.80
N PRO J 67 39.04 1.97 4.80
CA PRO J 67 38.79 0.74 4.03
C PRO J 67 38.61 -0.47 4.93
N GLU J 68 37.73 -1.37 4.49
CA GLU J 68 37.30 -2.61 5.17
C GLU J 68 36.31 -2.41 6.31
N ARG J 69 35.73 -1.23 6.47
CA ARG J 69 34.62 -1.06 7.41
C ARG J 69 33.43 -0.54 6.60
N TYR J 70 32.25 -1.10 6.89
CA TYR J 70 31.09 -0.93 6.03
C TYR J 70 30.44 0.45 6.17
N THR J 71 29.68 0.80 5.14
CA THR J 71 29.01 2.09 5.01
C THR J 71 27.63 1.89 4.38
N SER J 72 26.90 2.99 4.23
CA SER J 72 25.59 2.96 3.60
C SER J 72 25.22 4.33 3.02
N ARG J 73 26.21 5.22 2.91
CA ARG J 73 25.98 6.64 2.66
C ARG J 73 26.70 7.13 1.41
N TYR J 74 26.81 6.30 0.37
CA TYR J 74 27.49 6.67 -0.86
C TYR J 74 26.48 6.79 -1.99
N TYR J 75 26.72 7.71 -2.92
CA TYR J 75 25.86 7.82 -4.09
C TYR J 75 26.71 8.09 -5.32
N LEU J 76 26.08 7.96 -6.48
CA LEU J 76 26.76 7.93 -7.77
C LEU J 76 26.61 9.25 -8.51
N LYS J 77 27.72 9.75 -9.06
CA LYS J 77 27.69 11.01 -9.79
C LYS J 77 26.84 10.94 -11.04
N PHE J 78 26.50 9.74 -11.52
CA PHE J 78 25.60 9.57 -12.64
C PHE J 78 24.24 9.03 -12.21
N ASN J 79 23.25 9.23 -13.06
CA ASN J 79 21.84 8.96 -12.74
C ASN J 79 21.25 7.83 -13.59
N PHE J 80 22.08 6.87 -14.01
CA PHE J 80 21.65 5.78 -14.89
C PHE J 80 21.92 4.47 -14.19
N LEU J 81 20.85 3.75 -13.90
CA LEU J 81 20.94 2.52 -13.10
C LEU J 81 21.69 1.41 -13.84
N GLU J 82 21.44 1.24 -15.14
CA GLU J 82 22.09 0.18 -15.89
C GLU J 82 23.56 0.47 -16.14
N GLN J 83 23.97 1.73 -16.11
CA GLN J 83 25.38 2.06 -16.15
C GLN J 83 26.08 1.57 -14.89
N ALA J 84 25.39 1.64 -13.75
CA ALA J 84 25.94 1.06 -12.52
C ALA J 84 25.92 -0.46 -12.59
N PHE J 85 24.85 -1.04 -13.14
CA PHE J 85 24.79 -2.49 -13.29
C PHE J 85 25.96 -3.01 -14.11
N ASP J 86 26.25 -2.36 -15.25
CA ASP J 86 27.31 -2.86 -16.13
C ASP J 86 28.67 -2.81 -15.46
N LYS J 87 28.98 -1.70 -14.76
CA LYS J 87 30.25 -1.59 -14.06
C LYS J 87 30.42 -2.72 -13.04
N LEU J 88 29.34 -3.18 -12.43
CA LEU J 88 29.42 -4.28 -11.47
C LEU J 88 29.49 -5.63 -12.17
N SER J 89 28.89 -5.76 -13.35
CA SER J 89 28.96 -7.02 -14.08
C SER J 89 30.34 -7.22 -14.69
N GLU J 90 31.05 -6.13 -14.96
CA GLU J 90 32.40 -6.18 -15.51
C GLU J 90 33.44 -5.87 -14.45
N SER J 91 33.03 -5.79 -13.18
CA SER J 91 33.96 -5.91 -12.07
C SER J 91 33.64 -7.10 -11.18
N GLY J 92 32.94 -8.10 -11.71
CA GLY J 92 32.79 -9.36 -11.03
C GLY J 92 31.69 -9.45 -10.00
N PHE J 93 30.50 -8.91 -10.31
CA PHE J 93 29.37 -9.02 -9.41
C PHE J 93 28.18 -9.64 -10.14
N HIS J 94 27.27 -10.21 -9.35
CA HIS J 94 26.08 -10.87 -9.89
C HIS J 94 24.87 -10.50 -9.06
N MET J 95 23.73 -10.37 -9.75
CA MET J 95 22.47 -9.96 -9.13
C MET J 95 21.77 -11.18 -8.53
N VAL J 96 21.54 -11.16 -7.22
CA VAL J 96 20.95 -12.30 -6.54
C VAL J 96 19.51 -12.03 -6.10
N ALA J 97 19.13 -10.77 -5.87
CA ALA J 97 17.78 -10.48 -5.37
C ALA J 97 17.44 -9.03 -5.66
N CYS J 98 16.15 -8.73 -5.59
CA CYS J 98 15.64 -7.38 -5.78
C CYS J 98 14.38 -7.19 -4.94
N SER J 99 14.18 -5.96 -4.46
CA SER J 99 13.01 -5.63 -3.64
C SER J 99 12.61 -4.18 -3.87
N SER J 100 11.33 -3.97 -4.21
CA SER J 100 10.76 -2.64 -4.35
C SER J 100 9.77 -2.40 -3.22
N THR J 101 9.86 -1.24 -2.56
CA THR J 101 8.92 -0.85 -1.52
C THR J 101 8.37 0.54 -1.87
N GLY J 102 7.18 0.57 -2.47
CA GLY J 102 6.53 1.83 -2.80
C GLY J 102 5.13 1.90 -2.24
N THR J 103 4.83 2.89 -1.40
CA THR J 103 3.46 3.08 -0.93
C THR J 103 3.20 4.56 -0.70
N CYS J 104 1.91 4.91 -0.77
CA CYS J 104 1.38 6.27 -0.54
C CYS J 104 -0.07 6.32 -1.02
N SER J 113 -3.24 19.27 -2.74
CA SER J 113 -4.58 19.38 -2.14
C SER J 113 -5.59 18.57 -2.94
N GLU J 114 -5.15 17.97 -4.04
CA GLU J 114 -6.05 17.23 -4.91
C GLU J 114 -5.34 16.09 -5.62
N ASP J 115 -4.04 16.23 -5.85
CA ASP J 115 -3.23 15.21 -6.51
C ASP J 115 -2.38 14.47 -5.48
N LYS J 116 -2.19 13.18 -5.70
CA LYS J 116 -1.44 12.34 -4.78
C LYS J 116 0.04 12.27 -5.17
N ILE J 117 0.87 11.90 -4.21
CA ILE J 117 2.33 11.87 -4.36
C ILE J 117 2.78 10.42 -4.27
N TRP J 118 3.69 10.03 -5.17
CA TRP J 118 4.17 8.66 -5.27
C TRP J 118 5.60 8.56 -4.74
N THR J 119 5.80 7.72 -3.73
CA THR J 119 7.13 7.48 -3.16
C THR J 119 7.44 6.00 -3.32
N SER J 120 8.55 5.70 -4.01
CA SER J 120 8.91 4.33 -4.33
C SER J 120 10.39 4.12 -4.07
N TYR J 121 10.72 3.14 -3.24
CA TYR J 121 12.09 2.73 -2.97
C TYR J 121 12.30 1.33 -3.53
N THR J 122 13.33 1.18 -4.35
CA THR J 122 13.70 -0.12 -4.90
C THR J 122 15.16 -0.40 -4.60
N GLU J 123 15.48 -1.68 -4.44
CA GLU J 123 16.80 -2.09 -4.00
C GLU J 123 17.34 -3.16 -4.95
N TYR J 124 18.67 -3.22 -5.04
CA TYR J 124 19.34 -4.12 -5.97
C TYR J 124 20.56 -4.70 -5.28
N VAL J 125 20.64 -6.02 -5.17
CA VAL J 125 21.68 -6.69 -4.40
C VAL J 125 22.62 -7.40 -5.36
N PHE J 126 23.93 -7.23 -5.13
CA PHE J 126 24.98 -7.77 -5.97
C PHE J 126 25.95 -8.58 -5.11
N CYS J 127 26.38 -9.74 -5.64
CA CYS J 127 27.10 -10.72 -4.86
C CYS J 127 28.47 -11.02 -5.44
N ARG J 128 29.45 -11.15 -4.54
CA ARG J 128 30.81 -11.62 -4.83
C ARG J 128 31.41 -11.04 -6.11
N ARG K 10 30.22 -8.81 -25.02
CA ARG K 10 29.15 -7.81 -25.04
C ARG K 10 28.29 -7.92 -23.78
N SER K 11 28.95 -8.15 -22.64
CA SER K 11 28.23 -8.26 -21.37
C SER K 11 27.49 -6.95 -21.07
N GLY K 12 26.23 -7.08 -20.68
CA GLY K 12 25.42 -5.91 -20.40
C GLY K 12 24.14 -6.28 -19.69
N TYR K 13 23.31 -5.26 -19.45
CA TYR K 13 22.01 -5.43 -18.82
C TYR K 13 20.97 -4.61 -19.56
N ILE K 14 19.72 -5.06 -19.38
CA ILE K 14 18.54 -4.40 -19.92
C ILE K 14 17.43 -4.64 -18.92
N THR K 15 16.55 -3.65 -18.75
CA THR K 15 15.45 -3.78 -17.81
C THR K 15 14.19 -3.26 -18.48
N ILE K 16 13.12 -4.04 -18.41
CA ILE K 16 11.85 -3.63 -18.98
C ILE K 16 10.80 -3.63 -17.88
N GLY K 17 9.73 -2.88 -18.13
CA GLY K 17 8.67 -2.74 -17.17
C GLY K 17 7.45 -2.13 -17.82
N TYR K 18 6.31 -2.28 -17.13
CA TYR K 18 5.06 -1.76 -17.64
C TYR K 18 4.28 -1.10 -16.51
N ARG K 19 3.37 -0.20 -16.91
CA ARG K 19 2.52 0.52 -15.96
C ARG K 19 1.08 0.03 -16.13
N GLY K 20 0.59 -0.70 -15.14
CA GLY K 20 -0.74 -1.27 -15.17
C GLY K 20 -1.70 -0.43 -14.35
N SER K 21 -2.70 0.14 -15.02
CA SER K 21 -3.76 0.86 -14.33
C SER K 21 -5.13 0.39 -14.79
N TYR K 22 -5.86 -0.31 -13.91
CA TYR K 22 -7.17 -0.86 -14.24
C TYR K 22 -8.11 -0.61 -13.07
N THR K 23 -9.38 -0.32 -13.39
CA THR K 23 -10.44 -0.05 -12.41
C THR K 23 -10.38 -1.12 -11.30
N LYS K 33 -10.78 -10.27 -14.52
CA LYS K 33 -9.99 -9.20 -15.12
C LYS K 33 -8.58 -9.71 -15.42
N PHE K 34 -8.18 -9.65 -16.68
CA PHE K 34 -6.87 -10.11 -17.08
C PHE K 34 -5.81 -9.02 -16.89
N ARG K 35 -4.55 -9.41 -17.05
CA ARG K 35 -3.46 -8.44 -17.05
C ARG K 35 -3.59 -7.57 -18.28
N ARG K 36 -3.67 -6.25 -18.09
CA ARG K 36 -3.71 -5.31 -19.20
C ARG K 36 -2.49 -4.42 -19.09
N VAL K 37 -1.69 -4.40 -20.15
CA VAL K 37 -0.42 -3.70 -20.17
C VAL K 37 -0.55 -2.52 -21.13
N ALA K 38 -0.42 -1.32 -20.59
CA ALA K 38 -0.57 -0.11 -21.40
C ALA K 38 0.63 0.07 -22.33
N ARG K 39 1.82 0.16 -21.77
CA ARG K 39 3.03 0.24 -22.56
C ARG K 39 4.16 -0.50 -21.87
N ILE K 40 5.04 -1.09 -22.67
CA ILE K 40 6.24 -1.75 -22.17
C ILE K 40 7.37 -0.74 -22.28
N THR K 41 7.98 -0.39 -21.16
CA THR K 41 9.14 0.47 -21.17
C THR K 41 10.39 -0.40 -21.19
N VAL K 42 11.35 -0.03 -22.05
CA VAL K 42 12.61 -0.74 -22.16
C VAL K 42 13.70 0.23 -21.72
N CYS K 43 14.57 -0.24 -20.83
CA CYS K 43 15.55 0.63 -20.19
C CYS K 43 16.88 -0.09 -20.10
N GLY K 44 17.95 0.63 -20.42
CA GLY K 44 19.29 0.07 -20.39
C GLY K 44 20.21 0.90 -21.27
N LYS K 45 21.28 0.27 -21.73
CA LYS K 45 22.18 0.91 -22.66
C LYS K 45 21.57 0.86 -24.05
N THR K 46 21.70 1.96 -24.79
CA THR K 46 20.99 2.04 -26.07
C THR K 46 21.65 1.18 -27.15
N SER K 47 22.91 0.80 -26.95
CA SER K 47 23.56 -0.09 -27.90
C SER K 47 22.93 -1.48 -27.87
N LEU K 48 22.72 -2.02 -26.67
CA LEU K 48 22.10 -3.33 -26.52
C LEU K 48 20.61 -3.27 -26.85
N ALA K 49 19.94 -2.18 -26.48
CA ALA K 49 18.50 -2.08 -26.71
C ALA K 49 18.17 -2.18 -28.19
N LYS K 50 18.96 -1.53 -29.04
CA LYS K 50 18.75 -1.62 -30.48
C LYS K 50 19.04 -3.05 -30.98
N GLU K 51 20.04 -3.71 -30.41
CA GLU K 51 20.42 -5.04 -30.88
C GLU K 51 19.31 -6.07 -30.69
N VAL K 52 18.78 -6.20 -29.47
CA VAL K 52 17.83 -7.28 -29.16
C VAL K 52 16.50 -7.08 -29.87
N PHE K 53 16.02 -5.84 -29.96
CA PHE K 53 14.74 -5.54 -30.58
C PHE K 53 14.99 -4.87 -31.93
N GLY K 54 14.01 -4.96 -32.82
CA GLY K 54 14.22 -4.40 -34.14
C GLY K 54 13.53 -3.06 -34.33
N ASP K 55 12.58 -3.01 -35.27
CA ASP K 55 11.85 -1.79 -35.57
C ASP K 55 10.84 -1.43 -34.48
N THR K 56 10.42 -2.42 -33.67
CA THR K 56 9.45 -2.21 -32.61
C THR K 56 9.73 -0.99 -31.73
N LEU K 57 10.99 -0.73 -31.36
CA LEU K 57 11.25 0.44 -30.52
C LEU K 57 10.74 1.74 -31.12
N ASN K 58 10.17 2.57 -30.26
CA ASN K 58 9.70 3.89 -30.62
C ASN K 58 10.72 4.85 -30.04
N GLU K 59 11.65 5.29 -30.87
CA GLU K 59 12.72 6.22 -30.50
C GLU K 59 12.24 7.65 -30.32
N SER K 60 10.92 7.89 -30.33
CA SER K 60 10.38 9.25 -30.31
C SER K 60 10.90 10.08 -29.14
N ARG K 61 10.87 9.53 -27.93
CA ARG K 61 11.32 10.30 -26.77
C ARG K 61 12.83 10.48 -26.73
N ASP K 62 13.61 9.49 -27.15
CA ASP K 62 15.08 9.60 -27.17
C ASP K 62 15.65 9.08 -28.49
N PRO K 63 15.53 9.84 -29.58
CA PRO K 63 16.00 9.35 -30.88
C PRO K 63 17.45 9.68 -31.25
N ASP K 64 18.19 10.45 -30.46
CA ASP K 64 19.54 10.83 -30.84
C ASP K 64 20.63 10.33 -29.89
N ARG K 65 20.31 9.43 -28.96
CA ARG K 65 21.33 8.96 -28.04
C ARG K 65 22.41 8.19 -28.81
N PRO K 66 23.67 8.59 -28.72
CA PRO K 66 24.75 7.80 -29.34
C PRO K 66 24.87 6.43 -28.70
N PRO K 67 25.12 5.40 -29.50
CA PRO K 67 25.41 4.07 -28.94
C PRO K 67 26.54 4.14 -27.92
N GLU K 68 26.44 3.28 -26.90
CA GLU K 68 27.34 3.18 -25.74
C GLU K 68 27.07 4.27 -24.72
N ARG K 69 25.96 5.00 -24.85
CA ARG K 69 25.53 5.95 -23.82
C ARG K 69 24.17 5.49 -23.32
N TYR K 70 24.01 5.44 -22.00
CA TYR K 70 22.85 4.83 -21.39
C TYR K 70 21.62 5.73 -21.52
N THR K 71 20.46 5.11 -21.41
CA THR K 71 19.19 5.79 -21.60
C THR K 71 18.12 5.12 -20.74
N SER K 72 16.90 5.66 -20.84
CA SER K 72 15.75 5.10 -20.12
C SER K 72 14.42 5.50 -20.76
N ARG K 73 14.41 5.95 -22.01
CA ARG K 73 13.25 6.62 -22.59
C ARG K 73 12.71 5.92 -23.83
N TYR K 74 12.94 4.62 -23.98
CA TYR K 74 12.41 3.87 -25.11
C TYR K 74 11.24 3.01 -24.69
N TYR K 75 10.39 2.69 -25.67
CA TYR K 75 9.30 1.75 -25.45
C TYR K 75 9.01 0.98 -26.73
N LEU K 76 8.16 -0.02 -26.60
CA LEU K 76 7.94 -1.03 -27.63
C LEU K 76 6.63 -0.77 -28.36
N LYS K 77 6.67 -0.81 -29.69
CA LYS K 77 5.47 -0.59 -30.49
C LYS K 77 4.40 -1.66 -30.28
N PHE K 78 4.76 -2.80 -29.70
CA PHE K 78 3.78 -3.83 -29.38
C PHE K 78 3.52 -3.89 -27.87
N ASN K 79 2.37 -4.46 -27.52
CA ASN K 79 1.85 -4.45 -26.16
C ASN K 79 1.85 -5.84 -25.52
N PHE K 80 2.80 -6.69 -25.88
CA PHE K 80 2.85 -8.07 -25.40
C PHE K 80 4.14 -8.27 -24.63
N LEU K 81 4.01 -8.48 -23.32
CA LEU K 81 5.17 -8.53 -22.43
C LEU K 81 6.03 -9.75 -22.72
N GLU K 82 5.42 -10.92 -22.90
CA GLU K 82 6.20 -12.13 -23.15
C GLU K 82 6.80 -12.15 -24.55
N GLN K 83 6.22 -11.41 -25.49
CA GLN K 83 6.88 -11.26 -26.79
C GLN K 83 8.18 -10.48 -26.65
N ALA K 84 8.22 -9.51 -25.73
CA ALA K 84 9.48 -8.84 -25.42
C ALA K 84 10.42 -9.78 -24.67
N PHE K 85 9.86 -10.54 -23.72
CA PHE K 85 10.67 -11.52 -23.00
C PHE K 85 11.33 -12.52 -23.94
N ASP K 86 10.57 -13.04 -24.90
CA ASP K 86 11.09 -14.08 -25.80
C ASP K 86 12.23 -13.55 -26.67
N LYS K 87 12.08 -12.34 -27.22
CA LYS K 87 13.15 -11.76 -28.04
C LYS K 87 14.46 -11.66 -27.28
N LEU K 88 14.42 -11.41 -25.97
CA LEU K 88 15.66 -11.31 -25.21
C LEU K 88 16.22 -12.68 -24.83
N SER K 89 15.37 -13.70 -24.66
CA SER K 89 15.90 -15.01 -24.32
C SER K 89 16.47 -15.69 -25.54
N GLU K 90 16.07 -15.26 -26.73
CA GLU K 90 16.58 -15.77 -27.99
C GLU K 90 17.60 -14.79 -28.59
N SER K 91 17.92 -13.70 -27.90
CA SER K 91 19.12 -12.92 -28.15
C SER K 91 20.08 -12.95 -26.96
N GLY K 92 19.98 -13.96 -26.10
CA GLY K 92 21.00 -14.21 -25.10
C GLY K 92 20.84 -13.44 -23.80
N PHE K 93 19.62 -13.29 -23.31
CA PHE K 93 19.37 -12.67 -22.03
C PHE K 93 18.54 -13.60 -21.16
N HIS K 94 18.65 -13.42 -19.85
CA HIS K 94 17.93 -14.24 -18.89
C HIS K 94 17.39 -13.37 -17.77
N MET K 95 16.25 -13.76 -17.22
CA MET K 95 15.58 -12.98 -16.19
C MET K 95 16.25 -13.20 -14.84
N VAL K 96 16.77 -12.12 -14.26
CA VAL K 96 17.52 -12.22 -13.01
C VAL K 96 16.73 -11.71 -11.81
N ALA K 97 15.81 -10.78 -12.00
CA ALA K 97 15.09 -10.21 -10.87
C ALA K 97 13.81 -9.57 -11.37
N CYS K 98 12.89 -9.33 -10.42
CA CYS K 98 11.64 -8.64 -10.69
C CYS K 98 11.22 -7.90 -9.45
N SER K 99 10.56 -6.75 -9.64
CA SER K 99 10.10 -5.93 -8.53
C SER K 99 8.76 -5.32 -8.86
N SER K 100 7.78 -5.55 -7.99
CA SER K 100 6.43 -4.99 -8.14
C SER K 100 6.23 -3.88 -7.12
N THR K 101 5.76 -2.72 -7.57
CA THR K 101 5.38 -1.63 -6.68
C THR K 101 3.98 -1.13 -7.07
N GLY K 102 2.97 -1.58 -6.32
CA GLY K 102 1.61 -1.16 -6.58
C GLY K 102 0.88 -0.71 -5.33
N THR K 103 0.27 0.47 -5.37
CA THR K 103 -0.56 1.01 -4.30
C THR K 103 -1.42 2.13 -4.87
N CYS K 104 -2.55 2.36 -4.21
CA CYS K 104 -3.60 3.35 -4.50
C CYS K 104 -4.77 3.10 -3.56
N ASP K 111 -10.53 8.32 -8.32
CA ASP K 111 -10.87 9.73 -8.28
C ASP K 111 -12.33 9.95 -8.69
N GLN K 112 -12.97 8.88 -9.12
CA GLN K 112 -14.37 8.95 -9.56
C GLN K 112 -15.29 9.16 -8.36
N SER K 113 -16.59 9.21 -8.63
CA SER K 113 -17.57 9.42 -7.58
C SER K 113 -17.84 8.14 -6.78
N GLU K 114 -17.63 6.98 -7.40
CA GLU K 114 -17.90 5.70 -6.75
C GLU K 114 -16.62 4.89 -6.58
N ASP K 115 -16.00 4.44 -7.67
CA ASP K 115 -14.83 3.57 -7.59
C ASP K 115 -13.55 4.39 -7.76
N LYS K 116 -12.42 3.74 -7.48
CA LYS K 116 -11.10 4.35 -7.52
C LYS K 116 -10.26 3.73 -8.64
N ILE K 117 -8.99 4.15 -8.71
CA ILE K 117 -8.05 3.66 -9.71
C ILE K 117 -6.95 2.89 -9.00
N TRP K 118 -6.21 2.09 -9.77
CA TRP K 118 -5.13 1.27 -9.22
C TRP K 118 -3.90 1.32 -10.13
N THR K 119 -2.90 2.11 -9.76
CA THR K 119 -1.66 2.13 -10.52
C THR K 119 -0.76 0.98 -10.07
N SER K 120 0.06 0.48 -10.98
CA SER K 120 0.88 -0.70 -10.71
C SER K 120 2.10 -0.66 -11.62
N TYR K 121 3.29 -0.51 -11.05
CA TYR K 121 4.53 -0.56 -11.79
C TYR K 121 5.31 -1.78 -11.35
N THR K 122 5.70 -2.61 -12.33
CA THR K 122 6.54 -3.78 -12.11
C THR K 122 7.72 -3.73 -13.05
N GLU K 123 8.82 -4.34 -12.63
CA GLU K 123 10.09 -4.20 -13.32
C GLU K 123 10.66 -5.59 -13.59
N TYR K 124 11.50 -5.68 -14.63
CA TYR K 124 12.03 -6.95 -15.10
C TYR K 124 13.49 -6.77 -15.48
N VAL K 125 14.37 -7.59 -14.90
CA VAL K 125 15.81 -7.43 -15.04
C VAL K 125 16.35 -8.54 -15.93
N PHE K 126 17.15 -8.17 -16.93
CA PHE K 126 17.75 -9.08 -17.89
C PHE K 126 19.27 -8.87 -17.90
N CYS K 127 20.02 -9.96 -17.81
CA CYS K 127 21.46 -9.93 -17.65
C CYS K 127 22.19 -10.63 -18.79
N ARG K 128 23.29 -10.01 -19.22
CA ARG K 128 24.25 -10.58 -20.16
C ARG K 128 23.63 -11.33 -21.35
N ARG L 10 25.38 -30.12 7.64
CA ARG L 10 25.01 -28.99 8.47
C ARG L 10 24.15 -27.99 7.68
N SER L 11 23.55 -28.48 6.59
CA SER L 11 22.75 -27.61 5.74
C SER L 11 21.53 -27.10 6.47
N GLY L 12 21.24 -25.81 6.29
CA GLY L 12 20.15 -25.17 7.00
C GLY L 12 19.78 -23.84 6.36
N TYR L 13 18.72 -23.24 6.90
CA TYR L 13 18.24 -21.95 6.42
C TYR L 13 18.36 -20.91 7.54
N ILE L 14 18.74 -19.70 7.15
CA ILE L 14 18.78 -18.55 8.05
C ILE L 14 18.16 -17.37 7.32
N THR L 15 17.42 -16.55 8.05
CA THR L 15 16.70 -15.41 7.47
C THR L 15 16.98 -14.17 8.30
N ILE L 16 17.40 -13.09 7.63
CA ILE L 16 17.64 -11.81 8.28
C ILE L 16 16.76 -10.75 7.65
N GLY L 17 16.45 -9.71 8.43
CA GLY L 17 15.59 -8.65 7.95
C GLY L 17 15.65 -7.45 8.88
N TYR L 18 15.18 -6.31 8.36
CA TYR L 18 15.16 -5.06 9.10
C TYR L 18 13.83 -4.36 8.86
N ARG L 19 13.52 -3.39 9.73
CA ARG L 19 12.33 -2.56 9.60
C ARG L 19 12.72 -1.09 9.51
N GLY L 20 12.32 -0.43 8.43
CA GLY L 20 12.65 0.98 8.22
C GLY L 20 11.70 1.95 8.89
N SER L 21 12.27 3.07 9.33
CA SER L 21 11.52 4.17 9.96
C SER L 21 11.69 5.44 9.11
N TYR L 22 10.74 5.72 8.23
CA TYR L 22 10.80 6.87 7.33
C TYR L 22 9.60 7.77 7.53
N THR L 23 9.81 9.07 7.31
CA THR L 23 8.78 10.09 7.45
C THR L 23 8.91 11.09 6.30
N ILE L 24 7.79 11.76 6.00
CA ILE L 24 7.77 12.81 4.99
C ILE L 24 8.47 14.05 5.52
N ASP L 31 15.36 11.63 -3.76
CA ASP L 31 15.50 12.02 -2.36
C ASP L 31 16.87 11.61 -1.81
N ALA L 32 17.43 12.46 -0.95
CA ALA L 32 18.73 12.22 -0.35
C ALA L 32 18.65 11.45 0.97
N LYS L 33 17.51 10.81 1.25
CA LYS L 33 17.38 9.97 2.43
C LYS L 33 17.97 8.61 2.13
N PHE L 34 18.99 8.21 2.90
CA PHE L 34 19.64 6.93 2.70
C PHE L 34 18.88 5.81 3.40
N ARG L 35 19.29 4.58 3.12
CA ARG L 35 18.76 3.43 3.84
C ARG L 35 19.20 3.52 5.30
N ARG L 36 18.25 3.51 6.22
CA ARG L 36 18.54 3.55 7.64
C ARG L 36 17.96 2.28 8.25
N VAL L 37 18.82 1.48 8.87
CA VAL L 37 18.42 0.21 9.45
C VAL L 37 18.54 0.35 10.96
N ALA L 38 17.39 0.27 11.63
CA ALA L 38 17.36 0.41 13.09
C ALA L 38 17.90 -0.82 13.78
N ARG L 39 17.37 -2.00 13.46
CA ARG L 39 17.92 -3.24 13.97
C ARG L 39 17.90 -4.31 12.89
N ILE L 40 18.91 -5.18 12.94
CA ILE L 40 19.01 -6.33 12.05
C ILE L 40 18.51 -7.52 12.84
N THR L 41 17.44 -8.15 12.36
CA THR L 41 16.92 -9.35 13.00
C THR L 41 17.50 -10.60 12.34
N VAL L 42 17.90 -11.55 13.18
CA VAL L 42 18.45 -12.83 12.72
C VAL L 42 17.43 -13.90 13.05
N CYS L 43 17.09 -14.71 12.05
CA CYS L 43 16.04 -15.69 12.24
C CYS L 43 16.43 -17.00 11.59
N GLY L 44 16.28 -18.09 12.34
CA GLY L 44 16.63 -19.41 11.85
C GLY L 44 16.80 -20.35 13.03
N LYS L 45 17.57 -21.42 12.80
CA LYS L 45 17.89 -22.33 13.89
C LYS L 45 19.01 -21.73 14.71
N THR L 46 18.93 -21.89 16.04
CA THR L 46 19.86 -21.20 16.91
C THR L 46 21.27 -21.79 16.86
N SER L 47 21.42 -23.03 16.42
CA SER L 47 22.76 -23.60 16.30
C SER L 47 23.54 -22.94 15.16
N LEU L 48 22.87 -22.72 14.02
CA LEU L 48 23.53 -22.07 12.89
C LEU L 48 23.84 -20.62 13.19
N ALA L 49 22.93 -19.91 13.86
CA ALA L 49 23.14 -18.49 14.14
C ALA L 49 24.39 -18.27 14.98
N LYS L 50 24.65 -19.15 15.94
CA LYS L 50 25.85 -19.03 16.75
C LYS L 50 27.10 -19.16 15.88
N GLU L 51 27.12 -20.15 15.00
CA GLU L 51 28.28 -20.40 14.15
C GLU L 51 28.54 -19.21 13.24
N VAL L 52 27.50 -18.77 12.52
CA VAL L 52 27.67 -17.73 11.51
C VAL L 52 28.13 -16.41 12.13
N PHE L 53 27.47 -15.98 13.21
CA PHE L 53 27.70 -14.62 13.73
C PHE L 53 28.48 -14.57 15.03
N GLY L 54 28.84 -15.72 15.61
CA GLY L 54 29.67 -15.68 16.81
C GLY L 54 29.03 -14.85 17.91
N ASP L 55 29.79 -13.89 18.42
CA ASP L 55 29.38 -13.04 19.53
C ASP L 55 28.71 -11.75 19.09
N THR L 56 28.57 -11.52 17.77
CA THR L 56 27.87 -10.32 17.30
C THR L 56 26.38 -10.38 17.59
N LEU L 57 25.76 -11.53 17.42
CA LEU L 57 24.34 -11.67 17.70
C LEU L 57 24.03 -11.34 19.16
N ASN L 58 22.87 -10.74 19.39
CA ASN L 58 22.43 -10.33 20.72
C ASN L 58 21.33 -11.25 21.22
N GLU L 59 21.68 -12.15 22.15
CA GLU L 59 20.75 -13.12 22.71
C GLU L 59 19.80 -12.50 23.74
N SER L 60 19.69 -11.17 23.79
CA SER L 60 18.90 -10.50 24.82
C SER L 60 17.48 -11.04 24.94
N ARG L 61 16.75 -11.06 23.84
CA ARG L 61 15.32 -11.40 23.89
C ARG L 61 15.05 -12.91 23.86
N ASP L 62 16.08 -13.75 23.80
CA ASP L 62 15.87 -15.20 23.85
C ASP L 62 17.18 -15.86 24.31
N PRO L 63 17.63 -15.57 25.54
CA PRO L 63 18.93 -16.10 25.98
C PRO L 63 19.03 -17.61 26.11
N ASP L 64 17.97 -18.29 26.55
CA ASP L 64 18.05 -19.69 26.93
C ASP L 64 17.57 -20.68 25.87
N ARG L 65 17.44 -20.26 24.62
CA ARG L 65 16.98 -21.20 23.60
C ARG L 65 17.99 -22.34 23.45
N PRO L 66 17.55 -23.59 23.56
CA PRO L 66 18.48 -24.73 23.41
C PRO L 66 19.02 -24.84 22.00
N PRO L 67 20.31 -25.19 21.86
CA PRO L 67 20.85 -25.47 20.52
C PRO L 67 20.04 -26.53 19.82
N GLU L 68 19.90 -26.38 18.50
CA GLU L 68 19.13 -27.25 17.59
C GLU L 68 17.63 -26.97 17.72
N ARG L 69 17.26 -25.91 18.41
CA ARG L 69 15.87 -25.48 18.53
C ARG L 69 15.72 -24.15 17.82
N TYR L 70 14.73 -24.06 16.93
CA TYR L 70 14.59 -22.90 16.08
C TYR L 70 14.05 -21.70 16.86
N THR L 71 14.37 -20.51 16.38
CA THR L 71 14.02 -19.28 17.08
C THR L 71 13.75 -18.18 16.06
N SER L 72 13.44 -16.98 16.58
CA SER L 72 13.16 -15.83 15.73
C SER L 72 13.43 -14.51 16.44
N ARG L 73 14.19 -14.52 17.53
CA ARG L 73 14.29 -13.41 18.46
C ARG L 73 15.74 -13.05 18.70
N TYR L 74 16.55 -13.07 17.64
CA TYR L 74 17.97 -12.81 17.70
C TYR L 74 18.29 -11.59 16.84
N TYR L 75 19.09 -10.66 17.36
CA TYR L 75 19.46 -9.54 16.51
C TYR L 75 20.95 -9.28 16.63
N LEU L 76 21.43 -8.33 15.82
CA LEU L 76 22.86 -8.09 15.64
C LEU L 76 23.27 -6.82 16.36
N LYS L 77 24.36 -6.91 17.13
CA LYS L 77 24.87 -5.74 17.83
C LYS L 77 25.34 -4.63 16.90
N PHE L 78 25.56 -4.94 15.61
CA PHE L 78 25.93 -3.95 14.61
C PHE L 78 24.78 -3.71 13.65
N ASN L 79 24.83 -2.56 12.97
CA ASN L 79 23.74 -2.06 12.15
C ASN L 79 24.09 -1.98 10.68
N PHE L 80 24.91 -2.91 10.18
CA PHE L 80 25.37 -2.87 8.80
C PHE L 80 24.84 -4.11 8.09
N LEU L 81 23.90 -3.89 7.17
CA LEU L 81 23.21 -5.00 6.52
C LEU L 81 24.17 -5.83 5.68
N GLU L 82 25.00 -5.17 4.87
CA GLU L 82 25.94 -5.90 4.03
C GLU L 82 27.08 -6.50 4.83
N GLN L 83 27.39 -5.97 6.01
CA GLN L 83 28.33 -6.65 6.88
C GLN L 83 27.74 -7.97 7.37
N ALA L 84 26.43 -8.00 7.60
CA ALA L 84 25.78 -9.26 7.90
C ALA L 84 25.70 -10.14 6.67
N PHE L 85 25.39 -9.54 5.51
CA PHE L 85 25.40 -10.29 4.27
C PHE L 85 26.75 -10.94 3.99
N ASP L 86 27.84 -10.17 4.15
CA ASP L 86 29.17 -10.68 3.83
C ASP L 86 29.57 -11.85 4.72
N LYS L 87 29.28 -11.76 6.02
CA LYS L 87 29.63 -12.86 6.91
C LYS L 87 29.04 -14.18 6.43
N LEU L 88 27.85 -14.15 5.83
CA LEU L 88 27.23 -15.38 5.36
C LEU L 88 27.80 -15.83 4.02
N SER L 89 28.24 -14.89 3.19
CA SER L 89 28.75 -15.24 1.86
C SER L 89 30.04 -16.04 1.93
N GLU L 90 30.83 -15.89 2.99
CA GLU L 90 31.99 -16.75 3.18
C GLU L 90 31.86 -17.50 4.50
N SER L 91 30.62 -17.82 4.85
CA SER L 91 30.29 -18.86 5.81
C SER L 91 29.45 -19.93 5.13
N GLY L 92 29.33 -19.85 3.81
CA GLY L 92 28.77 -20.90 2.98
C GLY L 92 27.27 -20.77 2.83
N PHE L 93 26.80 -19.54 2.66
CA PHE L 93 25.40 -19.25 2.43
C PHE L 93 25.22 -18.46 1.15
N HIS L 94 24.02 -18.53 0.58
CA HIS L 94 23.73 -17.85 -0.67
C HIS L 94 22.35 -17.20 -0.59
N MET L 95 22.20 -16.06 -1.26
CA MET L 95 20.97 -15.30 -1.22
C MET L 95 19.97 -15.88 -2.20
N VAL L 96 18.84 -16.36 -1.68
CA VAL L 96 17.86 -17.04 -2.51
C VAL L 96 16.58 -16.22 -2.75
N ALA L 97 16.18 -15.36 -1.81
CA ALA L 97 14.92 -14.65 -2.02
C ALA L 97 14.88 -13.40 -1.14
N CYS L 98 13.98 -12.51 -1.50
CA CYS L 98 13.73 -11.29 -0.75
C CYS L 98 12.27 -10.88 -0.94
N SER L 99 11.69 -10.25 0.08
CA SER L 99 10.30 -9.83 0.02
C SER L 99 10.15 -8.46 0.67
N SER L 100 9.53 -7.52 -0.05
CA SER L 100 9.26 -6.18 0.44
C SER L 100 7.80 -6.05 0.88
N THR L 101 7.58 -5.64 2.12
CA THR L 101 6.24 -5.39 2.65
C THR L 101 6.22 -3.97 3.22
N GLY L 102 5.73 -3.01 2.44
CA GLY L 102 5.73 -1.63 2.88
C GLY L 102 4.38 -0.94 2.91
N THR L 103 4.06 -0.30 4.04
CA THR L 103 2.80 0.43 4.21
C THR L 103 3.00 1.56 5.20
N CYS L 104 2.09 2.53 5.14
CA CYS L 104 2.12 3.69 6.02
C CYS L 104 0.73 4.03 6.53
N ILE L 117 4.98 9.31 8.44
CA ILE L 117 5.70 8.18 9.00
C ILE L 117 5.46 6.95 8.14
N TRP L 118 6.50 6.15 7.91
CA TRP L 118 6.41 5.00 7.01
C TRP L 118 7.02 3.75 7.62
N THR L 119 6.24 2.66 7.65
CA THR L 119 6.73 1.36 8.07
C THR L 119 7.22 0.60 6.84
N SER L 120 8.25 -0.22 7.02
CA SER L 120 8.84 -0.95 5.89
C SER L 120 9.47 -2.23 6.41
N TYR L 121 8.95 -3.38 5.99
CA TYR L 121 9.53 -4.66 6.37
C TYR L 121 9.97 -5.38 5.10
N THR L 122 11.26 -5.64 5.01
CA THR L 122 11.84 -6.43 3.94
C THR L 122 12.62 -7.58 4.56
N GLU L 123 12.71 -8.68 3.83
CA GLU L 123 13.20 -9.93 4.37
C GLU L 123 14.29 -10.47 3.44
N TYR L 124 15.18 -11.28 4.00
CA TYR L 124 16.33 -11.79 3.26
C TYR L 124 16.54 -13.25 3.66
N VAL L 125 16.50 -14.14 2.68
CA VAL L 125 16.55 -15.58 2.92
C VAL L 125 17.89 -16.10 2.46
N PHE L 126 18.54 -16.89 3.30
CA PHE L 126 19.86 -17.47 3.03
C PHE L 126 19.79 -18.98 3.14
N CYS L 127 20.33 -19.66 2.13
CA CYS L 127 20.22 -21.11 1.96
C CYS L 127 21.55 -21.81 2.01
N ARG L 128 21.47 -23.12 2.22
CA ARG L 128 22.54 -24.05 2.56
C ARG L 128 23.96 -23.48 2.58
N SER M 8 -21.04 -31.10 -24.84
CA SER M 8 -20.01 -32.12 -24.98
C SER M 8 -19.69 -32.38 -26.44
N ILE M 9 -20.27 -33.44 -27.00
CA ILE M 9 -20.11 -33.72 -28.43
C ILE M 9 -21.06 -32.89 -29.26
N ALA M 10 -22.30 -32.69 -28.77
CA ALA M 10 -23.25 -31.82 -29.45
C ALA M 10 -22.68 -30.42 -29.69
N GLN M 11 -21.84 -29.94 -28.78
CA GLN M 11 -21.39 -28.55 -28.86
C GLN M 11 -20.28 -28.38 -29.90
N ALA M 12 -19.33 -29.31 -29.95
CA ALA M 12 -18.27 -29.21 -30.94
C ALA M 12 -18.74 -29.60 -32.34
N ARG M 13 -19.90 -30.24 -32.47
CA ARG M 13 -20.48 -30.47 -33.79
C ARG M 13 -21.22 -29.25 -34.31
N LYS M 14 -21.87 -28.48 -33.44
CA LYS M 14 -22.54 -27.28 -33.88
C LYS M 14 -21.56 -26.19 -34.27
N LEU M 15 -20.45 -26.08 -33.53
CA LEU M 15 -19.40 -25.14 -33.89
C LEU M 15 -18.82 -25.44 -35.27
N VAL M 16 -18.66 -26.73 -35.60
CA VAL M 16 -18.13 -27.10 -36.91
C VAL M 16 -19.09 -26.70 -38.01
N GLU M 17 -20.36 -27.15 -37.91
CA GLU M 17 -21.37 -26.80 -38.90
C GLU M 17 -21.48 -25.29 -39.10
N GLN M 18 -21.22 -24.51 -38.06
CA GLN M 18 -21.17 -23.06 -38.19
C GLN M 18 -19.99 -22.63 -39.05
N LEU M 19 -18.78 -23.09 -38.68
CA LEU M 19 -17.57 -22.71 -39.42
C LEU M 19 -17.64 -23.14 -40.88
N LYS M 20 -18.27 -24.27 -41.19
CA LYS M 20 -18.46 -24.66 -42.59
C LYS M 20 -19.20 -23.59 -43.36
N MET M 21 -20.31 -23.10 -42.79
CA MET M 21 -21.04 -22.00 -43.41
C MET M 21 -20.16 -20.76 -43.57
N GLU M 22 -19.37 -20.44 -42.55
CA GLU M 22 -18.51 -19.26 -42.62
C GLU M 22 -17.49 -19.36 -43.74
N ALA M 23 -17.03 -20.57 -44.08
CA ALA M 23 -15.99 -20.69 -45.10
C ALA M 23 -16.58 -20.59 -46.50
N ASN M 24 -17.61 -21.36 -46.80
CA ASN M 24 -18.27 -21.36 -48.11
C ASN M 24 -19.14 -20.11 -48.24
N ILE M 25 -18.51 -18.99 -48.56
CA ILE M 25 -19.20 -17.73 -48.83
C ILE M 25 -18.55 -17.04 -50.00
N ASP M 26 -19.35 -16.29 -50.76
CA ASP M 26 -18.84 -15.52 -51.89
C ASP M 26 -18.03 -14.35 -51.37
N ARG M 27 -16.71 -14.49 -51.40
CA ARG M 27 -15.79 -13.44 -51.04
C ARG M 27 -15.53 -12.52 -52.22
N ILE M 28 -15.11 -11.29 -51.92
CA ILE M 28 -14.78 -10.30 -52.94
C ILE M 28 -13.42 -9.71 -52.61
N LYS M 29 -12.72 -9.24 -53.64
CA LYS M 29 -11.37 -8.72 -53.46
C LYS M 29 -11.41 -7.36 -52.75
N VAL M 30 -10.49 -7.19 -51.80
CA VAL M 30 -10.34 -5.92 -51.07
C VAL M 30 -10.29 -4.74 -52.04
N SER M 31 -9.47 -4.85 -53.09
CA SER M 31 -9.37 -3.85 -54.14
C SER M 31 -10.72 -3.31 -54.59
N LYS M 32 -11.71 -4.20 -54.76
CA LYS M 32 -13.03 -3.75 -55.20
C LYS M 32 -13.81 -3.14 -54.05
N ALA M 33 -13.92 -3.87 -52.94
CA ALA M 33 -14.52 -3.36 -51.71
C ALA M 33 -14.10 -1.93 -51.41
N ALA M 34 -12.79 -1.71 -51.24
CA ALA M 34 -12.26 -0.38 -50.95
C ALA M 34 -12.70 0.63 -52.00
N ALA M 35 -12.53 0.30 -53.28
CA ALA M 35 -13.00 1.17 -54.36
C ALA M 35 -14.46 1.57 -54.18
N ASP M 36 -15.31 0.62 -53.76
CA ASP M 36 -16.72 0.95 -53.55
C ASP M 36 -16.92 1.82 -52.32
N LEU M 37 -16.18 1.54 -51.24
CA LEU M 37 -16.26 2.36 -50.04
C LEU M 37 -15.76 3.78 -50.32
N MET M 38 -14.52 3.89 -50.81
CA MET M 38 -13.93 5.19 -51.12
C MET M 38 -14.85 6.04 -51.99
N ALA M 39 -15.53 5.41 -52.95
CA ALA M 39 -16.40 6.14 -53.85
C ALA M 39 -17.67 6.61 -53.16
N TYR M 40 -18.18 5.83 -52.21
CA TYR M 40 -19.29 6.27 -51.37
C TYR M 40 -18.94 7.57 -50.64
N CYS M 41 -17.78 7.61 -49.99
CA CYS M 41 -17.40 8.79 -49.22
C CYS M 41 -17.40 10.05 -50.07
N GLU M 42 -16.78 9.98 -51.25
CA GLU M 42 -16.73 11.16 -52.11
C GLU M 42 -18.11 11.49 -52.68
N ALA M 43 -18.92 10.47 -52.97
CA ALA M 43 -20.28 10.69 -53.42
C ALA M 43 -21.03 11.63 -52.48
N HIS M 44 -20.95 11.36 -51.17
CA HIS M 44 -21.76 12.04 -50.17
C HIS M 44 -20.97 13.11 -49.41
N ALA M 45 -19.72 13.37 -49.80
CA ALA M 45 -18.89 14.31 -49.05
C ALA M 45 -19.52 15.70 -48.97
N LYS M 46 -20.35 16.06 -49.95
CA LYS M 46 -21.06 17.33 -49.89
C LYS M 46 -22.29 17.27 -49.00
N GLU M 47 -22.78 16.06 -48.68
CA GLU M 47 -23.92 15.89 -47.80
C GLU M 47 -23.54 15.68 -46.35
N ASP M 48 -22.26 15.80 -46.01
CA ASP M 48 -21.77 15.55 -44.65
C ASP M 48 -21.37 16.88 -44.04
N PRO M 49 -22.17 17.45 -43.13
CA PRO M 49 -21.83 18.77 -42.59
C PRO M 49 -20.60 18.77 -41.70
N LEU M 50 -20.20 17.60 -41.16
CA LEU M 50 -19.00 17.53 -40.33
C LEU M 50 -17.71 17.71 -41.12
N LEU M 51 -17.77 17.60 -42.45
CA LEU M 51 -16.60 17.82 -43.29
C LEU M 51 -16.55 19.23 -43.87
N THR M 52 -17.66 19.71 -44.42
CA THR M 52 -17.75 21.05 -44.96
C THR M 52 -18.72 21.85 -44.10
N PRO M 53 -18.25 22.69 -43.19
CA PRO M 53 -19.15 23.40 -42.27
C PRO M 53 -20.24 24.16 -43.01
N VAL M 54 -21.37 24.35 -42.33
CA VAL M 54 -22.51 25.05 -42.91
C VAL M 54 -22.53 26.50 -42.44
N PRO M 55 -23.34 27.38 -43.04
CA PRO M 55 -23.49 28.73 -42.51
C PRO M 55 -24.29 28.75 -41.20
N ALA M 56 -24.07 29.81 -40.43
CA ALA M 56 -24.78 29.95 -39.17
C ALA M 56 -26.30 29.99 -39.37
N SER M 57 -26.75 30.74 -40.38
CA SER M 57 -28.18 30.78 -40.70
C SER M 57 -28.73 29.39 -41.02
N GLU M 58 -27.88 28.49 -41.50
CA GLU M 58 -28.25 27.11 -41.79
C GLU M 58 -27.91 26.17 -40.66
N ASN M 59 -27.42 26.70 -39.54
CA ASN M 59 -26.97 25.88 -38.41
C ASN M 59 -27.98 25.96 -37.28
N PRO M 60 -28.76 24.90 -37.04
CA PRO M 60 -29.65 24.88 -35.86
C PRO M 60 -28.98 25.29 -34.56
N PHE M 61 -27.71 24.95 -34.37
CA PHE M 61 -27.01 25.20 -33.10
C PHE M 61 -26.23 26.51 -33.11
N ARG M 62 -26.78 27.56 -33.71
CA ARG M 62 -26.09 28.85 -33.75
C ARG M 62 -27.07 29.99 -33.45
N SER N 8 -4.95 -38.82 22.24
CA SER N 8 -4.02 -39.08 21.15
C SER N 8 -4.23 -40.47 20.57
N ILE N 9 -4.07 -41.49 21.42
CA ILE N 9 -4.33 -42.86 21.00
C ILE N 9 -5.82 -43.17 21.05
N ALA N 10 -6.50 -42.71 22.10
CA ALA N 10 -7.96 -42.84 22.17
C ALA N 10 -8.65 -42.23 20.95
N GLN N 11 -8.09 -41.15 20.39
CA GLN N 11 -8.79 -40.42 19.33
C GLN N 11 -8.68 -41.13 17.98
N ALA N 12 -7.51 -41.64 17.63
CA ALA N 12 -7.39 -42.37 16.38
C ALA N 12 -8.02 -43.76 16.46
N ARG N 13 -8.28 -44.27 17.66
CA ARG N 13 -9.05 -45.50 17.81
C ARG N 13 -10.55 -45.25 17.73
N LYS N 14 -11.01 -44.08 18.20
CA LYS N 14 -12.43 -43.74 18.08
C LYS N 14 -12.82 -43.47 16.64
N LEU N 15 -11.92 -42.86 15.87
CA LEU N 15 -12.17 -42.67 14.44
C LEU N 15 -12.38 -44.01 13.75
N VAL N 16 -11.62 -45.03 14.15
CA VAL N 16 -11.75 -46.35 13.55
C VAL N 16 -13.13 -46.94 13.85
N GLU N 17 -13.48 -47.04 15.14
CA GLU N 17 -14.79 -47.54 15.53
C GLU N 17 -15.92 -46.74 14.86
N GLN N 18 -15.72 -45.45 14.61
CA GLN N 18 -16.69 -44.68 13.84
C GLN N 18 -16.72 -45.13 12.40
N LEU N 19 -15.55 -45.24 11.76
CA LEU N 19 -15.50 -45.66 10.36
C LEU N 19 -16.13 -47.03 10.17
N LYS N 20 -16.01 -47.90 11.17
CA LYS N 20 -16.73 -49.17 11.14
C LYS N 20 -18.24 -48.96 11.01
N MET N 21 -18.79 -48.03 11.80
CA MET N 21 -20.20 -47.68 11.67
C MET N 21 -20.53 -47.21 10.26
N GLU N 22 -19.70 -46.33 9.70
CA GLU N 22 -19.92 -45.84 8.35
C GLU N 22 -19.77 -46.96 7.31
N ALA N 23 -18.94 -47.97 7.59
CA ALA N 23 -18.76 -49.04 6.62
C ALA N 23 -19.93 -50.02 6.64
N ASN N 24 -20.31 -50.50 7.83
CA ASN N 24 -21.43 -51.43 7.99
C ASN N 24 -22.75 -50.67 7.86
N ILE N 25 -23.12 -50.38 6.62
CA ILE N 25 -24.40 -49.76 6.31
C ILE N 25 -24.95 -50.36 5.03
N ASP N 26 -26.28 -50.45 4.94
CA ASP N 26 -26.95 -50.92 3.74
C ASP N 26 -26.96 -49.80 2.71
N ARG N 27 -26.08 -49.89 1.72
CA ARG N 27 -26.06 -48.94 0.62
C ARG N 27 -26.97 -49.41 -0.51
N ILE N 28 -27.35 -48.47 -1.37
CA ILE N 28 -28.25 -48.75 -2.49
C ILE N 28 -27.62 -48.20 -3.76
N LYS N 29 -28.06 -48.74 -4.90
CA LYS N 29 -27.51 -48.35 -6.19
C LYS N 29 -27.95 -46.93 -6.54
N VAL N 30 -27.01 -46.14 -7.06
CA VAL N 30 -27.31 -44.79 -7.52
C VAL N 30 -28.52 -44.79 -8.45
N SER N 31 -28.51 -45.67 -9.44
CA SER N 31 -29.64 -45.86 -10.36
C SER N 31 -30.99 -45.87 -9.66
N LYS N 32 -31.08 -46.53 -8.51
CA LYS N 32 -32.35 -46.62 -7.80
C LYS N 32 -32.65 -45.33 -7.05
N ALA N 33 -31.69 -44.85 -6.26
CA ALA N 33 -31.79 -43.54 -5.61
C ALA N 33 -32.35 -42.48 -6.55
N ALA N 34 -31.67 -42.26 -7.67
CA ALA N 34 -32.11 -41.28 -8.66
C ALA N 34 -33.54 -41.55 -9.10
N ALA N 35 -33.85 -42.79 -9.48
CA ALA N 35 -35.21 -43.17 -9.82
C ALA N 35 -36.22 -42.77 -8.75
N ASP N 36 -35.85 -42.92 -7.47
CA ASP N 36 -36.77 -42.57 -6.39
C ASP N 36 -36.92 -41.06 -6.25
N LEU N 37 -35.83 -40.31 -6.41
CA LEU N 37 -35.91 -38.85 -6.34
C LEU N 37 -36.77 -38.30 -7.47
N MET N 38 -36.43 -38.66 -8.71
CA MET N 38 -37.16 -38.19 -9.88
C MET N 38 -38.66 -38.38 -9.74
N ALA N 39 -39.08 -39.51 -9.17
CA ALA N 39 -40.51 -39.80 -9.08
C ALA N 39 -41.20 -38.93 -8.03
N TYR N 40 -40.49 -38.59 -6.94
CA TYR N 40 -41.01 -37.60 -6.00
C TYR N 40 -41.26 -36.27 -6.71
N CYS N 41 -40.29 -35.81 -7.51
CA CYS N 41 -40.41 -34.53 -8.19
C CYS N 41 -41.67 -34.47 -9.05
N GLU N 42 -41.93 -35.52 -9.83
CA GLU N 42 -43.12 -35.53 -10.67
C GLU N 42 -44.40 -35.66 -9.85
N ALA N 43 -44.34 -36.44 -8.76
CA ALA N 43 -45.48 -36.59 -7.87
C ALA N 43 -46.03 -35.23 -7.43
N HIS N 44 -45.15 -34.35 -6.95
CA HIS N 44 -45.54 -33.09 -6.34
C HIS N 44 -45.31 -31.90 -7.26
N ALA N 45 -44.91 -32.15 -8.51
CA ALA N 45 -44.54 -31.05 -9.41
C ALA N 45 -45.68 -30.05 -9.60
N LYS N 46 -46.93 -30.49 -9.48
CA LYS N 46 -48.03 -29.55 -9.56
C LYS N 46 -48.28 -28.80 -8.26
N GLU N 47 -47.75 -29.26 -7.14
CA GLU N 47 -47.92 -28.52 -5.89
C GLU N 47 -46.80 -27.52 -5.64
N ASP N 48 -45.92 -27.33 -6.62
CA ASP N 48 -44.79 -26.41 -6.50
C ASP N 48 -45.05 -25.23 -7.42
N PRO N 49 -45.48 -24.09 -6.90
CA PRO N 49 -45.81 -22.97 -7.79
C PRO N 49 -44.61 -22.34 -8.47
N LEU N 50 -43.39 -22.57 -7.94
CA LEU N 50 -42.17 -22.01 -8.50
C LEU N 50 -41.79 -22.57 -9.87
N LEU N 51 -42.39 -23.68 -10.29
CA LEU N 51 -42.13 -24.24 -11.62
C LEU N 51 -43.10 -23.70 -12.67
N THR N 52 -44.39 -23.78 -12.40
CA THR N 52 -45.43 -23.19 -13.25
C THR N 52 -46.20 -22.19 -12.41
N PRO N 53 -45.96 -20.89 -12.58
CA PRO N 53 -46.57 -19.93 -11.65
C PRO N 53 -48.08 -19.98 -11.70
N VAL N 54 -48.70 -19.43 -10.65
CA VAL N 54 -50.15 -19.50 -10.54
C VAL N 54 -50.83 -18.25 -11.06
N PRO N 55 -52.16 -18.24 -11.14
CA PRO N 55 -52.88 -17.00 -11.47
C PRO N 55 -52.83 -16.01 -10.31
N ALA N 56 -53.05 -14.74 -10.66
CA ALA N 56 -53.02 -13.69 -9.65
C ALA N 56 -54.06 -13.93 -8.56
N SER N 57 -55.27 -14.34 -8.96
CA SER N 57 -56.32 -14.62 -7.97
C SER N 57 -55.88 -15.67 -6.95
N GLU N 58 -54.96 -16.55 -7.33
CA GLU N 58 -54.43 -17.55 -6.40
C GLU N 58 -53.10 -17.13 -5.80
N ASN N 59 -52.63 -15.92 -6.08
CA ASN N 59 -51.32 -15.47 -5.62
C ASN N 59 -51.43 -14.47 -4.49
N PRO N 60 -51.00 -14.82 -3.27
CA PRO N 60 -51.01 -13.88 -2.13
C PRO N 60 -50.26 -12.58 -2.37
N PHE N 61 -49.64 -12.40 -3.56
CA PHE N 61 -48.83 -11.22 -3.86
C PHE N 61 -49.22 -10.68 -5.24
N ARG N 62 -50.36 -10.00 -5.31
CA ARG N 62 -50.80 -9.38 -6.57
C ARG N 62 -51.88 -8.34 -6.32
N ARG O 10 10.80 -37.28 -6.29
CA ARG O 10 9.62 -37.09 -7.12
C ARG O 10 9.41 -35.61 -7.44
N SER O 11 9.31 -35.29 -8.73
CA SER O 11 9.14 -33.92 -9.17
C SER O 11 7.81 -33.35 -8.68
N GLY O 12 7.83 -32.06 -8.36
CA GLY O 12 6.63 -31.39 -7.88
C GLY O 12 6.98 -30.05 -7.26
N TYR O 13 5.93 -29.28 -7.00
CA TYR O 13 6.05 -27.95 -6.41
C TYR O 13 5.32 -27.90 -5.09
N ILE O 14 5.91 -27.22 -4.11
CA ILE O 14 5.27 -26.99 -2.82
C ILE O 14 5.40 -25.51 -2.49
N THR O 15 4.34 -24.93 -1.92
CA THR O 15 4.28 -23.51 -1.61
C THR O 15 3.84 -23.32 -0.18
N ILE O 16 4.62 -22.58 0.60
CA ILE O 16 4.27 -22.27 1.98
C ILE O 16 4.20 -20.76 2.16
N GLY O 17 3.39 -20.33 3.12
CA GLY O 17 3.17 -18.92 3.38
C GLY O 17 2.47 -18.74 4.71
N TYR O 18 2.38 -17.49 5.17
CA TYR O 18 1.61 -17.20 6.37
C TYR O 18 0.98 -15.83 6.28
N ARG O 19 0.26 -15.48 7.34
CA ARG O 19 -0.38 -14.18 7.50
C ARG O 19 0.27 -13.45 8.67
N GLY O 20 0.71 -12.22 8.46
CA GLY O 20 1.32 -11.50 9.57
C GLY O 20 0.37 -10.36 9.96
N SER O 21 -0.08 -10.31 11.21
CA SER O 21 -0.83 -9.17 11.73
C SER O 21 -0.02 -8.33 12.71
N TYR O 22 0.18 -7.05 12.39
CA TYR O 22 0.96 -6.16 13.25
C TYR O 22 0.16 -4.92 13.59
N THR O 23 0.28 -4.48 14.85
CA THR O 23 -0.40 -3.28 15.33
C THR O 23 0.61 -2.41 16.05
N ILE O 24 0.83 -1.20 15.55
CA ILE O 24 1.78 -0.34 16.26
C ILE O 24 1.28 1.09 16.44
N GLY O 25 0.83 1.38 17.65
CA GLY O 25 0.61 2.74 18.10
C GLY O 25 1.21 2.92 19.50
N ARG O 26 1.93 4.02 19.68
CA ARG O 26 2.65 4.22 20.94
C ARG O 26 2.82 5.70 21.29
N ASP O 31 12.30 -0.79 14.75
CA ASP O 31 11.37 -1.32 15.74
C ASP O 31 11.87 -2.62 16.35
N ALA O 32 11.43 -2.91 17.57
CA ALA O 32 11.78 -4.14 18.27
C ALA O 32 10.71 -5.22 18.10
N LYS O 33 9.75 -5.01 17.19
CA LYS O 33 8.75 -6.02 16.90
C LYS O 33 9.38 -7.07 15.98
N PHE O 34 9.42 -8.32 16.42
CA PHE O 34 10.00 -9.41 15.65
C PHE O 34 8.97 -10.01 14.69
N ARG O 35 9.44 -10.93 13.85
CA ARG O 35 8.54 -11.68 12.99
C ARG O 35 7.68 -12.60 13.85
N ARG O 36 6.36 -12.42 13.80
CA ARG O 36 5.45 -13.29 14.52
C ARG O 36 4.58 -13.99 13.49
N VAL O 37 4.62 -15.31 13.48
CA VAL O 37 3.96 -16.11 12.46
C VAL O 37 2.79 -16.79 13.13
N ALA O 38 1.58 -16.43 12.71
CA ALA O 38 0.38 -17.03 13.29
C ALA O 38 0.29 -18.51 12.97
N ARG O 39 0.32 -18.86 11.69
CA ARG O 39 0.32 -20.26 11.28
C ARG O 39 1.01 -20.36 9.93
N ILE O 40 1.62 -21.51 9.70
CA ILE O 40 2.27 -21.78 8.42
C ILE O 40 1.27 -22.49 7.54
N THR O 41 0.98 -21.93 6.37
CA THR O 41 0.11 -22.62 5.43
C THR O 41 0.97 -23.39 4.45
N VAL O 42 0.59 -24.64 4.19
CA VAL O 42 1.28 -25.51 3.25
C VAL O 42 0.37 -25.74 2.05
N CYS O 43 0.90 -25.53 0.85
CA CYS O 43 0.07 -25.59 -0.34
C CYS O 43 0.82 -26.33 -1.44
N GLY O 44 0.14 -27.28 -2.07
CA GLY O 44 0.71 -28.08 -3.14
C GLY O 44 -0.13 -29.33 -3.33
N LYS O 45 0.49 -30.34 -3.93
CA LYS O 45 -0.17 -31.62 -4.07
C LYS O 45 -0.06 -32.38 -2.75
N THR O 46 -1.14 -33.09 -2.40
CA THR O 46 -1.23 -33.70 -1.07
C THR O 46 -0.28 -34.87 -0.89
N SER O 47 0.14 -35.54 -1.96
CA SER O 47 1.09 -36.65 -1.81
C SER O 47 2.46 -36.17 -1.35
N LEU O 48 2.96 -35.08 -1.93
CA LEU O 48 4.26 -34.55 -1.52
C LEU O 48 4.21 -33.95 -0.12
N ALA O 49 3.10 -33.29 0.21
CA ALA O 49 2.97 -32.64 1.50
C ALA O 49 3.18 -33.61 2.67
N LYS O 50 2.62 -34.82 2.59
CA LYS O 50 2.86 -35.78 3.66
C LYS O 50 4.29 -36.29 3.65
N GLU O 51 4.93 -36.36 2.48
CA GLU O 51 6.30 -36.82 2.36
C GLU O 51 7.25 -35.99 3.21
N VAL O 52 7.35 -34.68 2.89
CA VAL O 52 8.32 -33.81 3.55
C VAL O 52 7.97 -33.55 5.01
N PHE O 53 6.68 -33.43 5.36
CA PHE O 53 6.34 -32.99 6.72
C PHE O 53 5.81 -34.08 7.64
N GLY O 54 5.54 -35.28 7.14
CA GLY O 54 5.12 -36.37 8.02
C GLY O 54 3.89 -36.02 8.84
N ASP O 55 4.01 -36.18 10.16
CA ASP O 55 2.90 -35.99 11.09
C ASP O 55 2.75 -34.55 11.58
N THR O 56 3.66 -33.66 11.22
CA THR O 56 3.52 -32.25 11.60
C THR O 56 2.33 -31.59 10.94
N LEU O 57 2.03 -31.95 9.69
CA LEU O 57 0.91 -31.35 8.99
C LEU O 57 -0.39 -31.48 9.78
N ASN O 58 -1.19 -30.42 9.75
CA ASN O 58 -2.49 -30.43 10.42
C ASN O 58 -3.54 -30.44 9.32
N GLU O 59 -4.04 -31.63 9.01
CA GLU O 59 -5.05 -31.86 7.98
C GLU O 59 -6.46 -31.50 8.42
N SER O 60 -6.61 -30.65 9.45
CA SER O 60 -7.91 -30.38 10.07
C SER O 60 -9.00 -29.97 9.09
N ARG O 61 -8.71 -29.07 8.15
CA ARG O 61 -9.75 -28.57 7.27
C ARG O 61 -9.70 -29.17 5.87
N ASP O 62 -8.99 -30.28 5.68
CA ASP O 62 -8.97 -30.99 4.41
C ASP O 62 -8.56 -32.45 4.62
N PRO O 63 -9.06 -33.14 5.67
CA PRO O 63 -8.61 -34.53 5.93
C PRO O 63 -8.88 -35.58 4.87
N ASP O 64 -9.99 -35.49 4.15
CA ASP O 64 -10.40 -36.55 3.26
C ASP O 64 -9.88 -36.47 1.82
N ARG O 65 -9.08 -35.48 1.45
CA ARG O 65 -8.67 -35.42 0.06
C ARG O 65 -7.81 -36.64 -0.30
N PRO O 66 -8.00 -37.22 -1.48
CA PRO O 66 -7.19 -38.39 -1.89
C PRO O 66 -5.79 -38.00 -2.32
N PRO O 67 -4.81 -38.88 -2.06
CA PRO O 67 -3.46 -38.67 -2.59
C PRO O 67 -3.46 -38.48 -4.09
N GLU O 68 -2.54 -37.64 -4.57
CA GLU O 68 -2.36 -37.24 -5.98
C GLU O 68 -3.39 -36.21 -6.40
N ARG O 69 -4.15 -35.65 -5.46
CA ARG O 69 -5.09 -34.58 -5.73
C ARG O 69 -4.62 -33.32 -5.02
N TYR O 70 -4.52 -32.22 -5.77
CA TYR O 70 -3.94 -31.00 -5.22
C TYR O 70 -4.90 -30.35 -4.23
N THR O 71 -4.32 -29.60 -3.30
CA THR O 71 -5.07 -28.97 -2.23
C THR O 71 -4.41 -27.64 -1.87
N SER O 72 -5.01 -26.96 -0.87
CA SER O 72 -4.47 -25.69 -0.42
C SER O 72 -4.86 -25.40 1.03
N ARG O 73 -5.31 -26.41 1.78
CA ARG O 73 -5.98 -26.20 3.05
C ARG O 73 -5.25 -26.87 4.22
N TYR O 74 -3.94 -27.02 4.11
CA TYR O 74 -3.14 -27.60 5.18
C TYR O 74 -2.38 -26.52 5.93
N TYR O 75 -2.06 -26.80 7.19
CA TYR O 75 -1.18 -25.94 7.95
C TYR O 75 -0.37 -26.77 8.95
N LEU O 76 0.64 -26.14 9.54
CA LEU O 76 1.66 -26.81 10.32
C LEU O 76 1.43 -26.62 11.82
N LYS O 77 1.54 -27.72 12.57
CA LYS O 77 1.35 -27.67 14.02
C LYS O 77 2.40 -26.82 14.71
N PHE O 78 3.51 -26.50 14.05
CA PHE O 78 4.52 -25.60 14.58
C PHE O 78 4.51 -24.28 13.82
N ASN O 79 5.05 -23.25 14.46
CA ASN O 79 4.97 -21.86 14.00
C ASN O 79 6.34 -21.28 13.65
N PHE O 80 7.26 -22.11 13.14
CA PHE O 80 8.65 -21.70 12.87
C PHE O 80 8.93 -21.86 11.38
N LEU O 81 9.13 -20.72 10.69
CA LEU O 81 9.30 -20.75 9.23
C LEU O 81 10.55 -21.53 8.83
N GLU O 82 11.69 -21.23 9.46
CA GLU O 82 12.93 -21.89 9.06
C GLU O 82 12.95 -23.37 9.44
N GLN O 83 12.17 -23.78 10.42
CA GLN O 83 12.02 -25.21 10.67
C GLN O 83 11.30 -25.89 9.51
N ALA O 84 10.33 -25.19 8.91
CA ALA O 84 9.69 -25.69 7.70
C ALA O 84 10.63 -25.60 6.51
N PHE O 85 11.38 -24.49 6.42
CA PHE O 85 12.37 -24.34 5.36
C PHE O 85 13.39 -25.47 5.38
N ASP O 86 13.93 -25.79 6.56
CA ASP O 86 14.97 -26.80 6.66
C ASP O 86 14.46 -28.18 6.26
N LYS O 87 13.25 -28.55 6.71
CA LYS O 87 12.70 -29.85 6.34
C LYS O 87 12.65 -30.04 4.83
N LEU O 88 12.40 -28.96 4.09
CA LEU O 88 12.35 -29.06 2.64
C LEU O 88 13.74 -29.05 2.02
N SER O 89 14.70 -28.40 2.66
CA SER O 89 16.06 -28.35 2.11
C SER O 89 16.74 -29.70 2.23
N GLU O 90 16.34 -30.50 3.22
CA GLU O 90 16.88 -31.83 3.42
C GLU O 90 15.90 -32.92 2.98
N SER O 91 14.81 -32.54 2.31
CA SER O 91 14.05 -33.49 1.52
C SER O 91 14.10 -33.18 0.02
N GLY O 92 15.09 -32.41 -0.41
CA GLY O 92 15.37 -32.27 -1.83
C GLY O 92 14.53 -31.20 -2.49
N PHE O 93 14.34 -30.08 -1.82
CA PHE O 93 13.62 -28.95 -2.37
C PHE O 93 14.48 -27.70 -2.31
N HIS O 94 14.16 -26.76 -3.19
CA HIS O 94 14.91 -25.51 -3.27
C HIS O 94 13.96 -24.34 -3.43
N MET O 95 14.35 -23.21 -2.86
CA MET O 95 13.54 -22.01 -2.85
C MET O 95 13.69 -21.27 -4.16
N VAL O 96 12.56 -21.11 -4.87
CA VAL O 96 12.59 -20.53 -6.20
C VAL O 96 12.09 -19.08 -6.25
N ALA O 97 11.17 -18.70 -5.38
CA ALA O 97 10.60 -17.36 -5.46
C ALA O 97 9.96 -17.01 -4.13
N CYS O 98 9.69 -15.71 -3.97
CA CYS O 98 9.00 -15.20 -2.79
C CYS O 98 8.21 -13.96 -3.19
N SER O 99 7.07 -13.78 -2.53
CA SER O 99 6.21 -12.66 -2.81
C SER O 99 5.48 -12.29 -1.53
N SER O 100 5.58 -11.01 -1.13
CA SER O 100 4.85 -10.48 0.01
C SER O 100 3.79 -9.49 -0.44
N THR O 101 2.60 -9.59 0.16
CA THR O 101 1.50 -8.68 -0.13
C THR O 101 1.08 -8.05 1.19
N GLY O 102 1.45 -6.78 1.38
CA GLY O 102 1.15 -6.10 2.63
C GLY O 102 0.35 -4.81 2.51
N THR O 103 -0.74 -4.71 3.28
CA THR O 103 -1.57 -3.52 3.31
C THR O 103 -2.22 -3.40 4.68
N CYS O 104 -2.67 -2.20 5.00
CA CYS O 104 -3.33 -1.93 6.28
C CYS O 104 -4.63 -1.14 6.09
N SER O 113 -6.45 7.12 18.26
CA SER O 113 -6.70 5.71 17.95
C SER O 113 -5.42 4.96 17.56
N GLU O 114 -5.50 3.62 17.53
CA GLU O 114 -4.40 2.78 17.08
C GLU O 114 -4.89 1.88 15.97
N ASP O 115 -4.08 1.76 14.92
CA ASP O 115 -4.48 1.09 13.68
C ASP O 115 -3.73 -0.22 13.50
N ILE O 117 -4.34 -1.13 12.74
CA ILE O 117 -3.82 -2.46 12.60
C ILE O 117 -3.31 -2.68 11.19
N TRP O 118 -2.47 -3.70 11.04
CA TRP O 118 -1.74 -3.96 9.81
C TRP O 118 -1.67 -5.47 9.56
N THR O 119 -1.74 -5.89 8.30
CA THR O 119 -1.74 -7.30 7.97
C THR O 119 -0.74 -7.50 6.83
N SER O 120 0.15 -8.49 6.97
CA SER O 120 1.10 -8.81 5.91
C SER O 120 1.02 -10.27 5.53
N TYR O 121 1.06 -10.55 4.23
CA TYR O 121 1.00 -11.92 3.74
C TYR O 121 2.26 -12.14 2.92
N THR O 122 2.90 -13.30 3.09
CA THR O 122 4.12 -13.62 2.35
C THR O 122 4.01 -15.03 1.82
N GLU O 123 4.67 -15.29 0.70
CA GLU O 123 4.60 -16.60 0.06
C GLU O 123 6.00 -17.12 -0.20
N TYR O 124 6.14 -18.45 -0.26
CA TYR O 124 7.43 -19.09 -0.40
C TYR O 124 7.28 -20.28 -1.32
N VAL O 125 8.04 -20.32 -2.41
CA VAL O 125 7.88 -21.33 -3.45
C VAL O 125 9.05 -22.30 -3.39
N PHE O 126 8.73 -23.60 -3.41
CA PHE O 126 9.71 -24.67 -3.34
C PHE O 126 9.54 -25.62 -4.52
N CYS O 127 10.64 -25.95 -5.18
CA CYS O 127 10.63 -26.69 -6.44
C CYS O 127 11.41 -27.99 -6.35
N ARG O 128 10.83 -29.03 -6.95
CA ARG O 128 11.48 -30.33 -7.17
C ARG O 128 12.29 -30.85 -5.99
#